data_3K4U
#
_entry.id   3K4U
#
_cell.length_a   79.406
_cell.length_b   149.151
_cell.length_c   81.969
_cell.angle_alpha   90.00
_cell.angle_beta   100.46
_cell.angle_gamma   90.00
#
_symmetry.space_group_name_H-M   'P 1 21 1'
#
loop_
_entity.id
_entity.type
_entity.pdbx_description
1 polymer 'BINDING COMPONENT OF ABC TRANSPORTER'
2 non-polymer LYSINE
3 water water
#
_entity_poly.entity_id   1
_entity_poly.type   'polypeptide(L)'
_entity_poly.pdbx_seq_one_letter_code
;(MSE)SLRGELRVGLEPGYLPFE(MSE)KDKKGNVIGFDVDLARE(MSE)AKA(MSE)GVKLKLVPTSWDGLIPGLVTEK
FDIIISG(MSE)TISQERNLRVNFVEPYIVVGQSLLVKKGLEKGVKSYKDLDKPELTLVTKFGVSAEYAAKRLFKNAKLK
TYDTEAEAVQEVLNGKAD(MSE)FIFDLPFNVAF(MSE)AQKGQGYLVHLDTSLTYEPLGWAIKKGDPDFLNWLNHFLAQ
IKHDGSYDELYERWFVDTKWLEKIQEGHHHHHH
;
_entity_poly.pdbx_strand_id   A,B,C,D,E,F
#
# COMPACT_ATOMS: atom_id res chain seq x y z
N LEU A 3 -11.05 -45.78 -4.80
CA LEU A 3 -11.84 -46.88 -4.16
C LEU A 3 -12.86 -47.52 -5.13
N ARG A 4 -13.82 -48.30 -4.61
CA ARG A 4 -14.74 -49.08 -5.46
C ARG A 4 -16.22 -48.97 -5.07
N GLY A 5 -17.05 -48.72 -6.08
CA GLY A 5 -18.51 -48.65 -5.90
C GLY A 5 -19.01 -47.36 -5.25
N GLU A 6 -18.48 -47.07 -4.07
CA GLU A 6 -18.97 -45.93 -3.34
C GLU A 6 -17.86 -45.22 -2.58
N LEU A 7 -17.88 -43.90 -2.68
CA LEU A 7 -17.13 -43.04 -1.79
C LEU A 7 -18.02 -42.82 -0.59
N ARG A 8 -17.52 -43.17 0.59
CA ARG A 8 -18.28 -42.96 1.83
C ARG A 8 -17.78 -41.74 2.61
N VAL A 9 -18.63 -40.72 2.75
CA VAL A 9 -18.26 -39.51 3.53
C VAL A 9 -18.70 -39.48 5.00
N GLY A 10 -17.83 -39.00 5.89
CA GLY A 10 -18.19 -38.94 7.31
C GLY A 10 -18.34 -37.50 7.73
N LEU A 11 -19.54 -37.10 8.17
CA LEU A 11 -19.83 -35.70 8.60
C LEU A 11 -20.79 -35.62 9.76
N GLU A 12 -20.89 -34.47 10.38
CA GLU A 12 -21.96 -34.27 11.34
C GLU A 12 -22.72 -33.02 10.96
N PRO A 13 -23.99 -33.13 10.63
CA PRO A 13 -24.72 -31.95 10.23
C PRO A 13 -24.82 -31.00 11.36
N GLY A 14 -24.68 -29.73 11.06
CA GLY A 14 -24.69 -28.74 12.09
C GLY A 14 -23.99 -27.49 11.66
N TYR A 15 -22.69 -27.55 11.41
CA TYR A 15 -21.92 -26.41 10.99
C TYR A 15 -22.50 -25.93 9.74
N LEU A 16 -22.78 -24.64 9.70
CA LEU A 16 -23.39 -23.97 8.61
C LEU A 16 -22.33 -23.07 8.18
N PRO A 17 -22.09 -23.00 6.91
CA PRO A 17 -22.90 -23.57 5.87
C PRO A 17 -22.31 -24.81 5.29
N PHE A 18 -21.61 -25.59 6.08
CA PHE A 18 -20.94 -26.75 5.53
C PHE A 18 -21.88 -27.94 5.38
N GLU A 19 -22.49 -28.36 6.48
CA GLU A 19 -23.44 -29.48 6.50
C GLU A 19 -24.59 -29.22 7.47
N MSE A 20 -25.79 -29.37 6.96
CA MSE A 20 -26.93 -29.19 7.74
C MSE A 20 -28.04 -29.98 7.23
O MSE A 20 -28.21 -30.15 6.06
CB MSE A 20 -27.33 -27.77 7.67
CG MSE A 20 -27.97 -27.49 6.44
SE MSE A 20 -27.01 -26.14 5.68
CE MSE A 20 -25.39 -26.45 6.45
N LYS A 21 -28.84 -30.47 8.13
CA LYS A 21 -29.94 -31.29 7.81
C LYS A 21 -31.11 -30.46 7.72
N ASP A 22 -31.87 -30.46 6.66
CA ASP A 22 -33.12 -29.81 6.83
C ASP A 22 -34.27 -30.10 5.95
N LYS A 23 -35.41 -29.91 6.59
CA LYS A 23 -36.79 -29.97 6.12
C LYS A 23 -37.25 -31.32 5.70
N LYS A 24 -36.61 -31.85 4.71
CA LYS A 24 -36.95 -33.14 4.26
C LYS A 24 -36.11 -34.07 5.07
N GLY A 25 -35.27 -33.52 5.91
CA GLY A 25 -34.40 -34.35 6.67
C GLY A 25 -33.19 -34.83 5.90
N ASN A 26 -32.99 -34.24 4.75
CA ASN A 26 -31.81 -34.48 3.97
C ASN A 26 -30.66 -33.69 4.45
N VAL A 27 -29.44 -34.13 4.23
CA VAL A 27 -28.30 -33.33 4.59
C VAL A 27 -27.72 -32.66 3.36
N ILE A 28 -27.29 -31.44 3.52
CA ILE A 28 -26.98 -30.55 2.42
C ILE A 28 -25.98 -29.51 2.88
N GLY A 29 -25.40 -28.81 1.93
CA GLY A 29 -24.42 -27.79 2.22
C GLY A 29 -23.21 -27.84 1.31
N PHE A 30 -22.26 -26.98 1.61
CA PHE A 30 -21.04 -26.79 0.86
C PHE A 30 -20.22 -28.07 0.80
N ASP A 31 -19.97 -28.65 1.97
CA ASP A 31 -19.28 -29.92 2.06
C ASP A 31 -19.99 -31.04 1.29
N VAL A 32 -21.31 -31.00 1.21
CA VAL A 32 -22.05 -32.09 0.61
C VAL A 32 -21.87 -31.98 -0.91
N ASP A 33 -22.12 -30.76 -1.38
CA ASP A 33 -21.89 -30.35 -2.75
C ASP A 33 -20.44 -30.62 -3.25
N LEU A 34 -19.47 -30.39 -2.37
CA LEU A 34 -18.07 -30.80 -2.55
C LEU A 34 -17.94 -32.30 -2.75
N ALA A 35 -18.43 -33.08 -1.78
CA ALA A 35 -18.35 -34.53 -1.89
C ALA A 35 -19.10 -35.00 -3.14
N ARG A 36 -20.12 -34.28 -3.56
CA ARG A 36 -20.82 -34.65 -4.77
C ARG A 36 -19.92 -34.55 -5.98
N GLU A 37 -19.17 -33.45 -6.09
CA GLU A 37 -18.27 -33.27 -7.23
C GLU A 37 -17.11 -34.26 -7.14
N MSE A 38 -16.70 -34.55 -5.92
CA MSE A 38 -15.64 -35.51 -5.73
C MSE A 38 -16.00 -36.89 -6.29
O MSE A 38 -15.18 -37.54 -6.93
CB MSE A 38 -15.32 -35.61 -4.26
CG MSE A 38 -14.01 -36.21 -4.02
SE MSE A 38 -13.72 -36.47 -2.14
CE MSE A 38 -13.21 -34.64 -1.71
N ALA A 39 -17.23 -37.33 -6.04
CA ALA A 39 -17.68 -38.64 -6.48
C ALA A 39 -17.82 -38.79 -8.00
N LYS A 40 -18.31 -37.74 -8.66
CA LYS A 40 -18.44 -37.73 -10.13
C LYS A 40 -17.04 -37.82 -10.68
N ALA A 41 -16.10 -37.19 -10.00
CA ALA A 41 -14.76 -37.15 -10.48
C ALA A 41 -14.16 -38.55 -10.45
N MSE A 42 -14.40 -39.28 -9.37
CA MSE A 42 -13.95 -40.66 -9.28
C MSE A 42 -14.72 -41.64 -10.16
O MSE A 42 -14.21 -42.71 -10.48
CB MSE A 42 -13.97 -41.12 -7.83
CG MSE A 42 -12.85 -40.58 -7.01
SE MSE A 42 -13.23 -40.86 -5.12
CE MSE A 42 -11.73 -39.95 -4.32
N GLY A 43 -15.95 -41.29 -10.54
CA GLY A 43 -16.84 -42.22 -11.24
C GLY A 43 -17.57 -43.16 -10.28
N VAL A 44 -17.57 -42.79 -9.01
CA VAL A 44 -18.23 -43.52 -7.94
C VAL A 44 -19.62 -42.90 -7.60
N LYS A 45 -20.35 -43.51 -6.66
CA LYS A 45 -21.62 -42.96 -6.19
C LYS A 45 -21.41 -42.50 -4.76
N LEU A 46 -22.05 -41.38 -4.39
CA LEU A 46 -21.88 -40.85 -3.05
C LEU A 46 -22.74 -41.55 -2.02
N LYS A 47 -22.17 -41.80 -0.85
CA LYS A 47 -22.94 -42.27 0.30
C LYS A 47 -22.50 -41.41 1.49
N LEU A 48 -23.47 -40.72 2.09
CA LEU A 48 -23.20 -39.85 3.25
C LEU A 48 -23.46 -40.62 4.54
N VAL A 49 -22.54 -40.50 5.49
CA VAL A 49 -22.58 -41.28 6.74
C VAL A 49 -22.52 -40.28 7.91
N PRO A 50 -23.70 -39.74 8.29
CA PRO A 50 -23.82 -38.72 9.33
C PRO A 50 -23.50 -39.34 10.69
N THR A 51 -22.73 -38.62 11.49
CA THR A 51 -21.98 -39.21 12.58
C THR A 51 -21.67 -38.07 13.54
N SER A 52 -21.75 -38.32 14.83
CA SER A 52 -21.47 -37.26 15.78
C SER A 52 -19.99 -36.92 15.78
N TRP A 53 -19.70 -35.66 16.03
CA TRP A 53 -18.35 -35.17 15.91
C TRP A 53 -17.33 -36.15 16.41
N ASP A 54 -17.49 -36.59 17.66
CA ASP A 54 -16.47 -37.38 18.35
C ASP A 54 -16.34 -38.83 17.80
N GLY A 55 -17.05 -39.14 16.72
CA GLY A 55 -16.93 -40.47 16.10
C GLY A 55 -16.52 -40.42 14.63
N LEU A 56 -15.94 -39.30 14.23
CA LEU A 56 -15.61 -39.06 12.86
C LEU A 56 -14.27 -39.69 12.58
N ILE A 57 -13.29 -39.23 13.34
CA ILE A 57 -11.99 -39.84 13.37
C ILE A 57 -11.97 -41.35 13.70
N PRO A 58 -12.66 -41.77 14.78
CA PRO A 58 -12.71 -43.20 14.98
C PRO A 58 -13.42 -43.89 13.83
N GLY A 59 -14.40 -43.22 13.25
CA GLY A 59 -15.14 -43.82 12.14
C GLY A 59 -14.25 -44.00 10.95
N LEU A 60 -13.28 -43.12 10.83
CA LEU A 60 -12.39 -43.06 9.71
C LEU A 60 -11.30 -44.11 9.81
N VAL A 61 -10.72 -44.19 11.01
CA VAL A 61 -9.59 -45.06 11.29
C VAL A 61 -10.08 -46.52 11.17
N THR A 62 -11.40 -46.68 11.28
CA THR A 62 -12.07 -47.98 11.33
C THR A 62 -12.80 -48.29 10.04
N GLU A 63 -12.68 -47.41 9.04
CA GLU A 63 -13.18 -47.69 7.70
C GLU A 63 -14.70 -47.82 7.70
N LYS A 64 -15.34 -47.09 8.63
CA LYS A 64 -16.75 -46.71 8.59
C LYS A 64 -16.98 -45.86 7.35
N PHE A 65 -16.04 -44.96 7.07
CA PHE A 65 -16.10 -44.17 5.85
C PHE A 65 -14.70 -43.82 5.37
N ASP A 66 -14.61 -43.32 4.14
CA ASP A 66 -13.31 -43.12 3.49
C ASP A 66 -12.70 -41.72 3.66
N ILE A 67 -13.52 -40.71 3.90
CA ILE A 67 -12.99 -39.38 4.02
C ILE A 67 -13.85 -38.57 4.95
N ILE A 68 -13.23 -37.65 5.67
CA ILE A 68 -14.03 -36.76 6.49
C ILE A 68 -14.10 -35.40 5.82
N ILE A 69 -15.27 -35.05 5.35
CA ILE A 69 -15.51 -33.74 4.86
C ILE A 69 -16.64 -33.12 5.62
N SER A 70 -16.37 -32.66 6.80
CA SER A 70 -17.31 -31.86 7.50
C SER A 70 -16.69 -30.70 8.20
N GLY A 71 -16.15 -29.74 7.50
CA GLY A 71 -15.59 -28.61 8.16
C GLY A 71 -14.55 -28.78 9.22
N MSE A 72 -13.56 -29.66 9.09
CA MSE A 72 -12.63 -29.96 10.19
C MSE A 72 -11.30 -29.24 10.27
O MSE A 72 -10.57 -29.13 9.35
CB MSE A 72 -12.41 -31.48 10.28
CG MSE A 72 -11.39 -31.96 11.29
SE MSE A 72 -11.37 -33.75 11.54
CE MSE A 72 -12.56 -34.09 10.33
N THR A 73 -10.99 -28.72 11.43
CA THR A 73 -9.73 -28.03 11.55
C THR A 73 -8.59 -29.03 11.38
N ILE A 74 -7.55 -28.59 10.69
CA ILE A 74 -6.34 -29.33 10.58
C ILE A 74 -5.60 -28.91 11.76
N SER A 75 -5.76 -29.62 12.86
CA SER A 75 -4.90 -29.43 14.03
C SER A 75 -3.83 -30.52 14.17
N GLN A 76 -2.74 -30.18 14.86
CA GLN A 76 -1.66 -31.11 15.13
C GLN A 76 -2.07 -32.31 15.99
N GLU A 77 -3.10 -32.15 16.80
CA GLU A 77 -3.50 -33.27 17.62
C GLU A 77 -4.18 -34.29 16.74
N ARG A 78 -4.99 -33.80 15.81
CA ARG A 78 -5.83 -34.67 15.02
C ARG A 78 -4.94 -35.24 13.96
N ASN A 79 -3.92 -34.47 13.61
CA ASN A 79 -3.00 -34.82 12.50
C ASN A 79 -2.09 -35.98 12.89
N LEU A 80 -2.02 -36.31 14.19
CA LEU A 80 -1.24 -37.40 14.68
C LEU A 80 -2.00 -38.69 14.38
N ARG A 81 -3.30 -38.54 14.16
CA ARG A 81 -4.20 -39.70 14.09
C ARG A 81 -4.70 -39.97 12.67
N VAL A 82 -4.61 -38.99 11.78
CA VAL A 82 -5.06 -39.08 10.39
C VAL A 82 -4.25 -38.11 9.54
N ASN A 83 -4.32 -38.23 8.21
CA ASN A 83 -3.64 -37.28 7.37
C ASN A 83 -4.69 -36.28 6.87
N PHE A 84 -4.31 -35.01 6.72
CA PHE A 84 -5.19 -34.02 6.08
C PHE A 84 -4.73 -33.68 4.64
N VAL A 85 -5.69 -33.69 3.70
CA VAL A 85 -5.50 -33.06 2.39
C VAL A 85 -5.11 -31.62 2.68
N GLU A 86 -4.62 -30.88 1.69
CA GLU A 86 -4.22 -29.46 1.91
C GLU A 86 -5.53 -28.71 2.15
N PRO A 87 -5.52 -27.61 2.94
CA PRO A 87 -6.79 -26.94 3.38
C PRO A 87 -7.70 -26.53 2.25
N TYR A 88 -8.99 -26.79 2.34
CA TYR A 88 -9.90 -26.22 1.33
C TYR A 88 -10.53 -24.85 1.67
N ILE A 89 -10.29 -24.35 2.86
CA ILE A 89 -10.83 -23.06 3.19
C ILE A 89 -10.14 -22.58 4.44
N VAL A 90 -9.94 -21.29 4.56
CA VAL A 90 -9.31 -20.82 5.79
C VAL A 90 -10.25 -19.99 6.64
N VAL A 91 -10.33 -20.37 7.90
CA VAL A 91 -11.40 -19.90 8.76
C VAL A 91 -10.86 -19.27 10.07
N GLY A 92 -11.73 -19.00 11.02
CA GLY A 92 -11.23 -18.45 12.26
C GLY A 92 -12.35 -18.11 13.17
N GLN A 93 -12.05 -18.16 14.47
CA GLN A 93 -13.04 -17.82 15.52
C GLN A 93 -13.51 -16.36 15.44
N SER A 94 -14.82 -16.21 15.46
CA SER A 94 -15.43 -14.93 15.73
C SER A 94 -16.43 -15.15 16.86
N LEU A 95 -17.01 -14.06 17.31
CA LEU A 95 -18.00 -14.07 18.39
C LEU A 95 -19.27 -13.38 17.95
N LEU A 96 -20.40 -14.06 18.19
CA LEU A 96 -21.70 -13.42 18.35
C LEU A 96 -21.91 -13.00 19.82
N VAL A 97 -22.40 -11.77 19.99
CA VAL A 97 -22.69 -11.23 21.33
C VAL A 97 -24.07 -10.55 21.37
N LYS A 98 -24.59 -10.39 22.58
CA LYS A 98 -25.81 -9.60 22.79
C LYS A 98 -25.57 -8.13 22.45
N LYS A 99 -26.63 -7.46 22.00
CA LYS A 99 -26.61 -6.02 21.77
C LYS A 99 -26.32 -5.27 23.09
N GLY A 100 -25.48 -4.25 22.98
CA GLY A 100 -24.91 -3.57 24.13
C GLY A 100 -23.47 -4.02 24.37
N LEU A 101 -23.22 -5.32 24.21
CA LEU A 101 -21.88 -5.80 24.49
C LEU A 101 -20.80 -5.24 23.57
N GLU A 102 -21.17 -4.93 22.32
CA GLU A 102 -20.20 -4.46 21.29
C GLU A 102 -19.56 -3.09 21.53
N LYS A 103 -20.07 -2.31 22.48
CA LYS A 103 -19.76 -0.87 22.54
C LYS A 103 -18.42 -0.53 23.17
N GLY A 104 -17.58 0.15 22.37
CA GLY A 104 -16.26 0.62 22.80
C GLY A 104 -15.25 -0.48 23.01
N VAL A 105 -15.71 -1.73 22.79
CA VAL A 105 -14.86 -2.92 22.89
C VAL A 105 -13.84 -2.86 21.77
N LYS A 106 -12.57 -2.91 22.14
CA LYS A 106 -11.55 -2.80 21.12
C LYS A 106 -10.59 -3.98 20.97
N SER A 107 -11.05 -5.15 21.42
CA SER A 107 -10.47 -6.47 21.14
C SER A 107 -11.31 -7.45 21.96
N TYR A 108 -11.32 -8.71 21.58
CA TYR A 108 -11.96 -9.77 22.36
C TYR A 108 -11.51 -9.66 23.82
N LYS A 109 -10.32 -9.10 24.01
CA LYS A 109 -9.63 -9.18 25.29
C LYS A 109 -10.34 -8.33 26.36
N ASP A 110 -10.84 -7.14 25.97
CA ASP A 110 -11.66 -6.37 26.88
C ASP A 110 -13.08 -6.94 27.07
N LEU A 111 -13.25 -8.23 26.78
CA LEU A 111 -14.51 -8.94 27.09
C LEU A 111 -14.30 -10.22 27.86
N ASP A 112 -13.14 -10.30 28.50
CA ASP A 112 -12.75 -11.46 29.24
C ASP A 112 -12.99 -11.18 30.71
N LYS A 113 -14.23 -11.40 31.16
CA LYS A 113 -14.73 -10.90 32.46
C LYS A 113 -15.55 -11.94 33.26
N PRO A 114 -15.35 -12.01 34.59
CA PRO A 114 -15.96 -13.09 35.36
C PRO A 114 -17.50 -13.11 35.40
N GLU A 115 -18.15 -12.09 34.85
CA GLU A 115 -19.62 -12.05 34.90
C GLU A 115 -20.13 -12.75 33.65
N LEU A 116 -19.53 -12.32 32.54
CA LEU A 116 -19.92 -12.72 31.20
C LEU A 116 -19.74 -14.22 30.95
N THR A 117 -20.64 -14.73 30.13
CA THR A 117 -20.68 -16.14 29.90
C THR A 117 -20.54 -16.42 28.42
N LEU A 118 -19.45 -17.11 28.10
CA LEU A 118 -19.15 -17.51 26.76
C LEU A 118 -19.74 -18.90 26.68
N VAL A 119 -20.34 -19.22 25.54
CA VAL A 119 -20.85 -20.57 25.27
C VAL A 119 -20.44 -21.14 23.92
N THR A 120 -20.33 -22.47 23.85
CA THR A 120 -19.87 -23.14 22.64
C THR A 120 -20.41 -24.57 22.54
N LYS A 121 -20.14 -25.23 21.41
CA LYS A 121 -20.36 -26.70 21.32
C LYS A 121 -19.21 -27.40 22.02
N PHE A 122 -19.48 -28.49 22.72
CA PHE A 122 -18.39 -29.21 23.39
C PHE A 122 -17.53 -30.06 22.45
N GLY A 123 -16.21 -30.02 22.67
CA GLY A 123 -15.23 -30.91 22.06
C GLY A 123 -14.90 -30.59 20.61
N VAL A 124 -14.87 -29.29 20.30
CA VAL A 124 -14.70 -28.76 18.96
C VAL A 124 -13.64 -27.68 18.99
N SER A 125 -13.12 -27.28 17.84
CA SER A 125 -12.02 -26.34 17.87
C SER A 125 -12.37 -25.11 18.66
N ALA A 126 -13.62 -24.66 18.54
CA ALA A 126 -14.15 -23.48 19.24
C ALA A 126 -13.92 -23.55 20.75
N GLU A 127 -14.15 -24.74 21.32
CA GLU A 127 -13.95 -24.93 22.75
C GLU A 127 -12.52 -24.73 23.19
N TYR A 128 -11.55 -25.13 22.34
CA TYR A 128 -10.15 -25.12 22.76
C TYR A 128 -9.59 -23.72 22.71
N ALA A 129 -10.09 -22.95 21.78
CA ALA A 129 -9.76 -21.54 21.64
C ALA A 129 -10.37 -20.72 22.80
N ALA A 130 -11.61 -21.06 23.17
CA ALA A 130 -12.26 -20.52 24.36
C ALA A 130 -11.37 -20.56 25.59
N LYS A 131 -10.83 -21.73 25.89
CA LYS A 131 -9.95 -21.91 27.04
C LYS A 131 -8.60 -21.20 26.90
N ARG A 132 -8.10 -21.10 25.67
CA ARG A 132 -6.78 -20.53 25.40
C ARG A 132 -6.76 -19.01 25.54
N LEU A 133 -7.81 -18.36 25.03
CA LEU A 133 -7.94 -16.90 24.97
C LEU A 133 -8.58 -16.31 26.23
N PHE A 134 -9.73 -16.86 26.64
CA PHE A 134 -10.52 -16.34 27.78
C PHE A 134 -10.20 -16.99 29.12
N LYS A 135 -9.60 -16.22 30.02
CA LYS A 135 -9.21 -16.75 31.32
C LYS A 135 -10.37 -16.68 32.32
N ASN A 136 -10.98 -15.51 32.35
CA ASN A 136 -11.85 -15.10 33.42
C ASN A 136 -13.32 -15.37 33.13
N ALA A 137 -13.69 -15.38 31.83
CA ALA A 137 -15.09 -15.47 31.45
C ALA A 137 -15.62 -16.85 31.79
N LYS A 138 -16.73 -16.92 32.54
CA LYS A 138 -17.39 -18.22 32.69
C LYS A 138 -17.60 -18.83 31.29
N LEU A 139 -17.27 -20.12 31.12
CA LEU A 139 -17.58 -20.82 29.86
C LEU A 139 -18.39 -22.08 30.08
N LYS A 140 -19.42 -22.26 29.26
CA LYS A 140 -20.28 -23.46 29.30
C LYS A 140 -20.39 -24.10 27.91
N THR A 141 -20.59 -25.41 27.86
CA THR A 141 -20.58 -26.14 26.58
C THR A 141 -21.82 -26.97 26.33
N TYR A 142 -22.25 -27.04 25.08
CA TYR A 142 -23.48 -27.76 24.73
C TYR A 142 -23.21 -28.74 23.59
N ASP A 143 -24.13 -29.66 23.35
CA ASP A 143 -23.94 -30.68 22.31
C ASP A 143 -23.92 -30.17 20.88
N THR A 144 -24.69 -29.13 20.61
CA THR A 144 -24.73 -28.61 19.26
C THR A 144 -24.43 -27.12 19.23
N GLU A 145 -24.29 -26.62 18.01
CA GLU A 145 -24.01 -25.23 17.77
C GLU A 145 -25.27 -24.46 18.11
N ALA A 146 -26.42 -25.04 17.74
CA ALA A 146 -27.73 -24.42 17.99
C ALA A 146 -28.06 -24.31 19.50
N GLU A 147 -27.96 -25.42 20.25
CA GLU A 147 -28.20 -25.40 21.70
C GLU A 147 -27.44 -24.24 22.36
N ALA A 148 -26.22 -23.99 21.85
CA ALA A 148 -25.29 -23.04 22.46
C ALA A 148 -25.62 -21.58 22.17
N VAL A 149 -25.94 -21.29 20.90
CA VAL A 149 -26.34 -19.95 20.51
C VAL A 149 -27.70 -19.63 21.09
N GLN A 150 -28.51 -20.66 21.32
CA GLN A 150 -29.83 -20.51 21.93
C GLN A 150 -29.71 -19.77 23.27
N GLU A 151 -28.85 -20.23 24.12
CA GLU A 151 -28.75 -19.64 25.40
C GLU A 151 -28.43 -18.23 25.18
N VAL A 152 -27.56 -17.92 24.27
CA VAL A 152 -27.38 -16.52 24.02
C VAL A 152 -28.61 -15.75 23.45
N LEU A 153 -29.34 -16.31 22.50
CA LEU A 153 -30.45 -15.58 21.94
C LEU A 153 -31.52 -15.33 22.96
N ASN A 154 -31.75 -16.38 23.68
CA ASN A 154 -32.55 -16.49 24.83
C ASN A 154 -31.67 -15.84 25.79
N GLY A 155 -32.06 -15.58 27.01
CA GLY A 155 -31.13 -14.82 27.80
C GLY A 155 -30.09 -15.37 28.71
N LYS A 156 -30.01 -16.66 28.82
CA LYS A 156 -29.14 -17.18 29.79
C LYS A 156 -27.64 -16.94 29.76
N ALA A 157 -26.97 -17.02 28.64
CA ALA A 157 -25.54 -16.84 28.76
C ALA A 157 -25.03 -15.53 28.35
N ASP A 158 -25.42 -15.08 27.22
CA ASP A 158 -24.87 -13.83 26.78
C ASP A 158 -23.61 -13.63 25.79
N MSE A 159 -22.87 -14.64 25.29
CA MSE A 159 -21.95 -14.52 24.13
C MSE A 159 -21.72 -15.83 23.45
O MSE A 159 -21.79 -16.81 24.09
CB MSE A 159 -20.67 -13.72 24.36
CG MSE A 159 -19.81 -14.14 25.44
SE MSE A 159 -18.43 -12.91 25.53
CE MSE A 159 -17.41 -13.59 26.86
N PHE A 160 -21.33 -15.88 22.19
CA PHE A 160 -21.10 -17.17 21.52
C PHE A 160 -19.88 -17.28 20.66
N ILE A 161 -19.11 -18.34 20.78
CA ILE A 161 -17.89 -18.44 19.95
C ILE A 161 -17.83 -19.65 19.02
N PHE A 162 -17.53 -19.38 17.76
CA PHE A 162 -17.51 -20.45 16.75
C PHE A 162 -16.87 -19.96 15.48
N ASP A 163 -16.58 -20.90 14.57
CA ASP A 163 -15.93 -20.57 13.33
C ASP A 163 -16.76 -19.49 12.66
N LEU A 164 -16.06 -18.54 12.04
CA LEU A 164 -16.69 -17.35 11.52
C LEU A 164 -17.81 -17.66 10.53
N PRO A 165 -17.61 -18.63 9.61
CA PRO A 165 -18.61 -18.83 8.58
C PRO A 165 -19.98 -19.11 9.14
N PHE A 166 -20.01 -19.70 10.31
CA PHE A 166 -21.23 -20.04 11.01
C PHE A 166 -21.88 -18.75 11.54
N ASN A 167 -21.06 -17.90 12.16
CA ASN A 167 -21.58 -16.73 12.78
C ASN A 167 -22.16 -15.81 11.74
N VAL A 168 -21.59 -15.78 10.53
CA VAL A 168 -22.26 -14.98 9.51
C VAL A 168 -23.51 -15.67 9.03
N ALA A 169 -23.47 -17.00 8.92
CA ALA A 169 -24.60 -17.76 8.35
C ALA A 169 -25.82 -17.69 9.26
N PHE A 170 -25.59 -17.94 10.56
CA PHE A 170 -26.59 -17.72 11.57
C PHE A 170 -27.10 -16.28 11.49
N MSE A 171 -26.18 -15.32 11.49
CA MSE A 171 -26.53 -13.90 11.38
C MSE A 171 -27.56 -13.62 10.27
O MSE A 171 -28.56 -12.94 10.49
CB MSE A 171 -25.27 -13.07 11.14
CG MSE A 171 -25.31 -11.72 11.77
SE MSE A 171 -25.68 -11.75 13.71
CE MSE A 171 -25.30 -9.86 13.98
N ALA A 172 -27.30 -14.14 9.08
CA ALA A 172 -28.19 -13.93 7.94
C ALA A 172 -29.55 -14.65 8.06
N GLN A 173 -29.62 -15.75 8.81
CA GLN A 173 -30.91 -16.39 9.03
C GLN A 173 -31.66 -15.83 10.26
N LYS A 174 -31.12 -16.03 11.43
CA LYS A 174 -31.80 -15.65 12.62
C LYS A 174 -31.25 -14.55 13.44
N GLY A 175 -30.02 -14.18 13.27
CA GLY A 175 -29.47 -13.19 14.15
C GLY A 175 -29.52 -11.72 13.87
N GLN A 176 -30.01 -11.32 12.72
CA GLN A 176 -29.79 -9.95 12.37
C GLN A 176 -30.36 -8.86 13.24
N GLY A 177 -31.57 -8.94 13.72
CA GLY A 177 -31.92 -7.91 14.64
C GLY A 177 -31.24 -8.07 15.99
N TYR A 178 -31.33 -9.28 16.50
CA TYR A 178 -30.93 -9.76 17.83
C TYR A 178 -29.52 -9.79 18.47
N LEU A 179 -28.47 -10.08 17.70
CA LEU A 179 -27.13 -10.24 18.25
C LEU A 179 -26.21 -9.41 17.47
N VAL A 180 -25.01 -9.22 17.97
CA VAL A 180 -23.99 -8.49 17.24
C VAL A 180 -22.73 -9.32 16.90
N HIS A 181 -22.27 -9.21 15.68
CA HIS A 181 -21.16 -10.06 15.22
C HIS A 181 -19.87 -9.26 15.16
N LEU A 182 -18.96 -9.58 16.07
CA LEU A 182 -17.65 -8.96 16.06
C LEU A 182 -16.83 -9.75 15.06
N ASP A 183 -16.76 -9.22 13.84
CA ASP A 183 -16.30 -9.94 12.65
C ASP A 183 -14.87 -10.44 12.77
N THR A 184 -14.05 -9.68 13.50
CA THR A 184 -12.63 -9.92 13.66
C THR A 184 -12.22 -11.38 13.92
N SER A 185 -11.11 -11.79 13.31
CA SER A 185 -10.68 -13.18 13.29
C SER A 185 -9.77 -13.53 14.47
N LEU A 186 -10.18 -14.44 15.34
CA LEU A 186 -9.41 -14.66 16.58
C LEU A 186 -8.30 -15.73 16.49
N THR A 187 -8.37 -16.59 15.47
CA THR A 187 -7.37 -17.59 15.24
C THR A 187 -7.12 -17.77 13.75
N TYR A 188 -6.21 -18.70 13.43
CA TYR A 188 -5.99 -19.19 12.06
C TYR A 188 -6.40 -20.64 12.07
N GLU A 189 -7.45 -20.98 11.32
CA GLU A 189 -7.98 -22.36 11.32
C GLU A 189 -8.24 -22.99 9.94
N PRO A 190 -7.24 -23.74 9.42
CA PRO A 190 -7.43 -24.30 8.09
C PRO A 190 -8.28 -25.52 8.15
N LEU A 191 -9.17 -25.68 7.20
CA LEU A 191 -10.09 -26.76 7.29
C LEU A 191 -9.70 -27.67 6.17
N GLY A 192 -9.51 -28.95 6.48
CA GLY A 192 -9.14 -29.91 5.47
C GLY A 192 -9.93 -31.19 5.56
N TRP A 193 -9.84 -31.96 4.47
CA TRP A 193 -10.45 -33.27 4.41
C TRP A 193 -9.46 -34.17 5.06
N ALA A 194 -9.94 -35.17 5.78
CA ALA A 194 -9.09 -36.05 6.57
C ALA A 194 -9.25 -37.46 6.01
N ILE A 195 -8.13 -38.14 5.83
CA ILE A 195 -8.15 -39.51 5.43
C ILE A 195 -7.23 -40.25 6.37
N LYS A 196 -7.42 -41.55 6.50
CA LYS A 196 -6.47 -42.27 7.32
C LYS A 196 -5.11 -42.34 6.70
N LYS A 197 -4.18 -42.58 7.58
CA LYS A 197 -2.77 -42.63 7.26
C LYS A 197 -2.42 -43.85 6.39
N GLY A 198 -1.20 -43.83 5.84
CA GLY A 198 -0.67 -44.96 5.10
C GLY A 198 -1.22 -45.01 3.69
N ASP A 199 -2.04 -44.02 3.32
CA ASP A 199 -2.42 -43.85 1.92
C ASP A 199 -1.97 -42.50 1.29
N PRO A 200 -0.73 -42.48 0.73
CA PRO A 200 -0.20 -41.32 0.02
C PRO A 200 -0.78 -41.17 -1.39
N ASP A 201 -1.42 -42.23 -1.89
CA ASP A 201 -1.97 -42.14 -3.24
C ASP A 201 -3.23 -41.36 -3.27
N PHE A 202 -4.12 -41.68 -2.35
CA PHE A 202 -5.37 -40.95 -2.17
C PHE A 202 -5.15 -39.46 -1.83
N LEU A 203 -4.13 -39.13 -1.07
CA LEU A 203 -3.72 -37.77 -0.93
C LEU A 203 -3.40 -37.14 -2.26
N ASN A 204 -2.45 -37.71 -2.99
CA ASN A 204 -2.02 -37.17 -4.27
C ASN A 204 -3.23 -36.84 -5.08
N TRP A 205 -4.13 -37.81 -5.19
CA TRP A 205 -5.39 -37.59 -5.89
C TRP A 205 -6.20 -36.41 -5.27
N LEU A 206 -6.38 -36.41 -3.96
CA LEU A 206 -7.17 -35.36 -3.25
C LEU A 206 -6.58 -33.97 -3.41
N ASN A 207 -5.26 -33.84 -3.23
CA ASN A 207 -4.63 -32.53 -3.53
C ASN A 207 -4.84 -32.06 -4.98
N HIS A 208 -4.81 -32.94 -5.96
CA HIS A 208 -4.97 -32.44 -7.33
C HIS A 208 -6.41 -32.07 -7.65
N PHE A 209 -7.34 -32.85 -7.11
CA PHE A 209 -8.77 -32.53 -7.21
C PHE A 209 -9.08 -31.15 -6.62
N LEU A 210 -8.53 -30.87 -5.43
CA LEU A 210 -8.71 -29.58 -4.79
C LEU A 210 -8.27 -28.43 -5.65
N ALA A 211 -7.11 -28.52 -6.28
CA ALA A 211 -6.63 -27.41 -7.09
C ALA A 211 -7.35 -27.31 -8.44
N GLN A 212 -7.89 -28.42 -8.94
CA GLN A 212 -8.61 -28.37 -10.18
C GLN A 212 -9.80 -27.45 -9.93
N ILE A 213 -10.62 -27.79 -8.92
CA ILE A 213 -11.84 -27.00 -8.68
C ILE A 213 -11.52 -25.57 -8.30
N LYS A 214 -10.32 -25.34 -7.76
CA LYS A 214 -9.86 -23.99 -7.42
C LYS A 214 -9.51 -23.12 -8.60
N HIS A 215 -9.28 -23.73 -9.74
CA HIS A 215 -8.84 -22.96 -10.89
C HIS A 215 -9.88 -23.18 -11.95
N ASP A 216 -10.88 -23.97 -11.58
CA ASP A 216 -11.90 -24.49 -12.49
C ASP A 216 -13.06 -23.53 -12.61
N GLY A 217 -13.19 -22.67 -11.61
CA GLY A 217 -14.44 -21.98 -11.34
C GLY A 217 -15.43 -22.82 -10.52
N SER A 218 -15.26 -24.14 -10.46
CA SER A 218 -16.24 -24.98 -9.71
C SER A 218 -16.32 -24.64 -8.21
N TYR A 219 -15.16 -24.58 -7.55
CA TYR A 219 -15.01 -24.17 -6.18
C TYR A 219 -15.78 -22.87 -5.95
N ASP A 220 -15.39 -21.85 -6.73
CA ASP A 220 -16.02 -20.55 -6.76
C ASP A 220 -17.58 -20.56 -6.83
N GLU A 221 -18.17 -21.32 -7.76
CA GLU A 221 -19.63 -21.43 -7.81
C GLU A 221 -20.16 -21.91 -6.45
N LEU A 222 -19.68 -23.06 -5.98
CA LEU A 222 -20.11 -23.56 -4.69
C LEU A 222 -19.92 -22.52 -3.60
N TYR A 223 -18.86 -21.75 -3.69
CA TYR A 223 -18.56 -20.81 -2.65
C TYR A 223 -19.63 -19.67 -2.58
N GLU A 224 -19.94 -19.10 -3.73
CA GLU A 224 -20.93 -18.04 -3.79
C GLU A 224 -22.25 -18.60 -3.33
N ARG A 225 -22.61 -19.73 -3.91
CA ARG A 225 -23.83 -20.43 -3.59
C ARG A 225 -24.05 -20.68 -2.09
N TRP A 226 -23.00 -20.75 -1.30
CA TRP A 226 -23.17 -21.12 0.10
C TRP A 226 -22.73 -20.06 1.10
N PHE A 227 -21.86 -19.17 0.68
CA PHE A 227 -21.21 -18.24 1.60
C PHE A 227 -21.62 -16.80 1.32
N VAL A 228 -22.26 -16.57 0.18
CA VAL A 228 -22.73 -15.24 -0.21
C VAL A 228 -24.22 -15.29 -0.64
N ASP A 229 -24.54 -16.13 -1.62
CA ASP A 229 -25.92 -16.49 -1.96
C ASP A 229 -26.68 -16.49 -0.68
N THR A 230 -27.86 -15.86 -0.73
CA THR A 230 -28.82 -15.93 0.36
C THR A 230 -30.07 -16.73 -0.04
N LYS A 231 -29.99 -17.38 -1.20
CA LYS A 231 -31.10 -18.19 -1.67
C LYS A 231 -31.24 -19.51 -0.92
N TRP A 232 -30.17 -20.01 -0.30
CA TRP A 232 -30.27 -21.32 0.32
C TRP A 232 -31.08 -21.37 1.61
N LEU A 233 -31.02 -20.29 2.41
CA LEU A 233 -31.63 -20.25 3.76
C LEU A 233 -33.12 -20.58 3.77
N GLU A 234 -33.67 -20.64 2.56
CA GLU A 234 -35.00 -21.18 2.32
C GLU A 234 -34.94 -22.72 2.36
N LYS A 235 -33.89 -23.22 3.02
CA LYS A 235 -33.62 -24.64 3.24
C LYS A 235 -34.63 -25.58 2.61
N LEU B 3 4.83 -41.76 16.20
CA LEU B 3 5.85 -42.10 17.24
C LEU B 3 5.59 -41.42 18.60
N ARG B 4 5.86 -42.17 19.67
CA ARG B 4 5.58 -41.77 21.05
C ARG B 4 6.85 -41.87 21.91
N GLY B 5 6.79 -41.25 23.10
CA GLY B 5 7.96 -41.13 23.95
C GLY B 5 8.60 -39.76 23.79
N GLU B 6 9.67 -39.69 23.01
CA GLU B 6 10.28 -38.39 22.75
C GLU B 6 10.59 -38.19 21.29
N LEU B 7 10.78 -36.94 20.93
CA LEU B 7 11.26 -36.56 19.63
C LEU B 7 12.76 -36.33 19.72
N ARG B 8 13.54 -37.19 19.04
CA ARG B 8 15.02 -37.01 18.97
C ARG B 8 15.37 -36.18 17.73
N VAL B 9 16.26 -35.20 17.90
CA VAL B 9 16.50 -34.19 16.87
C VAL B 9 17.99 -34.07 16.65
N GLY B 10 18.43 -34.28 15.42
CA GLY B 10 19.88 -34.25 15.17
C GLY B 10 20.28 -32.91 14.65
N LEU B 11 21.31 -32.31 15.22
CA LEU B 11 21.78 -31.02 14.77
C LEU B 11 23.25 -30.85 15.06
N GLU B 12 23.91 -30.01 14.27
CA GLU B 12 25.30 -29.58 14.53
C GLU B 12 25.29 -28.17 15.03
N PRO B 13 25.74 -27.97 16.26
CA PRO B 13 25.98 -26.64 16.81
C PRO B 13 27.06 -25.88 16.03
N GLY B 14 26.79 -24.59 15.79
CA GLY B 14 27.78 -23.65 15.27
C GLY B 14 27.18 -22.73 14.21
N TYR B 15 26.08 -23.17 13.62
CA TYR B 15 25.54 -22.41 12.53
C TYR B 15 24.62 -21.37 13.17
N LEU B 16 25.26 -20.26 13.54
CA LEU B 16 24.60 -19.16 14.18
C LEU B 16 23.64 -18.61 13.16
N PRO B 17 22.40 -18.28 13.57
CA PRO B 17 21.80 -18.36 14.87
C PRO B 17 20.76 -19.48 14.94
N PHE B 18 21.03 -20.56 14.22
CA PHE B 18 20.16 -21.71 14.17
C PHE B 18 20.46 -22.64 15.31
N GLU B 19 21.74 -22.98 15.47
CA GLU B 19 22.23 -23.87 16.54
C GLU B 19 23.59 -23.41 17.00
N MSE B 20 23.76 -23.33 18.31
CA MSE B 20 25.04 -22.99 18.92
C MSE B 20 25.00 -23.35 20.38
O MSE B 20 23.93 -23.39 20.99
CB MSE B 20 25.33 -21.51 18.75
CG MSE B 20 24.52 -20.65 19.70
SE MSE B 20 23.38 -19.33 18.81
CE MSE B 20 22.24 -20.44 17.78
N LYS B 21 26.18 -23.61 20.94
CA LYS B 21 26.35 -23.96 22.33
C LYS B 21 26.46 -22.66 23.13
N ASP B 22 25.68 -22.52 24.20
CA ASP B 22 25.76 -21.30 25.01
C ASP B 22 26.79 -21.42 26.15
N LYS B 23 26.88 -20.39 26.97
CA LYS B 23 27.95 -20.31 27.97
C LYS B 23 28.00 -21.53 28.90
N LYS B 24 26.83 -21.96 29.39
CA LYS B 24 26.69 -23.13 30.25
C LYS B 24 26.92 -24.43 29.47
N GLY B 25 26.65 -24.38 28.16
CA GLY B 25 26.93 -25.50 27.29
C GLY B 25 25.74 -26.29 26.77
N ASN B 26 24.52 -25.76 26.95
CA ASN B 26 23.32 -26.35 26.31
C ASN B 26 23.19 -25.71 24.95
N VAL B 27 22.74 -26.46 23.94
CA VAL B 27 22.57 -25.88 22.60
C VAL B 27 21.23 -25.14 22.36
N ILE B 28 21.31 -23.91 21.83
CA ILE B 28 20.09 -23.11 21.58
C ILE B 28 19.99 -22.55 20.15
N GLY B 29 18.99 -21.70 19.91
CA GLY B 29 18.87 -20.97 18.65
C GLY B 29 17.52 -21.20 18.04
N PHE B 30 17.31 -20.55 16.91
CA PHE B 30 16.14 -20.73 16.07
C PHE B 30 15.78 -22.19 15.81
N ASP B 31 16.78 -23.06 15.64
CA ASP B 31 16.42 -24.44 15.36
C ASP B 31 15.98 -25.23 16.58
N VAL B 32 16.53 -24.89 17.74
CA VAL B 32 16.08 -25.52 18.98
C VAL B 32 14.69 -25.08 19.41
N ASP B 33 14.42 -23.77 19.33
CA ASP B 33 13.12 -23.27 19.76
C ASP B 33 12.07 -23.86 18.86
N LEU B 34 12.48 -24.20 17.65
CA LEU B 34 11.59 -24.71 16.63
C LEU B 34 11.35 -26.20 16.92
N ALA B 35 12.37 -26.91 17.39
CA ALA B 35 12.14 -28.29 17.84
C ALA B 35 11.23 -28.34 19.10
N ARG B 36 11.43 -27.39 20.00
CA ARG B 36 10.66 -27.20 21.23
C ARG B 36 9.19 -26.96 20.94
N GLU B 37 8.92 -26.22 19.87
CA GLU B 37 7.53 -26.12 19.42
C GLU B 37 7.02 -27.46 18.87
N MSE B 38 7.83 -28.14 18.07
CA MSE B 38 7.44 -29.41 17.47
C MSE B 38 7.07 -30.44 18.53
O MSE B 38 6.03 -31.07 18.45
CB MSE B 38 8.53 -29.96 16.62
CG MSE B 38 8.04 -30.87 15.54
SE MSE B 38 9.58 -31.44 14.52
CE MSE B 38 9.74 -29.75 13.58
N ALA B 39 7.92 -30.57 19.55
CA ALA B 39 7.68 -31.55 20.61
C ALA B 39 6.47 -31.22 21.50
N LYS B 40 6.24 -29.95 21.85
CA LYS B 40 4.98 -29.55 22.48
C LYS B 40 3.77 -29.97 21.62
N ALA B 41 3.72 -29.56 20.36
CA ALA B 41 2.59 -29.86 19.50
C ALA B 41 2.40 -31.34 19.27
N MSE B 42 3.50 -32.07 19.34
CA MSE B 42 3.48 -33.50 19.11
C MSE B 42 3.04 -34.29 20.33
O MSE B 42 2.69 -35.48 20.23
CB MSE B 42 4.85 -33.89 18.72
CG MSE B 42 4.83 -34.92 17.69
SE MSE B 42 6.54 -34.85 16.80
CE MSE B 42 5.77 -35.32 15.06
N GLY B 43 3.04 -33.65 21.50
CA GLY B 43 2.61 -34.25 22.75
C GLY B 43 3.71 -34.94 23.52
N VAL B 44 4.95 -34.53 23.26
CA VAL B 44 6.13 -35.35 23.41
C VAL B 44 7.34 -34.58 24.01
N LYS B 45 8.31 -35.29 24.59
CA LYS B 45 9.49 -34.63 25.17
C LYS B 45 10.51 -34.40 24.08
N LEU B 46 11.50 -33.55 24.34
CA LEU B 46 12.45 -33.24 23.31
C LEU B 46 13.85 -33.64 23.74
N LYS B 47 14.54 -34.37 22.87
CA LYS B 47 15.94 -34.72 23.08
C LYS B 47 16.74 -34.28 21.86
N LEU B 48 17.59 -33.28 22.05
CA LEU B 48 18.53 -32.87 21.01
C LEU B 48 19.73 -33.80 20.96
N VAL B 49 20.11 -34.27 19.78
CA VAL B 49 21.27 -35.14 19.65
C VAL B 49 22.34 -34.39 18.83
N PRO B 50 23.25 -33.68 19.52
CA PRO B 50 24.24 -32.98 18.72
C PRO B 50 25.13 -33.93 17.87
N THR B 51 25.40 -33.53 16.63
CA THR B 51 26.06 -34.40 15.65
C THR B 51 26.92 -33.63 14.66
N SER B 52 28.11 -34.17 14.43
CA SER B 52 28.99 -33.65 13.41
C SER B 52 28.22 -33.78 12.09
N TRP B 53 28.41 -32.79 11.23
CA TRP B 53 27.53 -32.60 10.08
C TRP B 53 27.51 -33.79 9.13
N ASP B 54 28.68 -34.34 8.83
CA ASP B 54 28.85 -35.49 7.96
C ASP B 54 28.30 -36.79 8.54
N GLY B 55 27.57 -36.69 9.65
CA GLY B 55 26.98 -37.87 10.29
C GLY B 55 25.47 -37.82 10.46
N LEU B 56 24.87 -36.68 10.14
CA LEU B 56 23.46 -36.42 10.38
C LEU B 56 22.58 -37.27 9.47
N ILE B 57 22.67 -37.06 8.16
CA ILE B 57 22.00 -37.96 7.22
C ILE B 57 22.22 -39.43 7.62
N PRO B 58 23.47 -39.85 7.82
CA PRO B 58 23.61 -41.23 8.29
C PRO B 58 23.00 -41.48 9.69
N GLY B 59 22.92 -40.47 10.58
CA GLY B 59 22.24 -40.64 11.90
C GLY B 59 20.71 -40.77 11.76
N LEU B 60 20.17 -40.07 10.76
CA LEU B 60 18.76 -40.15 10.49
C LEU B 60 18.37 -41.51 9.96
N VAL B 61 19.07 -41.96 8.90
CA VAL B 61 18.80 -43.23 8.19
C VAL B 61 19.01 -44.37 9.16
N THR B 62 20.11 -44.28 9.90
CA THR B 62 20.44 -45.23 10.97
C THR B 62 19.46 -45.24 12.12
N GLU B 63 18.59 -44.23 12.21
CA GLU B 63 17.59 -44.12 13.28
C GLU B 63 18.20 -43.66 14.63
N LYS B 64 19.32 -42.95 14.58
CA LYS B 64 19.89 -42.30 15.77
C LYS B 64 18.99 -41.12 16.26
N PHE B 65 18.20 -40.55 15.36
CA PHE B 65 17.21 -39.56 15.73
C PHE B 65 16.11 -39.51 14.66
N ASP B 66 15.13 -38.61 14.82
CA ASP B 66 13.95 -38.72 13.94
C ASP B 66 13.85 -37.65 12.91
N ILE B 67 14.61 -36.59 13.05
CA ILE B 67 14.47 -35.41 12.18
C ILE B 67 15.77 -34.63 12.18
N ILE B 68 16.10 -33.95 11.13
CA ILE B 68 17.26 -33.14 11.19
C ILE B 68 16.83 -31.72 11.09
N ILE B 69 16.95 -30.90 12.11
CA ILE B 69 16.65 -29.53 11.88
C ILE B 69 17.96 -28.85 12.08
N SER B 70 18.59 -28.46 11.02
CA SER B 70 19.85 -27.87 11.19
C SER B 70 20.21 -26.81 10.27
N GLY B 71 19.30 -26.16 9.63
CA GLY B 71 19.75 -25.25 8.64
C GLY B 71 20.18 -25.98 7.40
N MSE B 72 19.75 -27.22 7.24
CA MSE B 72 20.12 -27.98 6.05
C MSE B 72 19.50 -27.53 4.74
O MSE B 72 18.35 -27.47 4.56
CB MSE B 72 19.82 -29.46 6.26
CG MSE B 72 20.36 -30.40 5.18
SE MSE B 72 20.64 -32.16 5.60
CE MSE B 72 18.99 -32.62 5.53
N THR B 73 20.35 -27.24 3.81
CA THR B 73 19.94 -26.91 2.47
C THR B 73 19.25 -28.12 1.84
N ILE B 74 18.17 -27.84 1.10
CA ILE B 74 17.50 -28.86 0.31
C ILE B 74 18.24 -28.97 -1.00
N SER B 75 18.93 -30.08 -1.25
CA SER B 75 19.53 -30.34 -2.58
C SER B 75 19.09 -31.70 -3.16
N GLN B 76 19.19 -31.86 -4.47
CA GLN B 76 18.93 -33.13 -5.10
C GLN B 76 19.86 -34.24 -4.63
N GLU B 77 21.12 -33.93 -4.40
CA GLU B 77 22.02 -34.95 -3.90
C GLU B 77 21.47 -35.50 -2.60
N ARG B 78 21.28 -34.63 -1.61
CA ARG B 78 20.73 -35.01 -0.31
C ARG B 78 19.35 -35.65 -0.42
N ASN B 79 18.50 -35.11 -1.28
CA ASN B 79 17.15 -35.60 -1.34
C ASN B 79 17.10 -37.07 -1.81
N LEU B 80 18.21 -37.56 -2.34
CA LEU B 80 18.29 -38.97 -2.77
C LEU B 80 18.26 -39.91 -1.56
N ARG B 81 18.75 -39.42 -0.43
CA ARG B 81 18.96 -40.24 0.76
C ARG B 81 17.88 -40.09 1.83
N VAL B 82 17.23 -38.93 1.81
CA VAL B 82 16.31 -38.49 2.87
C VAL B 82 15.29 -37.60 2.23
N ASN B 83 14.09 -37.62 2.79
CA ASN B 83 12.99 -36.79 2.32
C ASN B 83 13.09 -35.45 2.98
N PHE B 84 12.58 -34.43 2.35
CA PHE B 84 12.65 -33.10 2.93
C PHE B 84 11.26 -32.55 3.05
N VAL B 85 10.91 -32.03 4.23
CA VAL B 85 9.70 -31.20 4.36
C VAL B 85 9.89 -29.98 3.48
N GLU B 86 8.83 -29.19 3.29
CA GLU B 86 8.94 -27.93 2.54
C GLU B 86 9.88 -26.98 3.29
N PRO B 87 10.49 -26.04 2.60
CA PRO B 87 11.47 -25.20 3.31
C PRO B 87 10.83 -24.26 4.34
N TYR B 88 11.53 -23.98 5.43
CA TYR B 88 11.02 -23.13 6.46
C TYR B 88 11.67 -21.77 6.40
N ILE B 89 12.72 -21.68 5.63
CA ILE B 89 13.39 -20.43 5.44
C ILE B 89 14.25 -20.57 4.20
N VAL B 90 14.55 -19.43 3.57
CA VAL B 90 15.38 -19.36 2.40
C VAL B 90 16.57 -18.46 2.68
N VAL B 91 17.74 -19.05 2.51
CA VAL B 91 18.99 -18.39 2.84
C VAL B 91 19.85 -18.23 1.57
N GLY B 92 20.88 -17.41 1.69
CA GLY B 92 21.81 -17.13 0.63
C GLY B 92 23.23 -16.89 1.12
N GLN B 93 24.18 -17.31 0.27
CA GLN B 93 25.58 -17.31 0.60
C GLN B 93 26.09 -15.87 0.52
N SER B 94 27.01 -15.51 1.42
CA SER B 94 27.57 -14.15 1.46
C SER B 94 28.97 -14.10 2.07
N LEU B 95 29.64 -12.95 1.93
CA LEU B 95 31.07 -12.80 2.28
C LEU B 95 31.39 -12.03 3.56
N LEU B 96 32.41 -12.50 4.28
CA LEU B 96 33.04 -11.77 5.36
C LEU B 96 34.49 -11.53 5.01
N VAL B 97 34.83 -10.27 4.66
CA VAL B 97 36.18 -9.90 4.19
C VAL B 97 36.94 -9.01 5.17
N LYS B 98 38.26 -9.02 5.06
CA LYS B 98 39.12 -8.20 5.89
C LYS B 98 38.79 -6.71 5.76
N LYS B 99 38.82 -6.01 6.88
CA LYS B 99 38.63 -4.57 6.89
C LYS B 99 39.56 -3.97 5.85
N GLY B 100 39.00 -3.19 4.93
CA GLY B 100 39.80 -2.46 3.94
C GLY B 100 39.52 -2.81 2.49
N LEU B 101 39.48 -4.11 2.18
CA LEU B 101 39.35 -4.53 0.80
C LEU B 101 37.91 -4.71 0.35
N GLU B 102 37.02 -3.96 1.00
CA GLU B 102 35.63 -3.79 0.53
C GLU B 102 35.55 -2.68 -0.50
N LYS B 103 36.50 -1.75 -0.47
CA LYS B 103 36.42 -0.55 -1.29
C LYS B 103 36.72 -0.85 -2.76
N GLY B 104 36.04 -0.13 -3.64
CA GLY B 104 36.11 -0.35 -5.09
C GLY B 104 35.18 -1.43 -5.60
N VAL B 105 35.05 -2.53 -4.84
CA VAL B 105 34.34 -3.74 -5.30
C VAL B 105 32.87 -3.49 -5.66
N LYS B 106 32.38 -4.18 -6.70
CA LYS B 106 31.03 -3.97 -7.27
C LYS B 106 30.20 -5.26 -7.38
N SER B 107 30.90 -6.40 -7.37
CA SER B 107 30.33 -7.72 -7.51
C SER B 107 31.30 -8.60 -6.74
N TYR B 108 30.92 -9.83 -6.42
CA TYR B 108 31.84 -10.74 -5.73
C TYR B 108 33.09 -11.06 -6.59
N LYS B 109 32.91 -11.10 -7.91
CA LYS B 109 33.97 -11.51 -8.84
C LYS B 109 35.32 -10.79 -8.72
N ASP B 110 35.33 -9.50 -8.34
CA ASP B 110 36.62 -8.78 -8.18
C ASP B 110 37.40 -9.13 -6.90
N LEU B 111 36.98 -10.19 -6.21
CA LEU B 111 37.73 -10.78 -5.11
C LEU B 111 38.23 -12.14 -5.56
N ASP B 112 37.97 -12.47 -6.83
CA ASP B 112 38.36 -13.75 -7.39
C ASP B 112 39.70 -13.59 -8.10
N LYS B 113 40.77 -13.43 -7.31
CA LYS B 113 42.14 -13.25 -7.82
C LYS B 113 43.03 -14.34 -7.22
N PRO B 114 44.00 -14.91 -8.00
CA PRO B 114 44.84 -16.01 -7.48
C PRO B 114 45.64 -15.60 -6.24
N GLU B 115 45.62 -14.30 -5.96
CA GLU B 115 46.34 -13.70 -4.83
C GLU B 115 45.65 -13.95 -3.51
N LEU B 116 44.33 -14.14 -3.57
CA LEU B 116 43.50 -14.16 -2.36
C LEU B 116 43.07 -15.54 -1.87
N THR B 117 42.97 -15.64 -0.55
CA THR B 117 42.60 -16.88 0.11
C THR B 117 41.16 -16.85 0.67
N LEU B 118 40.34 -17.76 0.16
CA LEU B 118 38.97 -17.90 0.59
C LEU B 118 38.80 -19.14 1.45
N VAL B 119 38.06 -18.98 2.56
CA VAL B 119 37.85 -20.09 3.48
C VAL B 119 36.42 -20.24 4.01
N THR B 120 36.07 -21.49 4.30
CA THR B 120 34.78 -21.86 4.82
C THR B 120 34.90 -23.24 5.46
N LYS B 121 33.79 -23.78 5.96
CA LYS B 121 33.76 -25.07 6.65
C LYS B 121 33.73 -26.21 5.62
N PHE B 122 34.35 -27.34 5.94
CA PHE B 122 34.44 -28.43 4.99
C PHE B 122 33.11 -29.13 4.73
N GLY B 123 32.84 -29.37 3.43
CA GLY B 123 31.79 -30.31 3.02
C GLY B 123 30.43 -29.83 3.44
N VAL B 124 30.07 -28.66 2.94
CA VAL B 124 28.90 -27.95 3.41
C VAL B 124 28.55 -27.00 2.28
N SER B 125 27.27 -26.69 2.09
CA SER B 125 26.88 -25.97 0.88
C SER B 125 27.63 -24.65 0.60
N ALA B 126 28.34 -24.12 1.58
CA ALA B 126 29.20 -22.97 1.39
C ALA B 126 30.47 -23.31 0.62
N GLU B 127 31.04 -24.49 0.85
CA GLU B 127 32.19 -24.93 0.07
C GLU B 127 31.84 -25.15 -1.40
N TYR B 128 30.60 -25.60 -1.68
CA TYR B 128 30.22 -25.90 -3.07
C TYR B 128 30.01 -24.62 -3.88
N ALA B 129 29.26 -23.66 -3.33
CA ALA B 129 29.12 -22.36 -3.97
C ALA B 129 30.53 -21.77 -4.22
N ALA B 130 31.42 -22.00 -3.28
CA ALA B 130 32.77 -21.49 -3.32
C ALA B 130 33.57 -22.08 -4.49
N LYS B 131 33.47 -23.40 -4.69
CA LYS B 131 34.01 -24.03 -5.87
C LYS B 131 33.29 -23.56 -7.13
N ARG B 132 31.97 -23.55 -7.09
CA ARG B 132 31.12 -23.07 -8.19
C ARG B 132 31.46 -21.64 -8.58
N LEU B 133 31.59 -20.74 -7.61
CA LEU B 133 31.77 -19.30 -7.89
C LEU B 133 33.23 -18.78 -7.94
N PHE B 134 34.17 -19.50 -7.33
CA PHE B 134 35.55 -19.03 -7.25
C PHE B 134 36.56 -19.86 -8.05
N LYS B 135 36.98 -19.31 -9.19
CA LYS B 135 37.83 -20.03 -10.13
C LYS B 135 39.30 -19.91 -9.77
N ASN B 136 39.69 -18.68 -9.46
CA ASN B 136 41.09 -18.36 -9.20
C ASN B 136 41.50 -18.58 -7.75
N ALA B 137 40.83 -17.89 -6.82
CA ALA B 137 41.31 -17.72 -5.44
C ALA B 137 41.57 -19.03 -4.71
N LYS B 138 42.63 -19.06 -3.90
CA LYS B 138 42.96 -20.28 -3.19
C LYS B 138 41.89 -20.55 -2.14
N LEU B 139 41.34 -21.75 -2.17
CA LEU B 139 40.29 -22.17 -1.25
C LEU B 139 40.83 -23.12 -0.18
N LYS B 140 40.63 -22.77 1.09
CA LYS B 140 40.94 -23.67 2.21
C LYS B 140 39.68 -23.97 3.04
N THR B 141 39.59 -25.21 3.52
CA THR B 141 38.39 -25.71 4.20
C THR B 141 38.75 -26.12 5.60
N TYR B 142 37.91 -25.77 6.56
CA TYR B 142 38.16 -26.14 7.97
C TYR B 142 37.03 -26.93 8.57
N ASP B 143 37.19 -27.26 9.84
CA ASP B 143 36.27 -28.18 10.53
C ASP B 143 34.98 -27.58 11.03
N THR B 144 34.93 -26.26 11.16
CA THR B 144 33.77 -25.54 11.73
C THR B 144 33.82 -24.13 11.18
N GLU B 145 32.65 -23.54 10.97
CA GLU B 145 32.49 -22.14 10.67
C GLU B 145 33.39 -21.25 11.55
N ALA B 146 33.28 -21.40 12.87
CA ALA B 146 34.07 -20.57 13.78
C ALA B 146 35.57 -20.64 13.52
N GLU B 147 36.06 -21.83 13.17
CA GLU B 147 37.49 -22.05 12.91
C GLU B 147 37.97 -21.46 11.59
N ALA B 148 37.10 -21.45 10.58
CA ALA B 148 37.41 -20.83 9.29
C ALA B 148 37.46 -19.31 9.34
N VAL B 149 36.45 -18.65 9.92
CA VAL B 149 36.50 -17.16 10.12
C VAL B 149 37.76 -16.75 10.86
N GLN B 150 38.09 -17.50 11.91
CA GLN B 150 39.29 -17.25 12.71
C GLN B 150 40.56 -17.13 11.88
N GLU B 151 40.49 -17.50 10.61
CA GLU B 151 41.62 -17.34 9.69
C GLU B 151 41.50 -16.05 8.86
N VAL B 152 40.55 -15.19 9.20
CA VAL B 152 40.57 -13.83 8.67
C VAL B 152 40.75 -12.84 9.81
N LEU B 153 40.36 -13.26 11.00
CA LEU B 153 40.42 -12.40 12.18
C LEU B 153 41.86 -12.21 12.61
N ASN B 154 42.66 -13.25 12.45
CA ASN B 154 44.10 -13.06 12.49
C ASN B 154 44.60 -12.99 11.03
N GLY B 155 45.92 -12.93 10.83
CA GLY B 155 46.49 -12.66 9.50
C GLY B 155 46.19 -13.65 8.37
N LYS B 156 46.25 -14.94 8.69
CA LYS B 156 46.30 -16.06 7.72
C LYS B 156 45.53 -15.94 6.38
N ALA B 157 44.21 -15.76 6.42
CA ALA B 157 43.39 -15.67 5.17
C ALA B 157 42.72 -14.31 4.97
N ASP B 158 41.99 -14.19 3.85
CA ASP B 158 41.51 -12.89 3.33
C ASP B 158 40.03 -12.63 3.53
N MSE B 159 39.22 -13.65 3.22
CA MSE B 159 37.77 -13.53 3.22
C MSE B 159 37.09 -14.87 3.54
O MSE B 159 37.71 -15.94 3.41
CB MSE B 159 37.28 -13.02 1.88
CG MSE B 159 38.02 -13.65 0.73
SE MSE B 159 37.39 -13.13 -1.02
CE MSE B 159 38.72 -14.17 -2.04
N PHE B 160 35.83 -14.81 3.94
CA PHE B 160 35.11 -15.95 4.47
C PHE B 160 33.77 -16.04 3.78
N ILE B 161 33.39 -17.25 3.37
CA ILE B 161 32.08 -17.47 2.71
C ILE B 161 31.14 -18.39 3.49
N PHE B 162 29.92 -17.92 3.73
CA PHE B 162 28.93 -18.72 4.45
C PHE B 162 27.51 -18.19 4.33
N ASP B 163 26.56 -18.87 4.96
CA ASP B 163 25.14 -18.49 4.87
C ASP B 163 24.87 -17.14 5.56
N LEU B 164 24.20 -16.23 4.86
CA LEU B 164 24.10 -14.82 5.30
C LEU B 164 23.81 -14.63 6.80
N PRO B 165 22.84 -15.42 7.36
CA PRO B 165 22.48 -15.25 8.76
C PRO B 165 23.67 -15.49 9.66
N PHE B 166 24.57 -16.39 9.25
CA PHE B 166 25.77 -16.62 10.03
C PHE B 166 26.54 -15.32 10.10
N ASN B 167 26.68 -14.66 8.96
CA ASN B 167 27.49 -13.48 8.87
C ASN B 167 26.89 -12.33 9.65
N VAL B 168 25.59 -12.06 9.48
CA VAL B 168 24.93 -11.01 10.28
C VAL B 168 25.12 -11.29 11.76
N ALA B 169 24.96 -12.57 12.13
CA ALA B 169 25.20 -12.95 13.50
C ALA B 169 26.65 -12.71 13.91
N PHE B 170 27.60 -13.25 13.14
CA PHE B 170 29.01 -13.04 13.48
C PHE B 170 29.40 -11.56 13.63
N MSE B 171 28.87 -10.69 12.75
CA MSE B 171 29.15 -9.26 12.74
C MSE B 171 28.69 -8.57 14.03
O MSE B 171 29.44 -7.80 14.61
CB MSE B 171 28.51 -8.55 11.54
CG MSE B 171 29.24 -8.74 10.21
SE MSE B 171 31.10 -8.12 10.25
CE MSE B 171 30.79 -6.23 9.93
N ALA B 172 27.46 -8.85 14.43
CA ALA B 172 26.89 -8.32 15.65
C ALA B 172 27.58 -8.89 16.90
N GLN B 173 28.15 -10.09 16.77
CA GLN B 173 28.86 -10.70 17.90
C GLN B 173 30.31 -10.25 18.07
N LYS B 174 31.07 -10.21 16.99
CA LYS B 174 32.52 -9.91 17.05
C LYS B 174 33.03 -8.90 16.01
N GLY B 175 32.43 -8.94 14.83
CA GLY B 175 33.02 -8.39 13.61
C GLY B 175 33.19 -6.90 13.40
N GLN B 176 32.26 -6.09 13.92
CA GLN B 176 32.11 -4.66 13.53
C GLN B 176 33.41 -3.91 13.18
N GLY B 177 34.42 -4.04 14.02
CA GLY B 177 35.67 -3.30 13.84
C GLY B 177 36.71 -4.09 13.06
N TYR B 178 36.51 -5.39 12.99
CA TYR B 178 37.51 -6.30 12.43
C TYR B 178 37.22 -6.71 10.98
N LEU B 179 35.97 -7.08 10.69
CA LEU B 179 35.63 -7.61 9.36
C LEU B 179 34.66 -6.72 8.62
N VAL B 180 34.47 -7.02 7.33
CA VAL B 180 33.46 -6.32 6.55
C VAL B 180 32.57 -7.35 5.90
N HIS B 181 31.28 -7.03 5.85
CA HIS B 181 30.30 -7.97 5.39
C HIS B 181 29.62 -7.48 4.13
N LEU B 182 29.98 -8.06 2.98
CA LEU B 182 29.22 -7.87 1.75
C LEU B 182 28.02 -8.79 1.81
N ASP B 183 26.83 -8.18 1.90
CA ASP B 183 25.58 -8.88 2.19
C ASP B 183 24.76 -9.21 0.96
N THR B 184 25.32 -8.96 -0.22
CA THR B 184 24.65 -9.41 -1.44
C THR B 184 24.64 -10.93 -1.41
N SER B 185 23.44 -11.48 -1.32
CA SER B 185 23.29 -12.92 -1.36
C SER B 185 23.69 -13.47 -2.75
N LEU B 186 24.63 -14.43 -2.77
CA LEU B 186 25.22 -14.99 -3.98
C LEU B 186 24.52 -16.23 -4.46
N THR B 187 23.72 -16.85 -3.60
CA THR B 187 22.96 -18.02 -3.97
C THR B 187 21.54 -17.88 -3.46
N TYR B 188 20.71 -18.86 -3.84
CA TYR B 188 19.34 -19.02 -3.36
C TYR B 188 19.23 -20.46 -2.89
N GLU B 189 19.28 -20.66 -1.57
CA GLU B 189 19.17 -21.96 -0.91
C GLU B 189 18.06 -22.00 0.14
N PRO B 190 17.00 -22.72 -0.16
CA PRO B 190 15.95 -23.11 0.75
C PRO B 190 16.37 -24.20 1.70
N LEU B 191 16.40 -23.93 2.99
CA LEU B 191 16.71 -24.95 3.98
C LEU B 191 15.46 -25.76 4.37
N GLY B 192 15.65 -27.00 4.80
CA GLY B 192 14.54 -27.90 5.07
C GLY B 192 14.86 -28.92 6.14
N TRP B 193 13.82 -29.46 6.77
CA TRP B 193 13.97 -30.52 7.74
C TRP B 193 14.02 -31.85 7.02
N ALA B 194 14.87 -32.77 7.44
CA ALA B 194 14.93 -34.08 6.77
C ALA B 194 14.43 -35.21 7.62
N ILE B 195 13.67 -36.09 7.00
CA ILE B 195 13.29 -37.28 7.66
C ILE B 195 13.71 -38.47 6.80
N LYS B 196 13.79 -39.62 7.44
CA LYS B 196 14.10 -40.83 6.77
C LYS B 196 12.95 -41.08 5.80
N LYS B 197 13.29 -41.69 4.64
CA LYS B 197 12.36 -41.94 3.56
C LYS B 197 11.43 -43.01 4.06
N GLY B 198 10.29 -43.19 3.41
CA GLY B 198 9.40 -44.25 3.81
C GLY B 198 8.31 -43.81 4.76
N ASP B 199 8.39 -42.58 5.31
CA ASP B 199 7.27 -42.07 6.08
C ASP B 199 6.42 -40.90 5.51
N PRO B 200 5.44 -41.23 4.68
CA PRO B 200 4.58 -40.19 4.15
C PRO B 200 3.71 -39.46 5.23
N ASP B 201 3.36 -40.16 6.30
CA ASP B 201 2.50 -39.62 7.37
C ASP B 201 3.20 -38.56 8.20
N PHE B 202 4.46 -38.79 8.56
CA PHE B 202 5.26 -37.78 9.27
C PHE B 202 5.44 -36.52 8.41
N LEU B 203 5.47 -36.69 7.10
CA LEU B 203 5.55 -35.57 6.14
C LEU B 203 4.34 -34.70 6.19
N ASN B 204 3.21 -35.33 6.01
CA ASN B 204 1.96 -34.65 6.06
C ASN B 204 1.87 -33.88 7.40
N TRP B 205 2.21 -34.56 8.49
CA TRP B 205 2.22 -33.89 9.76
C TRP B 205 3.15 -32.71 9.68
N LEU B 206 4.41 -32.97 9.35
CA LEU B 206 5.43 -31.92 9.49
C LEU B 206 5.10 -30.70 8.65
N ASN B 207 4.44 -30.92 7.51
CA ASN B 207 4.25 -29.88 6.51
C ASN B 207 3.11 -28.99 6.88
N HIS B 208 2.11 -29.57 7.56
CA HIS B 208 1.00 -28.82 8.14
C HIS B 208 1.50 -28.09 9.38
N PHE B 209 2.39 -28.72 10.13
CA PHE B 209 2.90 -28.04 11.29
C PHE B 209 3.65 -26.78 10.86
N LEU B 210 4.45 -26.88 9.80
CA LEU B 210 5.26 -25.74 9.37
C LEU B 210 4.31 -24.62 8.96
N ALA B 211 3.26 -24.98 8.23
CA ALA B 211 2.24 -24.03 7.78
C ALA B 211 1.55 -23.31 8.95
N GLN B 212 1.30 -24.02 10.06
CA GLN B 212 0.59 -23.39 11.19
C GLN B 212 1.40 -22.22 11.72
N ILE B 213 2.61 -22.55 12.16
CA ILE B 213 3.46 -21.60 12.78
C ILE B 213 3.81 -20.47 11.87
N LYS B 214 3.63 -20.64 10.58
CA LYS B 214 3.99 -19.56 9.65
C LYS B 214 2.81 -18.60 9.52
N HIS B 215 1.65 -19.02 10.00
CA HIS B 215 0.41 -18.28 9.81
C HIS B 215 -0.11 -17.79 11.14
N ASP B 216 0.52 -18.31 12.21
CA ASP B 216 0.16 -18.19 13.64
C ASP B 216 0.67 -16.94 14.29
N GLY B 217 1.85 -16.52 13.89
CA GLY B 217 2.65 -15.67 14.73
C GLY B 217 3.84 -16.35 15.40
N SER B 218 3.80 -17.66 15.59
CA SER B 218 4.91 -18.31 16.33
C SER B 218 6.26 -18.30 15.55
N TYR B 219 6.21 -18.67 14.27
CA TYR B 219 7.40 -18.54 13.43
C TYR B 219 7.91 -17.10 13.49
N ASP B 220 7.04 -16.11 13.28
CA ASP B 220 7.47 -14.70 13.35
C ASP B 220 8.03 -14.28 14.74
N GLU B 221 7.44 -14.78 15.82
CA GLU B 221 8.03 -14.60 17.13
C GLU B 221 9.46 -15.07 17.09
N LEU B 222 9.67 -16.31 16.65
CA LEU B 222 11.00 -16.90 16.62
C LEU B 222 11.96 -16.25 15.60
N TYR B 223 11.42 -15.70 14.51
CA TYR B 223 12.25 -14.93 13.58
C TYR B 223 12.79 -13.62 14.15
N GLU B 224 11.92 -12.79 14.70
CA GLU B 224 12.36 -11.54 15.35
C GLU B 224 13.40 -11.89 16.40
N ARG B 225 13.13 -12.95 17.15
CA ARG B 225 13.98 -13.42 18.22
C ARG B 225 15.44 -13.68 17.86
N TRP B 226 15.71 -14.35 16.74
CA TRP B 226 17.11 -14.75 16.46
C TRP B 226 17.76 -14.02 15.28
N PHE B 227 16.94 -13.64 14.35
CA PHE B 227 17.42 -12.91 13.23
C PHE B 227 17.49 -11.43 13.43
N VAL B 228 16.70 -10.91 14.34
CA VAL B 228 16.70 -9.49 14.63
C VAL B 228 17.06 -8.94 16.00
N ASP B 229 16.47 -9.43 17.07
CA ASP B 229 16.51 -8.78 18.37
C ASP B 229 17.83 -8.48 19.05
N THR B 230 18.76 -9.40 19.01
CA THR B 230 20.10 -9.23 19.61
C THR B 230 20.25 -9.46 21.11
N LYS B 231 19.20 -9.84 21.79
CA LYS B 231 19.17 -10.19 23.20
C LYS B 231 20.02 -11.41 23.44
N TRP B 232 19.96 -12.27 22.47
CA TRP B 232 20.40 -13.62 22.45
C TRP B 232 21.88 -13.64 22.68
N LEU B 233 22.59 -12.63 22.25
CA LEU B 233 24.03 -12.61 22.38
C LEU B 233 24.54 -12.71 23.82
N GLU B 234 23.90 -12.07 24.78
CA GLU B 234 24.41 -12.16 26.12
C GLU B 234 24.65 -13.65 26.22
N LYS B 235 23.84 -14.45 25.53
CA LYS B 235 24.00 -15.89 25.27
C LYS B 235 23.39 -16.78 26.33
N LEU C 3 11.46 32.09 -16.95
CA LEU C 3 11.58 31.07 -18.02
C LEU C 3 11.15 31.65 -19.38
N ARG C 4 12.00 31.43 -20.37
CA ARG C 4 11.77 31.92 -21.72
C ARG C 4 12.00 30.77 -22.73
N GLY C 5 11.33 30.84 -23.88
CA GLY C 5 11.44 29.85 -24.94
C GLY C 5 10.46 28.67 -24.84
N GLU C 6 10.71 27.77 -23.90
CA GLU C 6 9.93 26.55 -23.78
C GLU C 6 9.97 25.96 -22.38
N LEU C 7 8.90 25.27 -21.98
CA LEU C 7 8.81 24.59 -20.70
C LEU C 7 9.15 23.11 -20.83
N ARG C 8 10.32 22.69 -20.39
CA ARG C 8 10.70 21.27 -20.52
C ARG C 8 10.17 20.48 -19.31
N VAL C 9 9.22 19.60 -19.60
CA VAL C 9 8.58 18.70 -18.63
C VAL C 9 9.04 17.23 -18.83
N GLY C 10 9.66 16.67 -17.81
CA GLY C 10 9.99 15.27 -17.83
C GLY C 10 8.99 14.43 -17.09
N LEU C 11 8.57 13.32 -17.71
CA LEU C 11 7.63 12.34 -17.13
C LEU C 11 8.11 10.95 -17.52
N GLU C 12 7.41 9.92 -17.06
CA GLU C 12 7.59 8.56 -17.60
C GLU C 12 6.24 7.95 -17.97
N PRO C 13 6.02 7.69 -19.28
CA PRO C 13 4.79 7.12 -19.81
C PRO C 13 4.48 5.76 -19.23
N GLY C 14 3.20 5.47 -19.01
CA GLY C 14 2.78 4.17 -18.50
C GLY C 14 1.99 4.16 -17.21
N TYR C 15 1.89 5.29 -16.53
CA TYR C 15 0.93 5.46 -15.43
C TYR C 15 -0.36 5.95 -16.06
N LEU C 16 -1.27 5.02 -16.32
CA LEU C 16 -2.59 5.38 -16.82
C LEU C 16 -3.33 6.07 -15.67
N PRO C 17 -4.13 7.11 -15.96
CA PRO C 17 -4.28 7.89 -17.18
C PRO C 17 -3.40 9.17 -17.24
N PHE C 18 -2.36 9.24 -16.44
CA PHE C 18 -1.53 10.42 -16.39
C PHE C 18 -0.61 10.59 -17.61
N GLU C 19 0.31 9.66 -17.82
CA GLU C 19 1.11 9.57 -19.04
C GLU C 19 0.97 8.17 -19.63
N MSE C 20 0.68 8.11 -20.92
CA MSE C 20 0.80 6.88 -21.70
C MSE C 20 1.29 7.23 -23.08
O MSE C 20 1.20 8.38 -23.52
CB MSE C 20 -0.53 6.14 -21.82
CG MSE C 20 -1.61 6.86 -22.65
SE MSE C 20 -3.19 7.13 -21.52
CE MSE C 20 -2.30 8.02 -20.02
N LYS C 21 1.78 6.20 -23.77
CA LYS C 21 2.22 6.32 -25.14
C LYS C 21 1.08 5.97 -26.07
N ASP C 22 0.85 6.86 -27.04
CA ASP C 22 -0.08 6.68 -28.16
C ASP C 22 0.20 5.40 -28.94
N LYS C 23 -0.73 5.00 -29.80
CA LYS C 23 -0.47 3.95 -30.77
C LYS C 23 0.48 4.56 -31.82
N LYS C 24 0.24 5.83 -32.16
CA LYS C 24 1.14 6.60 -32.99
C LYS C 24 2.47 6.93 -32.28
N GLY C 25 2.62 6.51 -31.03
CA GLY C 25 3.86 6.78 -30.25
C GLY C 25 3.93 8.12 -29.52
N ASN C 26 2.97 8.99 -29.83
CA ASN C 26 2.81 10.29 -29.16
C ASN C 26 2.42 10.16 -27.70
N VAL C 27 2.93 11.04 -26.84
CA VAL C 27 2.61 10.88 -25.42
C VAL C 27 1.41 11.75 -24.99
N ILE C 28 0.42 11.11 -24.36
CA ILE C 28 -0.84 11.77 -24.02
C ILE C 28 -1.27 11.47 -22.58
N GLY C 29 -2.26 12.23 -22.11
CA GLY C 29 -2.83 12.03 -20.77
C GLY C 29 -3.15 13.30 -19.99
N PHE C 30 -3.58 13.09 -18.73
CA PHE C 30 -3.97 14.16 -17.81
C PHE C 30 -2.84 15.17 -17.63
N ASP C 31 -1.66 14.67 -17.26
CA ASP C 31 -0.48 15.50 -17.05
C ASP C 31 -0.01 16.16 -18.33
N VAL C 32 -0.28 15.54 -19.47
CA VAL C 32 0.17 16.09 -20.72
C VAL C 32 -0.70 17.30 -21.04
N ASP C 33 -2.01 17.14 -20.97
CA ASP C 33 -2.93 18.28 -21.03
C ASP C 33 -2.64 19.35 -19.96
N LEU C 34 -2.35 18.91 -18.74
CA LEU C 34 -1.97 19.81 -17.68
C LEU C 34 -0.76 20.65 -18.11
N ALA C 35 0.20 19.98 -18.75
CA ALA C 35 1.41 20.63 -19.25
C ALA C 35 1.20 21.58 -20.44
N ARG C 36 0.16 21.36 -21.26
CA ARG C 36 -0.16 22.27 -22.38
C ARG C 36 -0.73 23.58 -21.88
N GLU C 37 -1.67 23.46 -20.94
CA GLU C 37 -2.20 24.59 -20.18
C GLU C 37 -1.11 25.45 -19.58
N MSE C 38 -0.25 24.82 -18.80
CA MSE C 38 0.85 25.51 -18.17
C MSE C 38 1.70 26.27 -19.19
O MSE C 38 1.97 27.44 -19.00
CB MSE C 38 1.69 24.52 -17.39
CG MSE C 38 2.51 25.14 -16.34
SE MSE C 38 3.34 23.67 -15.40
CE MSE C 38 5.08 24.46 -15.11
N ALA C 39 2.09 25.59 -20.25
CA ALA C 39 2.80 26.22 -21.35
C ALA C 39 2.02 27.44 -21.84
N LYS C 40 0.74 27.22 -22.17
CA LYS C 40 -0.10 28.30 -22.66
C LYS C 40 -0.15 29.45 -21.67
N ALA C 41 -0.42 29.15 -20.40
CA ALA C 41 -0.62 30.19 -19.39
C ALA C 41 0.67 30.97 -19.18
N MSE C 42 1.79 30.29 -19.40
CA MSE C 42 3.11 30.90 -19.43
C MSE C 42 3.48 31.50 -20.79
O MSE C 42 4.58 32.06 -20.94
CB MSE C 42 4.16 29.84 -19.10
CG MSE C 42 4.57 29.76 -17.66
SE MSE C 42 5.54 28.09 -17.34
CE MSE C 42 6.15 28.56 -15.55
N GLY C 43 2.58 31.41 -21.77
CA GLY C 43 2.90 31.77 -23.15
C GLY C 43 4.25 31.28 -23.61
N VAL C 44 4.42 29.96 -23.64
CA VAL C 44 5.69 29.32 -23.98
C VAL C 44 5.47 27.94 -24.64
N LYS C 45 6.47 27.45 -25.38
CA LYS C 45 6.39 26.15 -26.12
C LYS C 45 6.48 24.97 -25.15
N LEU C 46 5.68 23.93 -25.36
CA LEU C 46 5.86 22.72 -24.55
C LEU C 46 6.88 21.74 -25.22
N LYS C 47 7.79 21.21 -24.40
CA LYS C 47 8.51 20.00 -24.76
C LYS C 47 8.44 18.98 -23.66
N LEU C 48 8.27 17.74 -24.04
CA LEU C 48 8.31 16.66 -23.13
C LEU C 48 9.58 15.94 -23.24
N VAL C 49 10.12 15.49 -22.14
CA VAL C 49 11.22 14.63 -22.17
C VAL C 49 10.81 13.41 -21.46
N PRO C 50 10.76 12.26 -22.10
CA PRO C 50 10.41 11.06 -21.41
C PRO C 50 11.55 10.45 -20.69
N THR C 51 11.28 9.92 -19.53
CA THR C 51 12.31 9.38 -18.74
C THR C 51 11.85 8.30 -17.83
N SER C 52 12.74 7.42 -17.45
CA SER C 52 12.38 6.40 -16.53
C SER C 52 12.26 6.91 -15.15
N TRP C 53 11.42 6.26 -14.42
CA TRP C 53 11.16 6.74 -13.09
C TRP C 53 12.42 7.14 -12.35
N ASP C 54 13.45 6.31 -12.46
CA ASP C 54 14.63 6.48 -11.66
C ASP C 54 15.50 7.64 -12.15
N GLY C 55 15.15 8.20 -13.31
CA GLY C 55 15.95 9.31 -13.89
C GLY C 55 15.25 10.66 -13.71
N LEU C 56 14.04 10.61 -13.16
CA LEU C 56 13.21 11.78 -12.99
C LEU C 56 13.82 12.83 -12.08
N ILE C 57 14.01 12.50 -10.80
CA ILE C 57 14.59 13.47 -9.88
C ILE C 57 15.98 13.99 -10.28
N PRO C 58 16.99 13.10 -10.50
CA PRO C 58 18.30 13.58 -11.03
C PRO C 58 18.15 14.39 -12.33
N GLY C 59 17.30 13.95 -13.22
CA GLY C 59 17.04 14.75 -14.40
C GLY C 59 16.60 16.15 -14.00
N LEU C 60 15.70 16.25 -13.03
CA LEU C 60 15.18 17.53 -12.64
C LEU C 60 16.28 18.29 -11.94
N VAL C 61 16.85 17.67 -10.92
CA VAL C 61 17.94 18.24 -10.17
C VAL C 61 19.10 18.72 -11.06
N THR C 62 19.25 18.09 -12.22
CA THR C 62 20.38 18.31 -13.11
C THR C 62 19.96 19.22 -14.24
N GLU C 63 18.64 19.53 -14.29
CA GLU C 63 18.13 20.52 -15.26
C GLU C 63 18.02 19.94 -16.69
N LYS C 64 17.83 18.62 -16.75
CA LYS C 64 17.39 17.96 -17.95
C LYS C 64 16.01 18.53 -18.30
N PHE C 65 15.26 18.94 -17.28
CA PHE C 65 13.98 19.62 -17.46
C PHE C 65 13.65 20.56 -16.29
N ASP C 66 12.56 21.33 -16.43
CA ASP C 66 12.28 22.40 -15.45
C ASP C 66 11.32 21.90 -14.42
N ILE C 67 10.46 20.97 -14.84
CA ILE C 67 9.44 20.50 -13.95
C ILE C 67 9.17 19.01 -14.15
N ILE C 68 8.71 18.35 -13.09
CA ILE C 68 8.20 16.97 -13.19
C ILE C 68 6.68 17.00 -13.01
N ILE C 69 5.99 16.35 -13.91
CA ILE C 69 4.58 16.13 -13.85
C ILE C 69 4.30 14.69 -14.26
N SER C 70 4.51 13.78 -13.35
CA SER C 70 4.30 12.37 -13.51
C SER C 70 3.40 11.74 -12.53
N GLY C 71 2.47 12.45 -11.97
CA GLY C 71 1.71 11.86 -10.89
C GLY C 71 2.51 11.41 -9.71
N MSE C 72 3.49 12.19 -9.33
CA MSE C 72 4.40 11.82 -8.29
C MSE C 72 3.98 12.11 -6.86
O MSE C 72 3.83 13.20 -6.49
CB MSE C 72 5.70 12.51 -8.60
CG MSE C 72 6.86 12.20 -7.73
SE MSE C 72 8.38 12.97 -8.32
CE MSE C 72 9.44 12.49 -7.08
N THR C 73 3.84 11.08 -6.06
CA THR C 73 3.60 11.22 -4.63
C THR C 73 4.56 12.18 -3.92
N ILE C 74 3.98 13.15 -3.21
CA ILE C 74 4.76 14.07 -2.37
C ILE C 74 5.20 13.29 -1.13
N SER C 75 6.30 12.55 -1.23
CA SER C 75 6.77 11.80 -0.07
C SER C 75 7.82 12.65 0.66
N GLN C 76 8.00 12.41 1.95
CA GLN C 76 8.93 13.23 2.73
C GLN C 76 10.35 12.94 2.34
N GLU C 77 10.58 11.77 1.76
CA GLU C 77 11.92 11.43 1.36
C GLU C 77 12.27 12.27 0.18
N ARG C 78 11.47 12.14 -0.87
CA ARG C 78 11.78 12.82 -2.10
C ARG C 78 11.79 14.31 -1.87
N ASN C 79 10.83 14.78 -1.08
CA ASN C 79 10.71 16.20 -0.77
C ASN C 79 11.99 16.82 -0.20
N LEU C 80 12.90 15.99 0.30
CA LEU C 80 14.28 16.42 0.65
C LEU C 80 15.19 16.77 -0.57
N ARG C 81 14.89 16.22 -1.76
CA ARG C 81 15.72 16.45 -2.94
C ARG C 81 15.10 17.52 -3.87
N VAL C 82 13.79 17.55 -3.92
CA VAL C 82 13.09 18.59 -4.64
C VAL C 82 12.03 19.27 -3.78
N ASN C 83 11.49 20.37 -4.27
CA ASN C 83 10.34 21.01 -3.71
C ASN C 83 9.10 20.56 -4.44
N PHE C 84 8.01 20.41 -3.70
CA PHE C 84 6.76 20.06 -4.36
C PHE C 84 5.82 21.21 -4.23
N VAL C 85 5.13 21.44 -5.35
CA VAL C 85 3.98 22.29 -5.47
C VAL C 85 2.92 21.63 -4.66
N GLU C 86 1.82 22.33 -4.45
CA GLU C 86 0.71 21.79 -3.71
C GLU C 86 0.01 20.63 -4.45
N PRO C 87 -0.64 19.74 -3.71
CA PRO C 87 -1.22 18.58 -4.41
C PRO C 87 -2.33 18.95 -5.36
N TYR C 88 -2.28 18.42 -6.60
CA TYR C 88 -3.33 18.62 -7.61
C TYR C 88 -4.32 17.47 -7.76
N ILE C 89 -4.02 16.37 -7.09
CA ILE C 89 -4.94 15.24 -7.00
C ILE C 89 -4.48 14.39 -5.84
N VAL C 90 -5.40 13.66 -5.24
CA VAL C 90 -5.09 12.85 -4.07
C VAL C 90 -5.45 11.42 -4.36
N VAL C 91 -4.60 10.52 -3.92
CA VAL C 91 -4.57 9.17 -4.46
C VAL C 91 -4.24 8.15 -3.37
N GLY C 92 -4.52 6.89 -3.62
CA GLY C 92 -4.07 5.82 -2.72
C GLY C 92 -3.96 4.49 -3.43
N GLN C 93 -3.39 3.50 -2.74
CA GLN C 93 -3.15 2.24 -3.41
C GLN C 93 -4.28 1.28 -3.16
N SER C 94 -4.82 0.77 -4.26
CA SER C 94 -5.72 -0.35 -4.19
C SER C 94 -5.00 -1.59 -4.68
N LEU C 95 -5.74 -2.67 -4.81
CA LEU C 95 -5.20 -3.97 -5.19
C LEU C 95 -5.98 -4.53 -6.35
N LEU C 96 -5.27 -5.21 -7.25
CA LEU C 96 -5.89 -6.08 -8.25
C LEU C 96 -5.53 -7.53 -7.91
N VAL C 97 -6.52 -8.41 -7.87
CA VAL C 97 -6.31 -9.78 -7.47
C VAL C 97 -6.79 -10.73 -8.55
N LYS C 98 -6.22 -11.93 -8.59
CA LYS C 98 -6.73 -13.02 -9.42
C LYS C 98 -8.16 -13.25 -8.97
N LYS C 99 -9.01 -13.70 -9.89
CA LYS C 99 -10.38 -13.95 -9.53
C LYS C 99 -10.46 -15.10 -8.55
N GLY C 100 -11.23 -14.92 -7.48
CA GLY C 100 -11.40 -16.00 -6.52
C GLY C 100 -10.77 -15.77 -5.15
N LEU C 101 -9.58 -15.16 -5.08
CA LEU C 101 -9.01 -14.91 -3.74
C LEU C 101 -9.61 -13.67 -3.04
N GLU C 102 -10.45 -12.94 -3.77
CA GLU C 102 -11.19 -11.81 -3.21
C GLU C 102 -12.26 -12.27 -2.22
N LYS C 103 -12.65 -13.54 -2.30
CA LYS C 103 -13.74 -14.09 -1.49
C LYS C 103 -13.42 -14.00 0.00
N GLY C 104 -14.41 -13.52 0.76
CA GLY C 104 -14.31 -13.39 2.22
C GLY C 104 -13.27 -12.41 2.74
N VAL C 105 -12.66 -11.60 1.86
CA VAL C 105 -11.75 -10.58 2.35
C VAL C 105 -12.54 -9.39 2.80
N LYS C 106 -12.27 -9.02 4.03
CA LYS C 106 -12.86 -7.88 4.63
C LYS C 106 -11.82 -6.82 4.82
N SER C 107 -10.56 -7.22 4.85
CA SER C 107 -9.49 -6.31 5.06
C SER C 107 -8.40 -6.70 4.13
N TYR C 108 -7.48 -5.81 3.87
CA TYR C 108 -6.36 -6.11 3.04
C TYR C 108 -5.46 -7.00 3.78
N LYS C 109 -5.69 -7.09 5.06
CA LYS C 109 -4.73 -7.62 5.96
C LYS C 109 -4.75 -9.09 5.87
N ASP C 110 -5.79 -9.62 5.30
CA ASP C 110 -5.80 -11.02 5.21
C ASP C 110 -5.47 -11.42 3.82
N LEU C 111 -4.46 -10.80 3.27
CA LEU C 111 -3.90 -11.21 2.06
C LEU C 111 -2.46 -11.14 2.37
N ASP C 112 -2.14 -10.92 3.62
CA ASP C 112 -0.79 -10.70 4.04
C ASP C 112 -0.26 -12.01 4.50
N LYS C 113 -0.47 -12.97 3.64
CA LYS C 113 -0.27 -14.35 3.91
C LYS C 113 0.99 -14.75 3.20
N PRO C 114 1.75 -15.65 3.77
CA PRO C 114 3.02 -16.12 3.22
C PRO C 114 2.98 -16.82 1.88
N GLU C 115 1.90 -17.46 1.53
CA GLU C 115 1.80 -18.21 0.27
C GLU C 115 1.38 -17.33 -0.89
N LEU C 116 1.44 -16.01 -0.69
CA LEU C 116 0.93 -15.09 -1.68
C LEU C 116 2.03 -14.14 -2.17
N THR C 117 1.93 -13.81 -3.45
CA THR C 117 2.97 -13.08 -4.12
C THR C 117 2.31 -11.83 -4.63
N LEU C 118 2.97 -10.72 -4.34
CA LEU C 118 2.45 -9.42 -4.59
C LEU C 118 3.42 -8.80 -5.57
N VAL C 119 2.89 -8.22 -6.63
CA VAL C 119 3.75 -7.57 -7.60
C VAL C 119 3.32 -6.13 -7.84
N THR C 120 4.31 -5.21 -7.80
CA THR C 120 4.28 -3.89 -8.42
C THR C 120 5.55 -3.65 -9.21
N LYS C 121 5.69 -2.41 -9.68
CA LYS C 121 6.89 -1.87 -10.31
C LYS C 121 7.94 -1.43 -9.28
N PHE C 122 9.20 -1.56 -9.63
CA PHE C 122 10.28 -1.22 -8.73
C PHE C 122 10.47 0.29 -8.50
N GLY C 123 10.68 0.69 -7.26
CA GLY C 123 11.21 2.04 -6.98
C GLY C 123 10.14 3.10 -6.97
N VAL C 124 8.94 2.69 -6.58
CA VAL C 124 7.75 3.49 -6.70
C VAL C 124 7.03 3.49 -5.34
N SER C 125 6.04 4.38 -5.18
CA SER C 125 5.24 4.46 -3.94
C SER C 125 4.68 3.13 -3.50
N ALA C 126 4.02 2.43 -4.44
CA ALA C 126 3.40 1.16 -4.11
C ALA C 126 4.41 0.18 -3.54
N GLU C 127 5.65 0.20 -4.02
CA GLU C 127 6.62 -0.70 -3.44
C GLU C 127 6.77 -0.39 -1.97
N TYR C 128 6.92 0.89 -1.64
CA TYR C 128 7.22 1.33 -0.29
C TYR C 128 5.98 1.03 0.57
N ALA C 129 4.80 1.31 0.03
CA ALA C 129 3.54 0.86 0.61
C ALA C 129 3.50 -0.63 0.89
N ALA C 130 4.01 -1.42 -0.06
CA ALA C 130 3.95 -2.87 0.00
C ALA C 130 4.79 -3.38 1.15
N LYS C 131 6.01 -2.91 1.26
CA LYS C 131 6.89 -3.29 2.37
C LYS C 131 6.43 -2.78 3.75
N ARG C 132 5.62 -1.73 3.77
CA ARG C 132 5.10 -1.18 5.03
C ARG C 132 3.78 -1.86 5.38
N LEU C 133 3.00 -2.08 4.36
CA LEU C 133 1.77 -2.78 4.47
C LEU C 133 1.73 -4.27 4.68
N PHE C 134 2.61 -5.02 4.08
CA PHE C 134 2.42 -6.45 4.11
C PHE C 134 3.26 -7.32 5.01
N LYS C 135 4.46 -7.63 4.63
CA LYS C 135 5.40 -8.24 5.54
C LYS C 135 5.25 -9.70 5.80
N ASN C 136 4.31 -10.33 5.14
CA ASN C 136 4.19 -11.75 5.12
C ASN C 136 4.33 -12.29 3.73
N ALA C 137 3.57 -11.68 2.85
CA ALA C 137 3.46 -12.04 1.47
C ALA C 137 4.75 -11.84 0.79
N LYS C 138 5.10 -12.71 -0.14
CA LYS C 138 6.31 -12.55 -0.89
C LYS C 138 6.16 -11.35 -1.78
N LEU C 139 7.19 -10.54 -1.91
CA LEU C 139 7.08 -9.42 -2.79
C LEU C 139 8.09 -9.37 -3.90
N LYS C 140 7.60 -9.31 -5.11
CA LYS C 140 8.46 -9.17 -6.27
C LYS C 140 8.15 -7.86 -6.99
N THR C 141 9.17 -7.28 -7.60
CA THR C 141 9.06 -5.99 -8.26
C THR C 141 9.55 -6.10 -9.73
N TYR C 142 9.09 -5.18 -10.57
CA TYR C 142 9.38 -5.24 -12.02
C TYR C 142 9.66 -3.85 -12.59
N ASP C 143 9.88 -3.75 -13.90
CA ASP C 143 10.35 -2.49 -14.47
C ASP C 143 9.22 -1.57 -14.91
N THR C 144 8.01 -2.10 -15.00
CA THR C 144 6.86 -1.32 -15.47
C THR C 144 5.57 -1.75 -14.79
N GLU C 145 4.55 -0.92 -14.88
CA GLU C 145 3.22 -1.28 -14.37
C GLU C 145 2.75 -2.47 -15.19
N ALA C 146 3.00 -2.41 -16.50
CA ALA C 146 2.51 -3.42 -17.44
C ALA C 146 3.15 -4.81 -17.21
N GLU C 147 4.47 -4.86 -17.14
CA GLU C 147 5.13 -6.13 -16.85
C GLU C 147 4.46 -6.79 -15.63
N ALA C 148 4.26 -5.99 -14.57
CA ALA C 148 3.78 -6.48 -13.27
C ALA C 148 2.35 -7.04 -13.25
N VAL C 149 1.37 -6.34 -13.83
CA VAL C 149 0.04 -6.92 -13.80
C VAL C 149 -0.01 -8.20 -14.65
N GLN C 150 0.84 -8.26 -15.68
CA GLN C 150 0.98 -9.47 -16.49
C GLN C 150 1.29 -10.71 -15.66
N GLU C 151 2.11 -10.58 -14.62
CA GLU C 151 2.43 -11.71 -13.76
C GLU C 151 1.19 -12.35 -13.14
N VAL C 152 0.15 -11.56 -12.90
CA VAL C 152 -1.05 -12.09 -12.24
C VAL C 152 -2.06 -12.58 -13.28
N LEU C 153 -2.25 -11.77 -14.31
CA LEU C 153 -2.95 -12.17 -15.54
C LEU C 153 -2.49 -13.51 -16.10
N ASN C 154 -1.21 -13.80 -15.99
CA ASN C 154 -0.69 -14.97 -16.66
C ASN C 154 -0.46 -16.13 -15.71
N GLY C 155 -0.89 -15.94 -14.46
CA GLY C 155 -0.82 -16.95 -13.42
C GLY C 155 0.45 -16.97 -12.56
N LYS C 156 1.40 -16.07 -12.81
CA LYS C 156 2.64 -16.10 -12.06
C LYS C 156 2.54 -15.46 -10.68
N ALA C 157 1.70 -14.42 -10.57
CA ALA C 157 1.42 -13.81 -9.27
C ALA C 157 -0.05 -13.90 -8.90
N ASP C 158 -0.31 -13.71 -7.62
CA ASP C 158 -1.65 -13.75 -7.07
C ASP C 158 -2.28 -12.38 -7.14
N MSE C 159 -1.47 -11.33 -6.98
CA MSE C 159 -2.03 -9.99 -6.84
C MSE C 159 -1.08 -8.83 -7.13
O MSE C 159 0.15 -8.96 -7.04
CB MSE C 159 -2.59 -9.82 -5.45
CG MSE C 159 -1.55 -10.03 -4.39
SE MSE C 159 -2.33 -9.92 -2.63
CE MSE C 159 -0.83 -10.66 -1.58
N PHE C 160 -1.67 -7.70 -7.45
CA PHE C 160 -0.96 -6.50 -7.89
C PHE C 160 -1.48 -5.24 -7.14
N ILE C 161 -0.53 -4.42 -6.69
CA ILE C 161 -0.83 -3.21 -5.94
C ILE C 161 -0.32 -1.99 -6.71
N PHE C 162 -1.10 -0.92 -6.74
CA PHE C 162 -0.68 0.34 -7.35
C PHE C 162 -1.65 1.48 -7.01
N ASP C 163 -1.31 2.70 -7.40
CA ASP C 163 -2.23 3.80 -7.25
C ASP C 163 -3.59 3.46 -7.86
N LEU C 164 -4.63 3.86 -7.15
CA LEU C 164 -6.00 3.57 -7.50
C LEU C 164 -6.44 3.92 -8.94
N PRO C 165 -5.95 5.04 -9.50
CA PRO C 165 -6.47 5.38 -10.84
C PRO C 165 -5.82 4.57 -11.93
N PHE C 166 -4.74 3.87 -11.61
CA PHE C 166 -4.15 3.00 -12.61
C PHE C 166 -5.01 1.76 -12.63
N ASN C 167 -5.44 1.36 -11.45
CA ASN C 167 -6.25 0.17 -11.30
C ASN C 167 -7.57 0.26 -12.03
N VAL C 168 -8.24 1.41 -11.95
CA VAL C 168 -9.57 1.58 -12.53
C VAL C 168 -9.49 1.83 -14.03
N ALA C 169 -8.39 2.44 -14.48
CA ALA C 169 -8.12 2.55 -15.92
C ALA C 169 -7.96 1.17 -16.49
N PHE C 170 -7.19 0.34 -15.77
CA PHE C 170 -6.87 -1.00 -16.22
C PHE C 170 -8.09 -1.90 -16.28
N MSE C 171 -8.94 -1.82 -15.27
CA MSE C 171 -10.14 -2.64 -15.22
C MSE C 171 -10.97 -2.40 -16.46
O MSE C 171 -11.57 -3.32 -17.00
CB MSE C 171 -10.96 -2.35 -13.97
CG MSE C 171 -10.39 -2.98 -12.73
SE MSE C 171 -10.00 -4.89 -12.93
CE MSE C 171 -11.83 -5.62 -12.86
N ALA C 172 -10.98 -1.14 -16.90
CA ALA C 172 -11.80 -0.72 -18.02
C ALA C 172 -11.25 -1.24 -19.36
N GLN C 173 -9.93 -1.26 -19.51
CA GLN C 173 -9.34 -1.60 -20.79
C GLN C 173 -9.08 -3.09 -21.01
N LYS C 174 -8.71 -3.80 -19.94
CA LYS C 174 -8.26 -5.20 -20.07
C LYS C 174 -8.70 -6.09 -18.90
N GLY C 175 -8.82 -5.49 -17.72
CA GLY C 175 -9.02 -6.25 -16.49
C GLY C 175 -10.40 -6.82 -16.20
N GLN C 176 -11.45 -6.23 -16.79
CA GLN C 176 -12.81 -6.59 -16.39
C GLN C 176 -13.02 -8.10 -16.31
N GLY C 177 -12.73 -8.82 -17.39
CA GLY C 177 -12.93 -10.27 -17.41
C GLY C 177 -12.16 -11.08 -16.38
N TYR C 178 -10.87 -10.82 -16.26
CA TYR C 178 -9.93 -11.76 -15.66
C TYR C 178 -9.43 -11.38 -14.26
N LEU C 179 -9.60 -10.10 -13.88
CA LEU C 179 -9.21 -9.59 -12.55
C LEU C 179 -10.35 -9.01 -11.70
N VAL C 180 -10.06 -8.76 -10.42
CA VAL C 180 -10.99 -8.08 -9.55
C VAL C 180 -10.28 -6.99 -8.75
N HIS C 181 -10.88 -5.79 -8.74
CA HIS C 181 -10.33 -4.61 -8.11
C HIS C 181 -10.90 -4.35 -6.70
N LEU C 182 -10.00 -4.43 -5.71
CA LEU C 182 -10.29 -4.14 -4.30
C LEU C 182 -9.90 -2.70 -4.04
N ASP C 183 -10.88 -1.82 -4.22
CA ASP C 183 -10.61 -0.42 -4.41
C ASP C 183 -10.37 0.35 -3.13
N THR C 184 -10.71 -0.22 -1.98
CA THR C 184 -10.37 0.40 -0.71
C THR C 184 -8.95 0.93 -0.79
N SER C 185 -8.83 2.25 -0.55
CA SER C 185 -7.56 2.93 -0.61
C SER C 185 -6.77 2.52 0.62
N LEU C 186 -5.45 2.34 0.49
CA LEU C 186 -4.64 1.94 1.65
C LEU C 186 -3.61 2.95 2.08
N THR C 187 -3.44 4.03 1.34
CA THR C 187 -2.46 5.02 1.72
C THR C 187 -3.04 6.35 1.33
N TYR C 188 -2.56 7.41 1.96
CA TYR C 188 -2.94 8.76 1.62
C TYR C 188 -1.74 9.33 0.88
N GLU C 189 -1.91 9.52 -0.42
CA GLU C 189 -0.83 9.90 -1.30
C GLU C 189 -1.27 11.08 -2.15
N PRO C 190 -0.87 12.28 -1.72
CA PRO C 190 -1.05 13.42 -2.58
C PRO C 190 0.03 13.40 -3.62
N LEU C 191 -0.33 13.75 -4.87
CA LEU C 191 0.62 13.98 -5.94
C LEU C 191 0.74 15.49 -6.20
N GLY C 192 1.97 15.95 -6.32
CA GLY C 192 2.23 17.29 -6.78
C GLY C 192 3.30 17.27 -7.86
N TRP C 193 3.48 18.41 -8.53
CA TRP C 193 4.57 18.65 -9.44
C TRP C 193 5.79 19.04 -8.62
N ALA C 194 6.96 18.53 -9.07
CA ALA C 194 8.23 18.80 -8.44
C ALA C 194 9.10 19.71 -9.33
N ILE C 195 9.93 20.51 -8.68
CA ILE C 195 10.83 21.46 -9.30
C ILE C 195 12.07 21.51 -8.41
N LYS C 196 13.19 21.97 -8.91
CA LYS C 196 14.34 21.92 -8.04
C LYS C 196 14.41 23.08 -7.07
N LYS C 197 15.08 22.87 -5.95
CA LYS C 197 15.10 23.84 -4.90
C LYS C 197 15.69 25.20 -5.28
N GLY C 198 15.54 26.15 -4.35
CA GLY C 198 16.18 27.45 -4.47
C GLY C 198 15.41 28.28 -5.45
N ASP C 199 14.18 27.87 -5.76
CA ASP C 199 13.33 28.70 -6.61
C ASP C 199 11.88 28.90 -6.15
N PRO C 200 11.68 29.80 -5.16
CA PRO C 200 10.38 30.15 -4.61
C PRO C 200 9.47 30.93 -5.56
N ASP C 201 10.04 31.67 -6.52
CA ASP C 201 9.22 32.41 -7.50
C ASP C 201 8.41 31.51 -8.39
N PHE C 202 9.00 30.36 -8.70
CA PHE C 202 8.36 29.41 -9.58
C PHE C 202 7.22 28.87 -8.78
N LEU C 203 7.49 28.47 -7.54
CA LEU C 203 6.47 27.86 -6.70
C LEU C 203 5.26 28.77 -6.58
N ASN C 204 5.49 30.05 -6.27
CA ASN C 204 4.43 31.01 -6.24
C ASN C 204 3.60 30.85 -7.51
N TRP C 205 4.24 30.96 -8.67
CA TRP C 205 3.52 30.81 -9.95
C TRP C 205 2.82 29.47 -10.10
N LEU C 206 3.49 28.39 -9.77
CA LEU C 206 2.88 27.11 -9.94
C LEU C 206 1.61 26.93 -9.12
N ASN C 207 1.64 27.32 -7.86
CA ASN C 207 0.51 27.26 -6.93
C ASN C 207 -0.70 28.07 -7.38
N HIS C 208 -0.50 29.34 -7.73
CA HIS C 208 -1.59 30.15 -8.21
C HIS C 208 -2.17 29.52 -9.46
N PHE C 209 -1.31 29.16 -10.41
CA PHE C 209 -1.77 28.49 -11.63
C PHE C 209 -2.51 27.21 -11.34
N LEU C 210 -2.30 26.62 -10.15
CA LEU C 210 -3.08 25.45 -9.77
C LEU C 210 -4.46 25.88 -9.24
N ALA C 211 -4.46 26.77 -8.26
CA ALA C 211 -5.71 27.38 -7.78
C ALA C 211 -6.60 27.87 -8.92
N GLN C 212 -6.05 28.61 -9.88
CA GLN C 212 -6.84 29.02 -11.05
C GLN C 212 -7.55 27.82 -11.66
N ILE C 213 -6.80 26.90 -12.26
CA ILE C 213 -7.50 25.83 -12.97
C ILE C 213 -8.51 25.07 -12.09
N LYS C 214 -8.22 24.89 -10.80
CA LYS C 214 -9.22 24.27 -9.93
C LYS C 214 -10.52 25.08 -9.70
N HIS C 215 -10.53 26.38 -9.99
CA HIS C 215 -11.77 27.17 -9.82
C HIS C 215 -12.28 27.74 -11.14
N ASP C 216 -11.50 27.53 -12.20
CA ASP C 216 -11.77 27.89 -13.60
C ASP C 216 -12.80 27.02 -14.30
N GLY C 217 -12.99 25.82 -13.79
CA GLY C 217 -13.61 24.78 -14.58
C GLY C 217 -12.68 24.02 -15.55
N SER C 218 -11.42 24.45 -15.71
CA SER C 218 -10.45 23.86 -16.64
C SER C 218 -9.97 22.50 -16.16
N TYR C 219 -9.61 22.47 -14.86
CA TYR C 219 -9.22 21.26 -14.16
C TYR C 219 -10.29 20.16 -14.16
N ASP C 220 -11.53 20.54 -13.87
CA ASP C 220 -12.64 19.62 -13.79
C ASP C 220 -12.96 19.03 -15.15
N GLU C 221 -12.76 19.78 -16.23
CA GLU C 221 -12.90 19.21 -17.55
C GLU C 221 -11.86 18.12 -17.77
N LEU C 222 -10.59 18.44 -17.52
CA LEU C 222 -9.55 17.47 -17.78
C LEU C 222 -9.76 16.24 -16.91
N TYR C 223 -10.23 16.48 -15.68
CA TYR C 223 -10.44 15.39 -14.72
C TYR C 223 -11.60 14.51 -15.21
N GLU C 224 -12.56 15.13 -15.88
CA GLU C 224 -13.69 14.39 -16.41
C GLU C 224 -13.23 13.53 -17.54
N ARG C 225 -12.34 14.10 -18.33
CA ARG C 225 -11.82 13.48 -19.54
C ARG C 225 -11.04 12.20 -19.25
N TRP C 226 -10.23 12.23 -18.21
CA TRP C 226 -9.27 11.14 -18.03
C TRP C 226 -9.66 10.14 -16.96
N PHE C 227 -10.63 10.52 -16.13
CA PHE C 227 -10.97 9.73 -14.94
C PHE C 227 -12.41 9.25 -14.87
N VAL C 228 -13.31 9.86 -15.64
CA VAL C 228 -14.68 9.41 -15.69
C VAL C 228 -14.98 8.91 -17.10
N ASP C 229 -14.56 9.68 -18.10
CA ASP C 229 -14.85 9.36 -19.48
C ASP C 229 -13.98 8.22 -19.97
N THR C 230 -14.46 7.58 -21.03
CA THR C 230 -13.86 6.36 -21.57
C THR C 230 -13.50 6.44 -23.06
N LYS C 231 -13.78 7.57 -23.71
CA LYS C 231 -13.40 7.76 -25.10
C LYS C 231 -11.89 7.56 -25.27
N TRP C 232 -11.11 8.21 -24.42
CA TRP C 232 -9.64 8.18 -24.53
C TRP C 232 -9.03 6.80 -24.77
N LEU C 233 -9.69 5.75 -24.27
CA LEU C 233 -9.20 4.37 -24.32
C LEU C 233 -8.87 3.77 -25.70
N GLU C 234 -9.57 4.21 -26.76
CA GLU C 234 -9.03 3.99 -28.11
C GLU C 234 -7.92 5.04 -28.32
N LYS C 235 -6.73 4.75 -27.79
CA LYS C 235 -5.54 5.62 -27.90
C LYS C 235 -5.79 6.94 -28.66
N LEU D 3 20.17 19.28 5.43
CA LEU D 3 20.81 19.08 6.76
C LEU D 3 20.94 17.58 7.13
N ARG D 4 22.18 17.15 7.35
CA ARG D 4 22.55 15.75 7.61
C ARG D 4 23.17 15.56 9.00
N GLY D 5 22.79 14.46 9.65
CA GLY D 5 23.33 14.11 10.95
C GLY D 5 22.21 14.01 11.96
N GLU D 6 21.80 15.17 12.48
CA GLU D 6 20.71 15.22 13.46
C GLU D 6 19.82 16.43 13.29
N LEU D 7 18.61 16.34 13.83
CA LEU D 7 17.68 17.45 13.79
C LEU D 7 17.63 18.05 15.18
N ARG D 8 18.10 19.28 15.30
CA ARG D 8 18.12 19.93 16.61
C ARG D 8 16.87 20.78 16.80
N VAL D 9 16.21 20.57 17.92
CA VAL D 9 14.94 21.17 18.16
C VAL D 9 15.06 21.88 19.48
N GLY D 10 14.73 23.16 19.46
CA GLY D 10 14.77 23.94 20.68
C GLY D 10 13.38 24.01 21.24
N LEU D 11 13.26 23.84 22.54
CA LEU D 11 12.00 24.03 23.18
C LEU D 11 12.22 24.37 24.64
N GLU D 12 11.18 24.93 25.25
CA GLU D 12 11.20 25.18 26.69
C GLU D 12 10.13 24.39 27.42
N PRO D 13 10.53 23.41 28.22
CA PRO D 13 9.58 22.62 29.03
C PRO D 13 8.83 23.45 30.08
N GLY D 14 7.60 23.06 30.39
CA GLY D 14 6.73 23.80 31.29
C GLY D 14 5.30 23.84 30.76
N TYR D 15 5.17 23.68 29.43
CA TYR D 15 3.90 23.87 28.71
C TYR D 15 3.23 22.53 28.46
N LEU D 16 2.54 22.07 29.51
CA LEU D 16 1.66 20.92 29.47
C LEU D 16 0.71 21.19 28.35
N PRO D 17 0.39 20.20 27.53
CA PRO D 17 0.95 18.86 27.34
C PRO D 17 2.03 18.81 26.23
N PHE D 18 2.41 19.96 25.70
CA PHE D 18 3.38 20.06 24.63
C PHE D 18 4.77 19.58 25.05
N GLU D 19 5.34 20.19 26.10
CA GLU D 19 6.65 19.75 26.62
C GLU D 19 6.69 19.94 28.11
N MSE D 20 7.03 18.88 28.81
CA MSE D 20 7.41 18.96 30.20
C MSE D 20 8.47 17.92 30.38
O MSE D 20 8.73 17.15 29.46
CB MSE D 20 6.21 18.69 31.12
CG MSE D 20 5.65 17.27 31.03
SE MSE D 20 3.99 17.00 29.98
CE MSE D 20 4.10 18.33 28.60
N LYS D 21 9.10 17.92 31.55
CA LYS D 21 9.98 16.83 31.91
C LYS D 21 9.31 15.88 32.90
N ASP D 22 9.50 14.58 32.65
CA ASP D 22 8.93 13.52 33.45
C ASP D 22 9.66 13.39 34.81
N LYS D 23 9.19 12.47 35.63
CA LYS D 23 9.84 12.16 36.91
C LYS D 23 11.28 11.69 36.70
N LYS D 24 11.51 10.91 35.64
CA LYS D 24 12.86 10.43 35.30
C LYS D 24 13.88 11.53 34.98
N GLY D 25 13.42 12.66 34.45
CA GLY D 25 14.33 13.76 34.07
C GLY D 25 14.37 14.05 32.58
N ASN D 26 13.77 13.16 31.79
CA ASN D 26 13.65 13.33 30.36
C ASN D 26 12.51 14.28 30.02
N VAL D 27 12.67 14.98 28.90
CA VAL D 27 11.62 15.85 28.40
C VAL D 27 10.76 15.13 27.35
N ILE D 28 9.45 15.30 27.49
CA ILE D 28 8.46 14.57 26.72
C ILE D 28 7.20 15.41 26.52
N GLY D 29 6.27 14.90 25.72
CA GLY D 29 5.02 15.59 25.44
C GLY D 29 4.79 15.80 23.96
N PHE D 30 3.70 16.46 23.64
CA PHE D 30 3.16 16.49 22.29
C PHE D 30 4.23 16.82 21.27
N ASP D 31 4.83 18.01 21.41
CA ASP D 31 5.86 18.49 20.49
C ASP D 31 7.00 17.49 20.29
N VAL D 32 7.48 16.95 21.39
CA VAL D 32 8.43 15.87 21.39
C VAL D 32 8.09 14.70 20.45
N ASP D 33 6.87 14.16 20.55
CA ASP D 33 6.46 13.06 19.67
C ASP D 33 6.42 13.52 18.21
N LEU D 34 5.96 14.74 17.99
CA LEU D 34 6.06 15.39 16.68
C LEU D 34 7.48 15.45 16.17
N ALA D 35 8.37 15.96 17.01
CA ALA D 35 9.80 16.10 16.67
C ALA D 35 10.42 14.75 16.34
N ARG D 36 10.07 13.74 17.14
CA ARG D 36 10.51 12.37 16.92
C ARG D 36 10.02 11.87 15.56
N GLU D 37 8.75 12.12 15.26
CA GLU D 37 8.17 11.74 13.98
C GLU D 37 8.87 12.47 12.82
N MSE D 38 9.00 13.78 12.99
CA MSE D 38 9.71 14.61 12.03
C MSE D 38 11.09 14.05 11.70
O MSE D 38 11.39 13.78 10.53
CB MSE D 38 9.84 16.03 12.57
CG MSE D 38 10.21 17.03 11.54
SE MSE D 38 10.49 18.86 12.20
CE MSE D 38 8.62 19.32 12.66
N ALA D 39 11.92 13.86 12.72
CA ALA D 39 13.28 13.32 12.58
C ALA D 39 13.33 11.99 11.80
N LYS D 40 12.36 11.12 12.07
CA LYS D 40 12.28 9.84 11.39
C LYS D 40 12.00 10.03 9.91
N ALA D 41 11.27 11.08 9.56
CA ALA D 41 10.89 11.32 8.16
C ALA D 41 12.09 11.84 7.35
N MSE D 42 13.05 12.43 8.05
CA MSE D 42 14.27 12.94 7.46
C MSE D 42 15.36 11.90 7.57
O MSE D 42 16.52 12.19 7.23
CB MSE D 42 14.75 14.19 8.18
CG MSE D 42 13.71 15.25 8.44
SE MSE D 42 14.48 16.94 9.13
CE MSE D 42 12.90 17.69 9.98
N GLY D 43 15.01 10.72 8.05
CA GLY D 43 15.97 9.66 8.32
C GLY D 43 17.15 10.17 9.13
N VAL D 44 16.88 10.56 10.38
CA VAL D 44 17.86 11.27 11.20
C VAL D 44 17.59 11.15 12.73
N LYS D 45 18.61 11.45 13.51
CA LYS D 45 18.54 11.34 14.97
C LYS D 45 17.95 12.64 15.56
N LEU D 46 17.36 12.52 16.72
CA LEU D 46 16.72 13.66 17.34
C LEU D 46 17.47 14.09 18.60
N LYS D 47 17.76 15.37 18.66
CA LYS D 47 18.48 15.97 19.74
C LYS D 47 17.68 17.23 20.13
N LEU D 48 16.89 17.11 21.20
CA LEU D 48 16.24 18.28 21.75
C LEU D 48 17.31 19.12 22.42
N VAL D 49 17.08 20.43 22.44
CA VAL D 49 17.98 21.40 23.07
C VAL D 49 17.07 22.30 23.91
N PRO D 50 16.90 21.92 25.19
CA PRO D 50 15.97 22.68 26.02
C PRO D 50 16.57 24.04 26.30
N THR D 51 15.74 25.06 26.31
CA THR D 51 16.20 26.44 26.36
C THR D 51 15.13 27.28 27.01
N SER D 52 15.54 28.29 27.75
CA SER D 52 14.60 29.23 28.32
C SER D 52 13.95 29.98 27.17
N TRP D 53 12.72 30.43 27.37
CA TRP D 53 11.92 31.03 26.31
C TRP D 53 12.65 32.16 25.55
N ASP D 54 13.11 33.19 26.26
CA ASP D 54 13.79 34.31 25.64
C ASP D 54 15.00 33.89 24.80
N GLY D 55 15.56 32.72 25.10
CA GLY D 55 16.67 32.20 24.32
C GLY D 55 16.32 31.30 23.15
N LEU D 56 15.04 31.23 22.77
CA LEU D 56 14.62 30.31 21.70
C LEU D 56 14.78 30.90 20.34
N ILE D 57 14.18 32.06 20.08
CA ILE D 57 14.39 32.66 18.79
C ILE D 57 15.89 32.93 18.49
N PRO D 58 16.59 33.59 19.43
CA PRO D 58 17.96 33.91 19.13
C PRO D 58 18.84 32.68 19.08
N GLY D 59 18.36 31.58 19.66
CA GLY D 59 19.12 30.34 19.66
C GLY D 59 19.03 29.87 18.24
N LEU D 60 17.80 29.89 17.75
CA LEU D 60 17.45 29.51 16.40
C LEU D 60 18.16 30.33 15.33
N VAL D 61 17.98 31.64 15.36
CA VAL D 61 18.61 32.57 14.44
C VAL D 61 20.11 32.43 14.52
N THR D 62 20.58 32.08 15.71
CA THR D 62 22.00 31.90 15.98
C THR D 62 22.55 30.57 15.50
N GLU D 63 21.67 29.75 14.92
CA GLU D 63 21.96 28.41 14.42
C GLU D 63 22.36 27.38 15.50
N LYS D 64 21.81 27.54 16.72
CA LYS D 64 21.97 26.53 17.76
C LYS D 64 21.07 25.31 17.62
N PHE D 65 20.04 25.42 16.79
CA PHE D 65 19.17 24.28 16.48
C PHE D 65 18.37 24.72 15.28
N ASP D 66 17.72 23.78 14.62
CA ASP D 66 17.20 24.05 13.30
C ASP D 66 15.78 24.55 13.37
N ILE D 67 15.07 24.19 14.43
CA ILE D 67 13.64 24.42 14.46
C ILE D 67 13.22 24.66 15.89
N ILE D 68 12.19 25.49 16.03
CA ILE D 68 11.52 25.60 17.30
C ILE D 68 10.30 24.72 17.16
N ILE D 69 10.03 23.93 18.18
CA ILE D 69 8.78 23.28 18.42
C ILE D 69 8.40 23.42 19.88
N SER D 70 7.90 24.58 20.25
CA SER D 70 7.49 24.96 21.59
C SER D 70 6.06 25.43 21.87
N GLY D 71 5.10 25.06 21.09
CA GLY D 71 3.83 25.63 21.33
C GLY D 71 3.97 27.10 21.16
N MSE D 72 4.82 27.51 20.25
CA MSE D 72 5.01 28.90 19.84
C MSE D 72 3.90 29.49 19.00
O MSE D 72 3.37 28.86 18.16
CB MSE D 72 6.34 29.10 19.15
CG MSE D 72 6.57 30.49 18.79
SE MSE D 72 8.26 31.02 18.86
CE MSE D 72 8.83 30.00 17.53
N THR D 73 3.60 30.74 19.20
CA THR D 73 2.50 31.37 18.55
C THR D 73 2.95 32.18 17.40
N ILE D 74 2.27 32.01 16.29
CA ILE D 74 2.58 32.74 15.08
C ILE D 74 2.06 34.16 15.28
N SER D 75 2.95 35.03 15.76
CA SER D 75 2.62 36.45 15.83
C SER D 75 3.38 37.23 14.76
N GLN D 76 2.79 38.33 14.31
CA GLN D 76 3.45 39.27 13.40
C GLN D 76 4.75 39.85 13.93
N GLU D 77 4.98 39.87 15.24
CA GLU D 77 6.22 40.48 15.75
C GLU D 77 7.40 39.51 15.56
N ARG D 78 7.18 38.31 16.07
CA ARG D 78 8.10 37.23 15.96
C ARG D 78 8.38 36.97 14.49
N ASN D 79 7.32 37.02 13.72
CA ASN D 79 7.40 36.53 12.39
C ASN D 79 8.15 37.48 11.50
N LEU D 80 8.59 38.61 12.07
CA LEU D 80 9.56 39.50 11.41
C LEU D 80 10.97 38.91 11.54
N ARG D 81 11.16 38.14 12.61
CA ARG D 81 12.48 37.62 13.00
C ARG D 81 12.75 36.19 12.49
N VAL D 82 11.70 35.37 12.42
CA VAL D 82 11.79 34.03 11.93
C VAL D 82 10.58 33.72 11.03
N ASN D 83 10.56 32.53 10.42
CA ASN D 83 9.48 32.15 9.54
C ASN D 83 8.71 31.09 10.26
N PHE D 84 7.42 30.93 9.96
CA PHE D 84 6.65 29.88 10.57
C PHE D 84 6.11 29.02 9.51
N VAL D 85 6.12 27.74 9.83
CA VAL D 85 5.41 26.75 9.10
C VAL D 85 3.94 27.09 9.28
N GLU D 86 3.08 26.49 8.47
CA GLU D 86 1.64 26.59 8.63
C GLU D 86 1.29 26.10 10.05
N PRO D 87 0.16 26.58 10.63
CA PRO D 87 -0.21 26.27 12.02
C PRO D 87 -0.47 24.82 12.25
N TYR D 88 0.16 24.22 13.25
CA TYR D 88 -0.20 22.84 13.60
C TYR D 88 -1.33 22.67 14.63
N ILE D 89 -1.78 23.76 15.21
CA ILE D 89 -2.84 23.67 16.15
C ILE D 89 -3.19 25.09 16.49
N VAL D 90 -4.47 25.29 16.78
CA VAL D 90 -5.00 26.58 17.15
C VAL D 90 -5.52 26.51 18.55
N VAL D 91 -5.21 27.59 19.26
CA VAL D 91 -5.27 27.68 20.69
C VAL D 91 -5.72 29.08 21.05
N GLY D 92 -5.95 29.30 22.33
CA GLY D 92 -6.41 30.60 22.75
C GLY D 92 -6.37 30.69 24.25
N GLN D 93 -6.21 31.92 24.72
CA GLN D 93 -5.99 32.22 26.11
C GLN D 93 -7.25 32.05 26.94
N SER D 94 -7.09 31.47 28.11
CA SER D 94 -8.21 31.26 29.01
C SER D 94 -7.65 31.48 30.43
N LEU D 95 -8.45 31.21 31.47
CA LEU D 95 -8.04 31.50 32.84
C LEU D 95 -8.25 30.35 33.77
N LEU D 96 -7.51 30.37 34.87
CA LEU D 96 -7.91 29.68 36.06
C LEU D 96 -8.13 30.73 37.18
N VAL D 97 -9.26 30.65 37.85
CA VAL D 97 -9.48 31.50 39.05
C VAL D 97 -9.64 30.60 40.26
N LYS D 98 -9.25 31.12 41.42
CA LYS D 98 -9.60 30.45 42.67
C LYS D 98 -11.12 30.38 42.85
N LYS D 99 -11.57 29.42 43.65
CA LYS D 99 -12.99 29.29 44.05
C LYS D 99 -13.62 30.55 44.63
N GLY D 100 -14.91 30.69 44.34
CA GLY D 100 -15.69 31.82 44.77
C GLY D 100 -15.61 32.94 43.77
N LEU D 101 -14.52 32.94 43.01
CA LEU D 101 -14.24 33.99 42.01
C LEU D 101 -15.11 33.84 40.75
N GLU D 102 -15.27 32.60 40.31
CA GLU D 102 -16.04 32.22 39.12
C GLU D 102 -17.49 32.69 39.16
N LYS D 103 -17.95 33.09 40.34
CA LYS D 103 -19.36 33.39 40.56
C LYS D 103 -19.75 34.79 40.07
N GLY D 104 -20.89 34.89 39.38
CA GLY D 104 -21.38 36.17 38.84
C GLY D 104 -20.83 36.57 37.48
N VAL D 105 -19.66 36.05 37.11
CA VAL D 105 -18.99 36.46 35.87
C VAL D 105 -19.74 36.02 34.62
N LYS D 106 -19.76 36.90 33.62
CA LYS D 106 -20.41 36.64 32.33
C LYS D 106 -19.37 36.64 31.20
N SER D 107 -18.22 37.24 31.48
CA SER D 107 -17.20 37.57 30.51
C SER D 107 -15.92 37.93 31.27
N TYR D 108 -14.84 38.18 30.53
CA TYR D 108 -13.59 38.62 31.15
C TYR D 108 -13.69 40.04 31.74
N LYS D 109 -14.64 40.80 31.21
CA LYS D 109 -14.80 42.21 31.50
C LYS D 109 -15.18 42.40 32.97
N ASP D 110 -16.00 41.48 33.48
CA ASP D 110 -16.45 41.50 34.87
C ASP D 110 -15.26 41.36 35.83
N LEU D 111 -14.26 40.56 35.43
CA LEU D 111 -13.12 40.26 36.30
C LEU D 111 -12.02 41.32 36.26
N ASP D 112 -12.03 42.16 35.23
CA ASP D 112 -11.00 43.18 35.04
C ASP D 112 -11.21 44.32 36.05
N LYS D 113 -10.77 44.05 37.28
CA LYS D 113 -11.00 44.92 38.44
C LYS D 113 -9.67 45.26 39.17
N PRO D 114 -9.61 46.43 39.83
CA PRO D 114 -8.34 46.82 40.44
C PRO D 114 -7.93 45.97 41.65
N GLU D 115 -8.90 45.52 42.44
CA GLU D 115 -8.61 44.77 43.69
C GLU D 115 -8.06 43.39 43.41
N LEU D 116 -8.01 43.01 42.14
CA LEU D 116 -7.46 41.70 41.77
C LEU D 116 -6.14 41.73 41.00
N THR D 117 -5.31 40.73 41.29
CA THR D 117 -3.98 40.52 40.73
C THR D 117 -3.96 39.33 39.77
N LEU D 118 -3.52 39.59 38.55
CA LEU D 118 -3.36 38.57 37.53
C LEU D 118 -1.89 38.19 37.27
N VAL D 119 -1.63 36.89 37.19
CA VAL D 119 -0.27 36.37 37.01
C VAL D 119 -0.10 35.51 35.75
N THR D 120 1.12 35.50 35.22
CA THR D 120 1.44 34.69 34.07
C THR D 120 2.94 34.65 33.78
N LYS D 121 3.38 33.76 32.90
CA LYS D 121 4.80 33.66 32.65
C LYS D 121 5.26 34.96 32.00
N PHE D 122 6.43 35.45 32.40
CA PHE D 122 7.01 36.66 31.81
C PHE D 122 7.33 36.47 30.32
N GLY D 123 7.14 37.52 29.53
CA GLY D 123 7.59 37.55 28.14
C GLY D 123 6.98 36.53 27.21
N VAL D 124 5.71 36.19 27.45
CA VAL D 124 5.04 35.14 26.71
C VAL D 124 3.73 35.60 26.10
N SER D 125 3.11 34.76 25.30
CA SER D 125 1.86 35.08 24.63
C SER D 125 0.84 35.68 25.60
N ALA D 126 0.64 34.99 26.73
CA ALA D 126 -0.33 35.43 27.75
C ALA D 126 -0.04 36.82 28.28
N GLU D 127 1.22 37.13 28.56
CA GLU D 127 1.53 38.44 29.08
C GLU D 127 1.09 39.53 28.14
N TYR D 128 0.96 39.21 26.85
CA TYR D 128 0.61 40.23 25.88
C TYR D 128 -0.90 40.44 25.78
N ALA D 129 -1.65 39.35 25.87
CA ALA D 129 -3.10 39.41 25.84
C ALA D 129 -3.60 40.03 27.14
N ALA D 130 -2.97 39.63 28.25
CA ALA D 130 -3.15 40.26 29.55
C ALA D 130 -2.98 41.78 29.45
N LYS D 131 -1.82 42.25 29.01
CA LYS D 131 -1.62 43.68 28.83
C LYS D 131 -2.68 44.34 27.96
N ARG D 132 -3.13 43.63 26.92
CA ARG D 132 -4.15 44.17 25.99
C ARG D 132 -5.58 44.16 26.55
N LEU D 133 -5.99 43.00 27.03
CA LEU D 133 -7.31 42.80 27.55
C LEU D 133 -7.67 43.45 28.83
N PHE D 134 -6.76 43.43 29.77
CA PHE D 134 -7.08 43.99 31.06
C PHE D 134 -6.58 45.35 31.39
N LYS D 135 -7.46 46.32 31.37
CA LYS D 135 -7.10 47.65 31.78
C LYS D 135 -6.91 47.95 33.29
N ASN D 136 -7.72 47.36 34.13
CA ASN D 136 -7.68 47.68 35.53
C ASN D 136 -7.04 46.75 36.51
N ALA D 137 -6.62 45.61 36.09
CA ALA D 137 -6.12 44.68 37.06
C ALA D 137 -4.65 44.47 37.15
N LYS D 138 -4.15 44.43 38.35
CA LYS D 138 -2.75 44.25 38.53
C LYS D 138 -2.30 42.97 37.91
N LEU D 139 -1.26 43.05 37.08
CA LEU D 139 -0.60 41.89 36.44
C LEU D 139 0.84 41.75 36.92
N LYS D 140 1.19 40.59 37.46
CA LYS D 140 2.55 40.27 37.89
C LYS D 140 3.07 39.00 37.20
N THR D 141 4.28 39.05 36.65
CA THR D 141 4.78 37.97 35.79
C THR D 141 5.87 37.13 36.45
N TYR D 142 6.01 35.87 36.03
CA TYR D 142 6.96 34.92 36.62
C TYR D 142 7.77 34.09 35.62
N ASP D 143 8.87 33.52 36.08
CA ASP D 143 9.79 32.85 35.16
C ASP D 143 9.26 31.54 34.57
N THR D 144 8.33 30.88 35.28
CA THR D 144 7.67 29.66 34.77
C THR D 144 6.18 29.60 35.11
N GLU D 145 5.40 28.97 34.24
CA GLU D 145 3.98 28.81 34.41
C GLU D 145 3.66 28.30 35.79
N ALA D 146 4.33 27.22 36.19
CA ALA D 146 4.24 26.66 37.55
C ALA D 146 4.36 27.74 38.65
N GLU D 147 5.38 28.59 38.58
CA GLU D 147 5.51 29.65 39.57
C GLU D 147 4.34 30.60 39.52
N ALA D 148 3.81 30.83 38.32
CA ALA D 148 2.72 31.75 38.16
C ALA D 148 1.46 31.17 38.83
N VAL D 149 1.07 29.95 38.44
CA VAL D 149 -0.02 29.28 39.15
C VAL D 149 0.18 29.27 40.68
N GLN D 150 1.31 28.74 41.15
CA GLN D 150 1.49 28.63 42.60
C GLN D 150 0.95 29.91 43.26
N GLU D 151 1.22 31.04 42.60
CA GLU D 151 0.87 32.36 43.11
C GLU D 151 -0.61 32.58 43.33
N VAL D 152 -1.43 31.64 42.88
CA VAL D 152 -2.86 31.74 43.10
C VAL D 152 -3.35 30.48 43.77
N LEU D 153 -2.48 29.47 43.82
CA LEU D 153 -2.73 28.29 44.66
C LEU D 153 -2.48 28.69 46.10
N ASN D 154 -1.73 29.76 46.28
CA ASN D 154 -1.56 30.38 47.58
C ASN D 154 -2.59 31.50 47.74
N GLY D 155 -2.47 32.32 48.77
CA GLY D 155 -3.37 33.45 48.92
C GLY D 155 -2.87 34.67 48.15
N LYS D 156 -1.98 34.45 47.19
CA LYS D 156 -1.17 35.55 46.67
C LYS D 156 -1.72 36.27 45.43
N ALA D 157 -2.15 35.52 44.43
CA ALA D 157 -2.80 36.08 43.24
C ALA D 157 -4.22 35.58 43.21
N ASP D 158 -5.04 36.20 42.37
CA ASP D 158 -6.45 35.81 42.28
C ASP D 158 -6.73 34.90 41.09
N MSE D 159 -5.89 35.02 40.08
CA MSE D 159 -6.17 34.39 38.80
C MSE D 159 -4.95 34.36 37.90
O MSE D 159 -4.13 35.28 37.87
CB MSE D 159 -7.30 35.13 38.12
CG MSE D 159 -7.29 36.61 38.42
SE MSE D 159 -8.50 37.57 37.29
CE MSE D 159 -7.97 39.43 37.71
N PHE D 160 -4.85 33.27 37.16
CA PHE D 160 -3.75 32.96 36.28
C PHE D 160 -4.30 32.85 34.88
N ILE D 161 -3.58 33.39 33.91
CA ILE D 161 -3.95 33.32 32.48
C ILE D 161 -2.86 32.63 31.65
N PHE D 162 -3.28 31.76 30.76
CA PHE D 162 -2.36 31.10 29.87
C PHE D 162 -3.14 30.46 28.77
N ASP D 163 -2.38 29.80 27.91
CA ASP D 163 -2.87 29.03 26.80
C ASP D 163 -3.81 28.00 27.35
N LEU D 164 -4.94 27.87 26.66
CA LEU D 164 -6.08 27.13 27.17
C LEU D 164 -5.74 25.69 27.51
N PRO D 165 -4.93 25.01 26.66
CA PRO D 165 -4.62 23.60 26.85
C PRO D 165 -3.85 23.33 28.12
N PHE D 166 -3.00 24.27 28.50
CA PHE D 166 -2.23 24.17 29.73
C PHE D 166 -3.21 24.20 30.87
N ASN D 167 -4.20 25.09 30.79
CA ASN D 167 -5.24 25.13 31.81
C ASN D 167 -5.89 23.76 31.96
N VAL D 168 -6.43 23.21 30.86
CA VAL D 168 -7.13 21.93 30.96
C VAL D 168 -6.24 20.79 31.51
N ALA D 169 -4.95 20.78 31.17
CA ALA D 169 -4.04 19.78 31.73
C ALA D 169 -3.74 20.00 33.23
N PHE D 170 -3.45 21.24 33.61
CA PHE D 170 -3.19 21.56 35.01
C PHE D 170 -4.41 21.29 35.89
N MSE D 171 -5.59 21.58 35.34
CA MSE D 171 -6.86 21.21 35.96
C MSE D 171 -6.95 19.74 36.28
O MSE D 171 -7.30 19.36 37.39
CB MSE D 171 -8.01 21.65 35.06
CG MSE D 171 -8.26 23.12 35.16
SE MSE D 171 -8.40 23.63 37.06
CE MSE D 171 -10.33 23.36 37.24
N ALA D 172 -6.63 18.91 35.30
CA ALA D 172 -6.52 17.45 35.51
C ALA D 172 -5.34 17.05 36.40
N GLN D 173 -4.23 17.78 36.32
CA GLN D 173 -3.08 17.51 37.16
C GLN D 173 -3.28 17.88 38.64
N LYS D 174 -3.53 19.16 38.93
CA LYS D 174 -3.51 19.63 40.33
C LYS D 174 -4.65 20.55 40.77
N GLY D 175 -5.22 21.30 39.83
CA GLY D 175 -6.23 22.30 40.17
C GLY D 175 -7.63 21.73 40.27
N GLN D 176 -7.72 20.45 40.64
CA GLN D 176 -8.99 19.75 40.72
C GLN D 176 -10.00 20.37 41.68
N GLY D 177 -9.66 20.43 42.97
CA GLY D 177 -10.57 21.03 43.94
C GLY D 177 -10.44 22.55 43.94
N TYR D 178 -9.21 23.02 43.76
CA TYR D 178 -8.79 24.35 44.18
C TYR D 178 -9.08 25.41 43.14
N LEU D 179 -8.40 25.38 42.00
CA LEU D 179 -8.69 26.32 40.93
C LEU D 179 -10.02 26.02 40.27
N VAL D 180 -10.55 27.03 39.59
CA VAL D 180 -11.70 26.89 38.71
C VAL D 180 -11.31 27.38 37.30
N HIS D 181 -11.75 26.68 36.27
CA HIS D 181 -11.34 26.99 34.90
C HIS D 181 -12.40 27.70 34.06
N LEU D 182 -12.24 29.01 33.89
CA LEU D 182 -13.09 29.74 32.96
C LEU D 182 -12.46 29.59 31.61
N ASP D 183 -13.18 28.89 30.74
CA ASP D 183 -12.65 28.28 29.54
C ASP D 183 -13.01 29.00 28.24
N THR D 184 -13.37 30.28 28.34
CA THR D 184 -13.80 30.99 27.15
C THR D 184 -12.58 31.55 26.47
N SER D 185 -12.25 30.99 25.31
CA SER D 185 -11.09 31.41 24.55
C SER D 185 -11.20 32.92 24.35
N LEU D 186 -10.11 33.64 24.62
CA LEU D 186 -10.14 35.10 24.64
C LEU D 186 -9.25 35.71 23.57
N THR D 187 -8.61 34.85 22.79
CA THR D 187 -7.73 35.33 21.73
C THR D 187 -7.78 34.31 20.68
N TYR D 188 -7.32 34.67 19.49
CA TYR D 188 -7.13 33.68 18.43
C TYR D 188 -5.64 33.40 18.30
N GLU D 189 -5.20 32.26 18.80
CA GLU D 189 -3.76 31.98 18.79
C GLU D 189 -3.27 30.78 18.01
N PRO D 190 -2.88 31.02 16.77
CA PRO D 190 -2.37 29.93 15.90
C PRO D 190 -0.97 29.57 16.34
N LEU D 191 -0.72 28.30 16.56
CA LEU D 191 0.62 27.85 17.00
C LEU D 191 1.40 27.26 15.83
N GLY D 192 2.70 27.51 15.78
CA GLY D 192 3.47 27.10 14.62
C GLY D 192 4.92 26.81 14.88
N TRP D 193 5.53 25.97 14.05
CA TRP D 193 6.99 25.77 14.14
C TRP D 193 7.70 26.93 13.45
N ALA D 194 8.75 27.45 14.07
CA ALA D 194 9.55 28.50 13.45
C ALA D 194 10.97 28.01 13.03
N ILE D 195 11.48 28.58 11.93
CA ILE D 195 12.79 28.24 11.40
C ILE D 195 13.44 29.54 10.94
N LYS D 196 14.76 29.58 10.84
CA LYS D 196 15.33 30.85 10.40
C LYS D 196 14.94 31.22 8.97
N LYS D 197 14.96 32.53 8.73
CA LYS D 197 14.61 33.13 7.46
C LYS D 197 15.55 32.70 6.34
N GLY D 198 15.04 32.75 5.11
CA GLY D 198 15.85 32.47 3.95
C GLY D 198 16.16 31.00 3.73
N ASP D 199 15.36 30.09 4.29
CA ASP D 199 15.32 28.73 3.73
C ASP D 199 13.91 28.26 3.36
N PRO D 200 13.38 28.74 2.22
CA PRO D 200 12.07 28.35 1.70
C PRO D 200 11.89 26.88 1.32
N ASP D 201 12.99 26.13 1.21
CA ASP D 201 12.92 24.70 0.90
C ASP D 201 12.50 23.88 2.10
N PHE D 202 13.14 24.17 3.22
CA PHE D 202 12.76 23.61 4.49
C PHE D 202 11.29 23.94 4.73
N LEU D 203 10.85 25.18 4.45
CA LEU D 203 9.41 25.46 4.61
C LEU D 203 8.51 24.56 3.80
N ASN D 204 8.83 24.44 2.51
CA ASN D 204 8.18 23.48 1.64
C ASN D 204 8.18 22.08 2.29
N TRP D 205 9.33 21.60 2.73
CA TRP D 205 9.32 20.28 3.32
C TRP D 205 8.47 20.23 4.58
N LEU D 206 8.50 21.31 5.36
CA LEU D 206 7.74 21.33 6.63
C LEU D 206 6.24 21.36 6.37
N ASN D 207 5.78 22.16 5.42
CA ASN D 207 4.34 22.23 5.18
C ASN D 207 3.75 20.94 4.60
N HIS D 208 4.51 20.28 3.74
CA HIS D 208 4.07 19.01 3.17
C HIS D 208 4.07 17.90 4.19
N PHE D 209 5.10 17.84 5.02
CA PHE D 209 5.04 16.96 6.17
C PHE D 209 3.83 17.22 7.15
N LEU D 210 3.55 18.47 7.55
CA LEU D 210 2.42 18.75 8.44
C LEU D 210 1.11 18.32 7.81
N ALA D 211 0.99 18.55 6.51
CA ALA D 211 -0.19 18.05 5.76
C ALA D 211 -0.28 16.54 5.68
N GLN D 212 0.84 15.79 5.72
CA GLN D 212 0.72 14.32 5.79
C GLN D 212 0.11 13.87 7.14
N ILE D 213 0.73 14.28 8.24
CA ILE D 213 0.31 13.81 9.55
C ILE D 213 -1.14 14.25 9.95
N LYS D 214 -1.66 15.31 9.37
CA LYS D 214 -3.08 15.60 9.51
C LYS D 214 -3.98 14.63 8.67
N HIS D 215 -3.43 13.99 7.64
CA HIS D 215 -4.27 13.06 6.86
C HIS D 215 -3.97 11.58 7.06
N ASP D 216 -2.74 11.25 7.44
CA ASP D 216 -2.28 9.93 7.91
C ASP D 216 -3.08 9.27 9.02
N GLY D 217 -3.61 10.06 9.93
CA GLY D 217 -4.03 9.54 11.22
C GLY D 217 -2.95 9.75 12.28
N SER D 218 -1.72 10.06 11.83
CA SER D 218 -0.57 10.18 12.74
C SER D 218 -0.81 11.25 13.77
N TYR D 219 -1.01 12.47 13.28
CA TYR D 219 -1.33 13.62 14.11
C TYR D 219 -2.50 13.31 15.04
N ASP D 220 -3.59 12.75 14.50
CA ASP D 220 -4.77 12.34 15.29
C ASP D 220 -4.42 11.43 16.48
N GLU D 221 -3.64 10.38 16.20
CA GLU D 221 -3.16 9.46 17.22
C GLU D 221 -2.43 10.25 18.31
N LEU D 222 -1.66 11.26 17.92
CA LEU D 222 -0.91 12.06 18.88
C LEU D 222 -1.76 13.13 19.58
N TYR D 223 -2.85 13.55 18.96
CA TYR D 223 -3.71 14.57 19.55
C TYR D 223 -4.39 13.99 20.76
N GLU D 224 -4.96 12.82 20.56
CA GLU D 224 -5.64 12.06 21.60
C GLU D 224 -4.71 11.83 22.75
N ARG D 225 -3.50 11.36 22.41
CA ARG D 225 -2.51 10.98 23.40
C ARG D 225 -2.41 12.06 24.47
N TRP D 226 -2.32 13.31 24.03
CA TRP D 226 -1.91 14.39 24.91
C TRP D 226 -3.00 15.41 25.28
N PHE D 227 -4.09 15.47 24.52
CA PHE D 227 -5.14 16.45 24.75
C PHE D 227 -6.46 15.84 25.25
N VAL D 228 -6.50 14.51 25.32
CA VAL D 228 -7.68 13.77 25.76
C VAL D 228 -7.34 12.61 26.72
N ASP D 229 -6.29 11.86 26.41
CA ASP D 229 -6.04 10.52 26.95
C ASP D 229 -5.91 10.35 28.48
N THR D 230 -5.54 11.40 29.23
CA THR D 230 -5.31 11.33 30.72
C THR D 230 -4.34 10.27 31.23
N LYS D 231 -3.71 9.55 30.32
CA LYS D 231 -2.81 8.46 30.68
C LYS D 231 -1.49 9.03 31.17
N TRP D 232 -1.10 10.16 30.57
CA TRP D 232 0.25 10.71 30.66
C TRP D 232 0.52 11.45 31.96
N LEU D 233 -0.49 11.56 32.81
CA LEU D 233 -0.33 12.31 34.05
C LEU D 233 0.67 11.66 35.00
N GLU D 234 0.60 10.35 35.17
CA GLU D 234 1.79 9.61 35.56
C GLU D 234 2.86 10.05 34.54
N LYS D 235 4.05 10.36 35.02
CA LYS D 235 5.04 10.99 34.17
C LYS D 235 5.62 10.07 33.10
N SER E 2 15.28 -41.96 -7.11
CA SER E 2 15.58 -42.83 -5.94
C SER E 2 16.04 -44.26 -6.39
N LEU E 3 16.67 -44.31 -7.55
CA LEU E 3 17.07 -45.55 -8.23
C LEU E 3 18.52 -45.46 -8.72
N ARG E 4 19.10 -46.61 -9.05
CA ARG E 4 20.42 -46.68 -9.69
C ARG E 4 20.34 -47.22 -11.13
N GLY E 5 21.30 -46.80 -11.96
CA GLY E 5 21.35 -47.23 -13.35
C GLY E 5 21.02 -46.09 -14.28
N GLU E 6 19.80 -46.12 -14.83
CA GLU E 6 19.34 -45.11 -15.78
C GLU E 6 17.93 -44.65 -15.45
N LEU E 7 17.61 -43.43 -15.84
CA LEU E 7 16.28 -42.94 -15.68
C LEU E 7 15.55 -43.12 -16.99
N ARG E 8 14.53 -43.98 -16.99
CA ARG E 8 13.76 -44.29 -18.21
C ARG E 8 12.49 -43.47 -18.32
N VAL E 9 12.39 -42.67 -19.39
CA VAL E 9 11.25 -41.77 -19.57
C VAL E 9 10.43 -42.08 -20.82
N GLY E 10 9.15 -42.37 -20.60
CA GLY E 10 8.18 -42.54 -21.69
C GLY E 10 7.61 -41.23 -22.18
N LEU E 11 7.48 -41.11 -23.50
CA LEU E 11 6.93 -39.92 -24.14
C LEU E 11 6.54 -40.22 -25.55
N GLU E 12 5.66 -39.39 -26.10
CA GLU E 12 5.14 -39.59 -27.44
C GLU E 12 5.55 -38.41 -28.28
N PRO E 13 6.43 -38.64 -29.26
CA PRO E 13 6.88 -37.45 -29.98
C PRO E 13 5.79 -36.80 -30.82
N GLY E 14 5.88 -35.49 -31.02
CA GLY E 14 4.97 -34.88 -31.97
C GLY E 14 3.95 -33.94 -31.36
N TYR E 15 3.96 -33.81 -30.03
CA TYR E 15 3.37 -32.69 -29.34
C TYR E 15 4.41 -31.61 -29.26
N LEU E 16 4.54 -30.84 -30.34
CA LEU E 16 5.37 -29.63 -30.39
C LEU E 16 4.97 -28.58 -29.34
N PRO E 17 5.95 -27.96 -28.64
CA PRO E 17 7.41 -28.11 -28.56
C PRO E 17 7.87 -28.93 -27.35
N PHE E 18 7.04 -29.83 -26.85
CA PHE E 18 7.42 -30.67 -25.74
C PHE E 18 8.32 -31.83 -26.20
N GLU E 19 7.93 -32.46 -27.32
CA GLU E 19 8.48 -33.71 -27.82
C GLU E 19 8.29 -33.72 -29.32
N MSE E 20 9.35 -33.99 -30.05
CA MSE E 20 9.34 -34.14 -31.47
C MSE E 20 10.54 -34.89 -31.95
O MSE E 20 11.51 -35.01 -31.27
CB MSE E 20 9.25 -32.82 -32.16
CG MSE E 20 10.49 -32.05 -32.14
SE MSE E 20 10.16 -30.30 -31.61
CE MSE E 20 9.27 -30.68 -30.04
N LYS E 21 10.45 -35.37 -33.16
CA LYS E 21 11.55 -36.06 -33.78
C LYS E 21 12.33 -35.05 -34.58
N ASP E 22 13.59 -35.00 -34.31
CA ASP E 22 14.48 -34.03 -34.90
C ASP E 22 14.62 -34.12 -36.37
N LYS E 23 14.48 -35.33 -36.87
CA LYS E 23 14.65 -35.63 -38.25
C LYS E 23 15.99 -36.18 -38.57
N LYS E 24 16.88 -36.14 -37.63
CA LYS E 24 18.03 -36.92 -37.69
C LYS E 24 17.49 -38.10 -36.88
N GLY E 25 16.24 -37.99 -36.45
CA GLY E 25 15.55 -39.00 -35.67
C GLY E 25 15.69 -39.14 -34.20
N ASN E 26 16.35 -38.20 -33.56
CA ASN E 26 16.38 -38.19 -32.12
C ASN E 26 15.21 -37.38 -31.64
N VAL E 27 14.59 -37.78 -30.54
CA VAL E 27 13.52 -36.94 -30.01
C VAL E 27 14.11 -35.81 -29.19
N ILE E 28 13.57 -34.63 -29.38
CA ILE E 28 14.05 -33.43 -28.68
C ILE E 28 12.85 -32.62 -28.24
N GLY E 29 13.07 -31.59 -27.43
CA GLY E 29 11.96 -30.78 -26.89
C GLY E 29 12.11 -30.33 -25.44
N PHE E 30 11.16 -29.51 -25.02
CA PHE E 30 11.14 -28.99 -23.67
C PHE E 30 11.13 -30.11 -22.66
N ASP E 31 10.27 -31.10 -22.83
CA ASP E 31 10.35 -32.31 -22.00
C ASP E 31 11.71 -33.06 -22.00
N VAL E 32 12.43 -33.08 -23.12
CA VAL E 32 13.68 -33.83 -23.16
C VAL E 32 14.76 -33.11 -22.39
N ASP E 33 14.97 -31.84 -22.67
CA ASP E 33 15.80 -31.00 -21.79
C ASP E 33 15.50 -31.14 -20.27
N LEU E 34 14.22 -31.27 -19.92
CA LEU E 34 13.83 -31.45 -18.53
C LEU E 34 14.30 -32.78 -18.07
N ALA E 35 13.93 -33.79 -18.85
CA ALA E 35 14.33 -35.18 -18.60
C ALA E 35 15.84 -35.32 -18.53
N ARG E 36 16.53 -34.50 -19.32
CA ARG E 36 18.00 -34.48 -19.30
C ARG E 36 18.50 -33.88 -17.99
N GLU E 37 17.91 -32.78 -17.54
CA GLU E 37 18.29 -32.13 -16.25
C GLU E 37 18.05 -33.04 -15.07
N MSE E 38 16.83 -33.58 -15.03
CA MSE E 38 16.45 -34.48 -14.01
C MSE E 38 17.43 -35.63 -13.91
O MSE E 38 17.85 -36.00 -12.82
CB MSE E 38 15.05 -34.95 -14.29
CG MSE E 38 14.47 -35.76 -13.20
SE MSE E 38 12.81 -36.62 -13.70
CE MSE E 38 11.75 -35.03 -14.15
N ALA E 39 17.85 -36.20 -15.04
CA ALA E 39 18.74 -37.37 -14.94
C ALA E 39 20.13 -37.03 -14.39
N LYS E 40 20.68 -35.91 -14.82
CA LYS E 40 21.94 -35.35 -14.26
C LYS E 40 21.84 -35.17 -12.74
N ALA E 41 20.82 -34.43 -12.29
CA ALA E 41 20.58 -34.21 -10.87
C ALA E 41 20.53 -35.50 -10.03
N MSE E 42 19.96 -36.57 -10.59
CA MSE E 42 19.98 -37.88 -9.92
C MSE E 42 21.28 -38.67 -10.15
O MSE E 42 21.41 -39.77 -9.61
CB MSE E 42 18.84 -38.80 -10.40
CG MSE E 42 17.49 -38.16 -10.58
SE MSE E 42 16.23 -39.58 -11.02
CE MSE E 42 14.77 -38.57 -11.76
N GLY E 43 22.21 -38.14 -10.96
CA GLY E 43 23.53 -38.79 -11.16
C GLY E 43 23.40 -40.11 -11.91
N VAL E 44 22.71 -40.08 -13.04
CA VAL E 44 22.17 -41.28 -13.63
C VAL E 44 22.06 -40.98 -15.12
N LYS E 45 21.78 -42.02 -15.91
CA LYS E 45 21.65 -41.85 -17.37
C LYS E 45 20.20 -41.69 -17.84
N LEU E 46 20.02 -40.92 -18.91
CA LEU E 46 18.74 -40.79 -19.56
C LEU E 46 18.55 -41.78 -20.71
N LYS E 47 17.50 -42.60 -20.60
CA LYS E 47 16.94 -43.32 -21.74
C LYS E 47 15.51 -42.86 -22.02
N LEU E 48 15.23 -42.49 -23.27
CA LEU E 48 13.88 -42.17 -23.66
C LEU E 48 13.24 -43.39 -24.28
N VAL E 49 12.01 -43.67 -23.88
CA VAL E 49 11.26 -44.79 -24.39
C VAL E 49 10.02 -44.23 -25.12
N PRO E 50 10.18 -43.83 -26.41
CA PRO E 50 9.07 -43.34 -27.21
C PRO E 50 7.96 -44.36 -27.19
N THR E 51 6.74 -43.91 -26.95
CA THR E 51 5.60 -44.81 -26.70
C THR E 51 4.45 -44.14 -27.37
N SER E 52 3.46 -44.87 -27.85
CA SER E 52 2.29 -44.23 -28.43
C SER E 52 1.45 -43.86 -27.22
N TRP E 53 0.47 -42.98 -27.42
CA TRP E 53 -0.15 -42.27 -26.32
C TRP E 53 -0.96 -43.17 -25.37
N ASP E 54 -1.69 -44.12 -25.96
CA ASP E 54 -2.58 -44.95 -25.19
C ASP E 54 -1.81 -46.00 -24.41
N GLY E 55 -0.46 -45.96 -24.54
CA GLY E 55 0.44 -46.93 -23.94
C GLY E 55 1.38 -46.29 -22.92
N LEU E 56 1.32 -44.99 -22.77
CA LEU E 56 2.11 -44.32 -21.71
C LEU E 56 1.76 -44.75 -20.29
N ILE E 57 0.49 -44.62 -19.91
CA ILE E 57 0.12 -44.97 -18.56
C ILE E 57 0.41 -46.45 -18.28
N PRO E 58 -0.05 -47.36 -19.17
CA PRO E 58 0.13 -48.75 -18.87
C PRO E 58 1.60 -49.16 -18.90
N GLY E 59 2.40 -48.51 -19.74
CA GLY E 59 3.82 -48.70 -19.73
C GLY E 59 4.43 -48.30 -18.41
N LEU E 60 3.91 -47.23 -17.81
CA LEU E 60 4.36 -46.80 -16.51
C LEU E 60 3.94 -47.80 -15.45
N VAL E 61 2.69 -48.26 -15.50
CA VAL E 61 2.24 -49.19 -14.49
C VAL E 61 2.99 -50.52 -14.60
N THR E 62 3.26 -50.90 -15.85
CA THR E 62 3.91 -52.15 -16.23
C THR E 62 5.43 -52.14 -16.01
N GLU E 63 5.95 -50.98 -15.67
CA GLU E 63 7.37 -50.80 -15.36
C GLU E 63 8.30 -50.80 -16.57
N LYS E 64 7.71 -50.70 -17.77
CA LYS E 64 8.46 -50.32 -18.97
C LYS E 64 9.26 -49.01 -18.77
N PHE E 65 8.77 -48.07 -17.93
CA PHE E 65 9.56 -46.88 -17.55
C PHE E 65 9.32 -46.31 -16.14
N ASP E 66 10.02 -45.26 -15.78
CA ASP E 66 10.01 -44.75 -14.41
C ASP E 66 9.07 -43.55 -14.20
N ILE E 67 8.90 -42.76 -15.26
CA ILE E 67 8.20 -41.47 -15.20
C ILE E 67 7.72 -41.13 -16.62
N ILE E 68 6.65 -40.33 -16.73
CA ILE E 68 6.10 -39.89 -18.02
C ILE E 68 6.31 -38.39 -18.11
N ILE E 69 7.13 -37.92 -19.04
CA ILE E 69 7.27 -36.50 -19.19
C ILE E 69 6.90 -36.20 -20.64
N SER E 70 5.60 -36.08 -20.86
CA SER E 70 5.00 -36.03 -22.17
C SER E 70 3.95 -34.94 -22.25
N GLY E 71 4.07 -33.93 -21.40
CA GLY E 71 3.12 -32.81 -21.43
C GLY E 71 1.73 -33.27 -21.12
N MSE E 72 1.60 -34.10 -20.13
CA MSE E 72 0.37 -34.77 -19.86
C MSE E 72 -0.44 -34.02 -18.83
O MSE E 72 0.10 -33.53 -17.82
CB MSE E 72 0.65 -36.19 -19.37
CG MSE E 72 -0.55 -36.87 -18.79
SE MSE E 72 -0.17 -38.74 -18.42
CE MSE E 72 1.26 -38.36 -17.15
N THR E 73 -1.74 -33.92 -19.09
CA THR E 73 -2.69 -33.17 -18.27
C THR E 73 -2.90 -33.95 -16.98
N ILE E 74 -2.92 -33.26 -15.86
CA ILE E 74 -3.32 -33.91 -14.61
C ILE E 74 -4.83 -33.92 -14.60
N SER E 75 -5.40 -35.11 -14.64
CA SER E 75 -6.85 -35.26 -14.69
C SER E 75 -7.28 -36.20 -13.55
N GLN E 76 -8.49 -36.08 -13.02
CA GLN E 76 -8.90 -36.97 -11.96
C GLN E 76 -8.99 -38.42 -12.40
N GLU E 77 -9.40 -38.63 -13.64
CA GLU E 77 -9.54 -39.96 -14.17
C GLU E 77 -8.16 -40.65 -14.29
N ARG E 78 -7.17 -39.95 -14.80
CA ARG E 78 -5.83 -40.54 -14.88
C ARG E 78 -5.22 -40.64 -13.50
N ASN E 79 -5.52 -39.66 -12.64
CA ASN E 79 -4.83 -39.54 -11.37
C ASN E 79 -5.27 -40.69 -10.51
N LEU E 80 -6.34 -41.35 -10.93
CA LEU E 80 -6.78 -42.58 -10.29
C LEU E 80 -5.79 -43.74 -10.49
N ARG E 81 -4.98 -43.66 -11.55
CA ARG E 81 -4.20 -44.81 -12.02
C ARG E 81 -2.69 -44.64 -11.84
N VAL E 82 -2.20 -43.42 -12.08
CA VAL E 82 -0.86 -43.01 -11.70
C VAL E 82 -0.90 -41.82 -10.73
N ASN E 83 0.24 -41.45 -10.12
CA ASN E 83 0.36 -40.24 -9.28
C ASN E 83 1.04 -39.17 -10.10
N PHE E 84 0.69 -37.92 -9.81
CA PHE E 84 1.27 -36.80 -10.49
C PHE E 84 2.10 -35.93 -9.58
N VAL E 85 3.10 -35.27 -10.17
CA VAL E 85 3.97 -34.35 -9.50
C VAL E 85 3.37 -32.95 -9.64
N GLU E 86 3.60 -32.06 -8.68
CA GLU E 86 3.08 -30.67 -8.80
C GLU E 86 3.19 -30.22 -10.25
N PRO E 87 2.19 -29.54 -10.81
CA PRO E 87 2.25 -29.40 -12.26
C PRO E 87 3.44 -28.55 -12.67
N TYR E 88 3.93 -28.63 -13.91
CA TYR E 88 5.15 -27.91 -14.21
C TYR E 88 4.96 -26.81 -15.21
N ILE E 89 3.85 -26.87 -15.92
CA ILE E 89 3.43 -25.77 -16.80
C ILE E 89 1.90 -25.88 -16.90
N VAL E 90 1.22 -24.75 -17.10
CA VAL E 90 -0.24 -24.75 -17.14
C VAL E 90 -0.63 -24.28 -18.51
N VAL E 91 -1.59 -24.99 -19.12
CA VAL E 91 -1.89 -24.83 -20.54
C VAL E 91 -3.38 -24.80 -20.75
N GLY E 92 -3.83 -24.35 -21.91
CA GLY E 92 -5.25 -24.47 -22.27
C GLY E 92 -5.45 -24.85 -23.72
N GLN E 93 -6.65 -25.30 -24.06
CA GLN E 93 -6.93 -25.57 -25.46
C GLN E 93 -7.23 -24.30 -26.26
N SER E 94 -6.73 -24.28 -27.50
CA SER E 94 -6.93 -23.18 -28.39
C SER E 94 -7.41 -23.72 -29.72
N LEU E 95 -7.64 -22.82 -30.66
CA LEU E 95 -8.16 -23.17 -31.96
C LEU E 95 -7.26 -22.66 -33.11
N LEU E 96 -7.02 -23.53 -34.08
CA LEU E 96 -6.42 -23.09 -35.33
C LEU E 96 -7.51 -23.20 -36.39
N VAL E 97 -7.77 -22.10 -37.11
CA VAL E 97 -8.85 -22.03 -38.13
C VAL E 97 -8.31 -21.66 -39.52
N LYS E 98 -9.08 -21.94 -40.57
CA LYS E 98 -8.72 -21.50 -41.92
C LYS E 98 -8.94 -19.99 -42.04
N LYS E 99 -8.21 -19.35 -42.97
CA LYS E 99 -8.29 -17.91 -43.19
C LYS E 99 -9.71 -17.32 -43.24
N GLY E 100 -9.85 -16.10 -42.72
CA GLY E 100 -11.14 -15.39 -42.77
C GLY E 100 -12.13 -15.85 -41.71
N LEU E 101 -12.14 -17.16 -41.43
CA LEU E 101 -13.15 -17.76 -40.57
C LEU E 101 -13.14 -17.22 -39.12
N GLU E 102 -12.16 -16.38 -38.82
CA GLU E 102 -12.03 -15.77 -37.49
C GLU E 102 -12.74 -14.39 -37.39
N LYS E 103 -13.03 -13.79 -38.55
CA LYS E 103 -13.66 -12.47 -38.60
C LYS E 103 -15.01 -12.51 -37.89
N GLY E 104 -15.28 -11.47 -37.11
CA GLY E 104 -16.54 -11.34 -36.38
C GLY E 104 -16.87 -12.53 -35.50
N VAL E 105 -15.89 -12.94 -34.70
CA VAL E 105 -16.08 -13.97 -33.68
C VAL E 105 -15.48 -13.47 -32.36
N LYS E 106 -16.28 -13.51 -31.30
CA LYS E 106 -15.86 -12.96 -30.01
C LYS E 106 -15.44 -14.08 -29.05
N SER E 107 -16.08 -15.24 -29.20
CA SER E 107 -15.81 -16.42 -28.36
C SER E 107 -15.75 -17.70 -29.21
N TYR E 108 -15.50 -18.82 -28.54
CA TYR E 108 -15.58 -20.14 -29.16
C TYR E 108 -17.00 -20.51 -29.64
N LYS E 109 -18.01 -19.87 -29.07
CA LYS E 109 -19.41 -20.28 -29.26
C LYS E 109 -19.94 -19.95 -30.63
N ASP E 110 -19.41 -18.87 -31.21
CA ASP E 110 -19.69 -18.49 -32.59
C ASP E 110 -19.24 -19.55 -33.63
N LEU E 111 -18.64 -20.64 -33.15
CA LEU E 111 -18.11 -21.68 -34.06
C LEU E 111 -18.77 -23.05 -34.03
N ASP E 112 -19.86 -23.20 -33.28
CA ASP E 112 -20.54 -24.48 -33.19
C ASP E 112 -21.32 -25.00 -34.40
N LYS E 113 -21.62 -24.15 -35.37
CA LYS E 113 -22.44 -24.55 -36.54
C LYS E 113 -22.16 -25.99 -37.00
N PRO E 114 -23.22 -26.79 -37.26
CA PRO E 114 -22.98 -28.16 -37.72
C PRO E 114 -22.44 -28.18 -39.15
N GLU E 115 -22.60 -27.06 -39.86
CA GLU E 115 -21.87 -26.73 -41.08
C GLU E 115 -20.39 -27.07 -40.88
N LEU E 116 -19.81 -26.51 -39.82
CA LEU E 116 -18.39 -26.63 -39.53
C LEU E 116 -17.91 -28.01 -39.09
N THR E 117 -16.70 -28.35 -39.53
CA THR E 117 -16.00 -29.59 -39.18
C THR E 117 -14.80 -29.25 -38.30
N LEU E 118 -14.64 -29.97 -37.19
CA LEU E 118 -13.52 -29.72 -36.25
C LEU E 118 -12.69 -30.97 -35.90
N VAL E 119 -11.38 -30.87 -36.04
CA VAL E 119 -10.51 -32.04 -35.89
C VAL E 119 -9.42 -31.96 -34.83
N THR E 120 -9.21 -33.11 -34.16
CA THR E 120 -8.08 -33.27 -33.26
C THR E 120 -7.56 -34.74 -33.18
N LYS E 121 -6.57 -34.94 -32.32
CA LYS E 121 -5.99 -36.25 -32.17
C LYS E 121 -6.91 -37.12 -31.29
N PHE E 122 -6.80 -38.44 -31.46
CA PHE E 122 -7.67 -39.36 -30.73
C PHE E 122 -7.27 -39.60 -29.27
N GLY E 123 -8.28 -39.74 -28.41
CA GLY E 123 -8.08 -40.06 -26.98
C GLY E 123 -7.14 -39.10 -26.25
N VAL E 124 -7.34 -37.80 -26.40
CA VAL E 124 -6.39 -36.85 -25.84
C VAL E 124 -7.16 -35.65 -25.22
N SER E 125 -6.53 -34.91 -24.30
CA SER E 125 -7.19 -33.80 -23.61
C SER E 125 -8.17 -33.07 -24.49
N ALA E 126 -7.73 -32.70 -25.68
CA ALA E 126 -8.56 -31.93 -26.60
C ALA E 126 -9.82 -32.72 -26.98
N GLU E 127 -9.66 -34.00 -27.25
CA GLU E 127 -10.78 -34.75 -27.73
C GLU E 127 -11.92 -34.74 -26.72
N TYR E 128 -11.58 -34.89 -25.43
CA TYR E 128 -12.55 -34.84 -24.32
C TYR E 128 -13.14 -33.43 -24.07
N ALA E 129 -12.30 -32.41 -24.17
CA ALA E 129 -12.73 -31.01 -24.09
C ALA E 129 -13.69 -30.69 -25.23
N ALA E 130 -13.28 -30.90 -26.48
CA ALA E 130 -14.17 -30.64 -27.60
C ALA E 130 -15.52 -31.34 -27.46
N LYS E 131 -15.56 -32.52 -26.87
CA LYS E 131 -16.83 -33.23 -26.71
C LYS E 131 -17.72 -32.53 -25.66
N ARG E 132 -17.08 -31.96 -24.65
CA ARG E 132 -17.75 -31.12 -23.67
C ARG E 132 -18.16 -29.78 -24.30
N LEU E 133 -17.19 -29.02 -24.80
CA LEU E 133 -17.40 -27.68 -25.34
C LEU E 133 -18.21 -27.61 -26.63
N PHE E 134 -18.01 -28.55 -27.54
CA PHE E 134 -18.70 -28.48 -28.83
C PHE E 134 -19.85 -29.46 -28.91
N LYS E 135 -20.99 -28.90 -29.29
CA LYS E 135 -22.27 -29.57 -29.19
C LYS E 135 -22.85 -29.80 -30.57
N ASN E 136 -22.62 -28.85 -31.46
CA ASN E 136 -23.12 -28.91 -32.83
C ASN E 136 -22.10 -29.33 -33.91
N ALA E 137 -20.82 -29.02 -33.69
CA ALA E 137 -19.82 -29.12 -34.76
C ALA E 137 -19.44 -30.55 -35.02
N LYS E 138 -19.05 -30.86 -36.26
CA LYS E 138 -18.53 -32.20 -36.57
C LYS E 138 -17.17 -32.35 -35.91
N LEU E 139 -17.01 -33.41 -35.14
CA LEU E 139 -15.71 -33.76 -34.59
C LEU E 139 -15.17 -35.07 -35.19
N LYS E 140 -14.05 -34.93 -35.90
CA LYS E 140 -13.29 -36.07 -36.42
C LYS E 140 -11.92 -36.17 -35.79
N THR E 141 -11.42 -37.40 -35.70
CA THR E 141 -10.21 -37.68 -34.94
C THR E 141 -9.18 -38.50 -35.72
N TYR E 142 -7.91 -38.24 -35.42
CA TYR E 142 -6.80 -38.80 -36.12
C TYR E 142 -5.71 -39.18 -35.13
N ASP E 143 -4.97 -40.22 -35.50
CA ASP E 143 -3.85 -40.75 -34.72
C ASP E 143 -2.76 -39.76 -34.36
N THR E 144 -2.59 -38.72 -35.18
CA THR E 144 -1.58 -37.69 -34.85
C THR E 144 -2.02 -36.22 -34.97
N GLU E 145 -1.40 -35.37 -34.15
CA GLU E 145 -1.72 -33.96 -34.14
C GLU E 145 -1.58 -33.47 -35.54
N ALA E 146 -0.48 -33.88 -36.17
CA ALA E 146 -0.06 -33.40 -37.48
C ALA E 146 -0.91 -33.93 -38.61
N GLU E 147 -1.47 -35.11 -38.44
CA GLU E 147 -2.43 -35.62 -39.43
C GLU E 147 -3.72 -34.87 -39.31
N ALA E 148 -3.95 -34.32 -38.11
CA ALA E 148 -5.21 -33.68 -37.78
C ALA E 148 -5.24 -32.32 -38.41
N VAL E 149 -4.21 -31.53 -38.17
CA VAL E 149 -4.19 -30.22 -38.80
C VAL E 149 -4.15 -30.23 -40.31
N GLN E 150 -3.44 -31.20 -40.91
CA GLN E 150 -3.42 -31.33 -42.37
C GLN E 150 -4.80 -31.21 -42.96
N GLU E 151 -5.81 -31.77 -42.28
CA GLU E 151 -7.21 -31.66 -42.72
C GLU E 151 -7.72 -30.21 -42.84
N VAL E 152 -7.33 -29.34 -41.93
CA VAL E 152 -7.74 -27.96 -42.13
C VAL E 152 -6.84 -27.29 -43.20
N LEU E 153 -5.54 -27.56 -43.16
CA LEU E 153 -4.62 -27.16 -44.27
C LEU E 153 -5.06 -27.67 -45.65
N ASN E 154 -5.67 -28.86 -45.67
CA ASN E 154 -6.15 -29.44 -46.91
C ASN E 154 -7.51 -28.89 -47.32
N GLY E 155 -8.18 -28.20 -46.39
CA GLY E 155 -9.55 -27.73 -46.65
C GLY E 155 -10.56 -28.87 -46.67
N LYS E 156 -10.35 -29.87 -45.83
CA LYS E 156 -11.29 -30.98 -45.66
C LYS E 156 -11.95 -30.86 -44.27
N ALA E 157 -11.48 -29.87 -43.50
CA ALA E 157 -11.98 -29.47 -42.19
C ALA E 157 -11.66 -27.97 -42.00
N ASP E 158 -12.32 -27.35 -41.02
CA ASP E 158 -12.28 -25.88 -40.89
C ASP E 158 -11.37 -25.38 -39.79
N MSE E 159 -11.11 -26.23 -38.79
CA MSE E 159 -10.43 -25.81 -37.57
C MSE E 159 -9.93 -26.96 -36.72
O MSE E 159 -10.57 -28.03 -36.63
CB MSE E 159 -11.38 -24.98 -36.72
CG MSE E 159 -12.74 -25.61 -36.59
SE MSE E 159 -13.86 -24.51 -35.45
CE MSE E 159 -15.44 -25.70 -35.35
N PHE E 160 -8.79 -26.71 -36.08
CA PHE E 160 -8.04 -27.64 -35.24
C PHE E 160 -8.09 -27.20 -33.76
N ILE E 161 -8.24 -28.15 -32.85
CA ILE E 161 -8.29 -27.86 -31.40
C ILE E 161 -7.23 -28.67 -30.68
N PHE E 162 -6.49 -28.01 -29.78
CA PHE E 162 -5.41 -28.68 -29.10
C PHE E 162 -4.78 -27.70 -28.10
N ASP E 163 -3.95 -28.25 -27.22
CA ASP E 163 -3.13 -27.48 -26.33
C ASP E 163 -2.51 -26.28 -27.05
N LEU E 164 -2.66 -25.13 -26.42
CA LEU E 164 -2.25 -23.83 -26.98
C LEU E 164 -0.78 -23.75 -27.37
N PRO E 165 0.12 -24.37 -26.59
CA PRO E 165 1.52 -24.19 -26.96
C PRO E 165 1.88 -24.92 -28.23
N PHE E 166 1.11 -25.96 -28.53
CA PHE E 166 1.21 -26.60 -29.85
C PHE E 166 0.89 -25.64 -30.98
N ASN E 167 -0.27 -24.98 -30.87
CA ASN E 167 -0.69 -24.03 -31.87
C ASN E 167 0.31 -22.92 -32.15
N VAL E 168 0.89 -22.32 -31.13
CA VAL E 168 1.84 -21.27 -31.49
C VAL E 168 3.08 -21.80 -32.21
N ALA E 169 3.57 -22.98 -31.83
CA ALA E 169 4.72 -23.57 -32.51
C ALA E 169 4.35 -23.98 -33.93
N PHE E 170 3.13 -24.47 -34.09
CA PHE E 170 2.66 -24.80 -35.42
C PHE E 170 2.46 -23.57 -36.30
N MSE E 171 1.90 -22.50 -35.74
CA MSE E 171 1.72 -21.24 -36.45
C MSE E 171 3.02 -20.72 -36.98
O MSE E 171 3.05 -20.11 -38.04
CB MSE E 171 1.10 -20.18 -35.53
CG MSE E 171 -0.41 -20.24 -35.39
SE MSE E 171 -1.34 -20.32 -37.11
CE MSE E 171 -0.88 -18.54 -37.81
N ALA E 172 4.09 -20.93 -36.24
CA ALA E 172 5.40 -20.43 -36.64
C ALA E 172 5.94 -21.20 -37.84
N GLN E 173 5.85 -22.52 -37.80
CA GLN E 173 6.45 -23.32 -38.84
C GLN E 173 5.68 -23.31 -40.16
N LYS E 174 4.37 -23.52 -40.14
CA LYS E 174 3.65 -23.71 -41.41
C LYS E 174 2.41 -22.85 -41.49
N GLY E 175 1.69 -22.77 -40.37
CA GLY E 175 0.41 -22.08 -40.29
C GLY E 175 0.37 -20.59 -40.59
N GLN E 176 1.48 -19.87 -40.35
CA GLN E 176 1.49 -18.38 -40.36
C GLN E 176 0.80 -17.74 -41.56
N GLY E 177 1.04 -18.26 -42.76
CA GLY E 177 0.38 -17.75 -43.95
C GLY E 177 -1.03 -18.29 -44.21
N TYR E 178 -1.36 -19.47 -43.69
CA TYR E 178 -2.56 -20.17 -44.15
C TYR E 178 -3.68 -20.30 -43.13
N LEU E 179 -3.33 -20.42 -41.86
CA LEU E 179 -4.31 -20.54 -40.79
C LEU E 179 -4.26 -19.33 -39.87
N VAL E 180 -5.21 -19.25 -38.94
CA VAL E 180 -5.18 -18.21 -37.90
C VAL E 180 -5.52 -18.77 -36.52
N HIS E 181 -4.66 -18.42 -35.57
CA HIS E 181 -4.70 -18.88 -34.18
C HIS E 181 -5.71 -18.09 -33.33
N LEU E 182 -6.85 -18.70 -33.04
CA LEU E 182 -7.74 -18.15 -32.02
C LEU E 182 -7.24 -18.59 -30.64
N ASP E 183 -6.51 -17.69 -29.99
CA ASP E 183 -5.69 -18.10 -28.85
C ASP E 183 -6.32 -17.93 -27.47
N THR E 184 -7.61 -17.63 -27.42
CA THR E 184 -8.26 -17.67 -26.12
C THR E 184 -8.18 -19.10 -25.61
N SER E 185 -7.74 -19.24 -24.37
CA SER E 185 -7.65 -20.51 -23.65
C SER E 185 -9.03 -20.99 -23.26
N LEU E 186 -9.38 -22.24 -23.54
CA LEU E 186 -10.74 -22.70 -23.23
C LEU E 186 -10.85 -23.75 -22.11
N THR E 187 -9.71 -24.24 -21.63
CA THR E 187 -9.72 -25.18 -20.53
C THR E 187 -8.71 -24.76 -19.48
N TYR E 188 -8.67 -25.47 -18.37
CA TYR E 188 -7.63 -25.23 -17.39
C TYR E 188 -6.92 -26.53 -17.26
N GLU E 189 -5.70 -26.58 -17.82
CA GLU E 189 -5.04 -27.88 -17.98
C GLU E 189 -3.66 -27.92 -17.44
N PRO E 190 -3.54 -28.22 -16.15
CA PRO E 190 -2.25 -28.36 -15.51
C PRO E 190 -1.54 -29.61 -16.01
N LEU E 191 -0.26 -29.45 -16.28
CA LEU E 191 0.51 -30.49 -16.88
C LEU E 191 1.46 -31.02 -15.81
N GLY E 192 1.52 -32.34 -15.61
CA GLY E 192 2.43 -32.91 -14.63
C GLY E 192 3.13 -34.19 -15.09
N TRP E 193 4.22 -34.56 -14.41
CA TRP E 193 4.94 -35.76 -14.76
C TRP E 193 4.21 -36.80 -13.97
N ALA E 194 3.94 -37.95 -14.60
CA ALA E 194 3.35 -39.08 -13.87
C ALA E 194 4.38 -40.17 -13.54
N ILE E 195 4.06 -40.91 -12.48
CA ILE E 195 4.84 -41.99 -11.96
C ILE E 195 3.89 -43.00 -11.30
N LYS E 196 4.38 -44.18 -10.97
CA LYS E 196 3.43 -45.10 -10.40
C LYS E 196 3.26 -44.97 -8.90
N LYS E 197 2.10 -45.43 -8.43
CA LYS E 197 1.63 -45.21 -7.11
C LYS E 197 2.44 -45.97 -6.12
N GLY E 198 2.32 -45.55 -4.86
CA GLY E 198 2.93 -46.26 -3.79
C GLY E 198 4.36 -45.84 -3.60
N ASP E 199 4.81 -44.81 -4.35
CA ASP E 199 6.17 -44.23 -4.15
C ASP E 199 6.24 -42.74 -3.74
N PRO E 200 6.10 -42.45 -2.43
CA PRO E 200 6.08 -41.07 -1.90
C PRO E 200 7.44 -40.36 -1.91
N ASP E 201 8.50 -41.17 -1.71
CA ASP E 201 9.89 -40.70 -1.84
C ASP E 201 10.22 -40.07 -3.17
N PHE E 202 9.80 -40.70 -4.25
CA PHE E 202 10.22 -40.24 -5.53
C PHE E 202 9.47 -38.96 -5.85
N LEU E 203 8.16 -38.94 -5.57
CA LEU E 203 7.37 -37.68 -5.46
C LEU E 203 8.05 -36.59 -4.64
N ASN E 204 8.47 -36.91 -3.42
CA ASN E 204 9.21 -35.92 -2.66
C ASN E 204 10.31 -35.39 -3.52
N TRP E 205 11.11 -36.29 -4.13
CA TRP E 205 12.30 -35.88 -4.90
C TRP E 205 11.93 -35.02 -6.07
N LEU E 206 10.93 -35.45 -6.82
CA LEU E 206 10.53 -34.68 -7.98
C LEU E 206 10.04 -33.29 -7.65
N ASN E 207 9.14 -33.20 -6.66
CA ASN E 207 8.55 -31.92 -6.23
C ASN E 207 9.65 -30.94 -5.84
N HIS E 208 10.67 -31.42 -5.14
CA HIS E 208 11.75 -30.52 -4.79
C HIS E 208 12.69 -30.19 -5.98
N PHE E 209 12.81 -31.11 -6.93
CA PHE E 209 13.58 -30.86 -8.16
C PHE E 209 12.87 -29.83 -8.99
N LEU E 210 11.54 -29.93 -9.05
CA LEU E 210 10.72 -28.91 -9.73
C LEU E 210 10.87 -27.54 -9.11
N ALA E 211 10.82 -27.47 -7.77
CA ALA E 211 10.99 -26.18 -7.08
C ALA E 211 12.39 -25.60 -7.39
N GLN E 212 13.42 -26.46 -7.41
CA GLN E 212 14.80 -26.04 -7.74
C GLN E 212 14.98 -25.40 -9.12
N ILE E 213 14.32 -25.94 -10.12
CA ILE E 213 14.54 -25.40 -11.46
C ILE E 213 13.70 -24.18 -11.78
N LYS E 214 12.58 -24.05 -11.10
CA LYS E 214 11.82 -22.78 -11.11
C LYS E 214 12.62 -21.60 -10.50
N HIS E 215 13.41 -21.86 -9.45
CA HIS E 215 14.15 -20.79 -8.76
C HIS E 215 15.60 -20.59 -9.26
N ASP E 216 16.18 -21.63 -9.82
CA ASP E 216 17.47 -21.59 -10.57
C ASP E 216 17.59 -20.62 -11.74
N GLY E 217 16.53 -20.47 -12.52
CA GLY E 217 16.70 -19.88 -13.84
C GLY E 217 16.70 -20.95 -14.94
N SER E 218 17.06 -22.19 -14.59
CA SER E 218 16.96 -23.34 -15.50
C SER E 218 15.61 -23.37 -16.18
N TYR E 219 14.55 -23.55 -15.39
CA TYR E 219 13.23 -23.63 -15.97
C TYR E 219 13.01 -22.50 -17.01
N ASP E 220 13.25 -21.25 -16.60
CA ASP E 220 12.95 -20.11 -17.46
C ASP E 220 13.68 -20.19 -18.77
N GLU E 221 14.95 -20.58 -18.67
CA GLU E 221 15.80 -20.83 -19.81
C GLU E 221 15.16 -21.87 -20.75
N LEU E 222 14.98 -23.10 -20.28
CA LEU E 222 14.37 -24.07 -21.16
C LEU E 222 13.10 -23.48 -21.74
N TYR E 223 12.34 -22.75 -20.90
CA TYR E 223 11.07 -22.14 -21.35
C TYR E 223 11.23 -21.20 -22.53
N GLU E 224 12.12 -20.23 -22.39
CA GLU E 224 12.41 -19.30 -23.47
C GLU E 224 12.76 -20.11 -24.70
N ARG E 225 13.75 -20.98 -24.53
CA ARG E 225 14.27 -21.77 -25.64
C ARG E 225 13.21 -22.45 -26.47
N TRP E 226 12.15 -23.01 -25.86
CA TRP E 226 11.17 -23.81 -26.60
C TRP E 226 9.87 -23.13 -26.89
N PHE E 227 9.47 -22.23 -26.01
CA PHE E 227 8.14 -21.67 -26.10
C PHE E 227 8.09 -20.26 -26.64
N VAL E 228 9.24 -19.62 -26.71
CA VAL E 228 9.29 -18.23 -27.11
C VAL E 228 10.14 -18.04 -28.35
N ASP E 229 11.42 -18.42 -28.27
CA ASP E 229 12.29 -18.16 -29.40
C ASP E 229 12.22 -19.24 -30.47
N THR E 230 12.52 -18.83 -31.68
CA THR E 230 12.29 -19.60 -32.87
C THR E 230 13.39 -20.49 -33.45
N LYS E 231 14.51 -20.54 -32.79
CA LYS E 231 15.69 -21.21 -33.26
C LYS E 231 15.51 -22.69 -33.45
N TRP E 232 14.74 -23.31 -32.61
CA TRP E 232 14.57 -24.73 -32.57
C TRP E 232 13.97 -25.18 -33.88
N LEU E 233 13.34 -24.29 -34.60
CA LEU E 233 12.67 -24.70 -35.81
C LEU E 233 13.46 -25.24 -36.98
N GLU E 234 14.77 -25.07 -37.00
CA GLU E 234 15.51 -25.72 -38.08
C GLU E 234 15.58 -27.10 -37.44
N LYS E 235 14.53 -27.89 -37.62
CA LYS E 235 14.45 -29.13 -36.88
C LYS E 235 15.79 -29.60 -36.44
N LEU F 3 12.79 44.90 6.26
CA LEU F 3 12.49 46.36 6.06
C LEU F 3 11.90 46.98 7.33
N ARG F 4 12.53 48.07 7.78
CA ARG F 4 11.95 49.02 8.74
C ARG F 4 12.19 50.43 8.15
N GLY F 5 11.78 51.47 8.86
CA GLY F 5 11.85 52.80 8.27
C GLY F 5 10.43 53.19 7.93
N GLU F 6 9.88 52.64 6.84
CA GLU F 6 8.44 52.77 6.49
C GLU F 6 7.91 51.70 5.52
N LEU F 7 6.59 51.57 5.48
CA LEU F 7 5.93 50.68 4.55
C LEU F 7 5.27 51.53 3.48
N ARG F 8 5.87 51.54 2.29
CA ARG F 8 5.34 52.27 1.13
C ARG F 8 4.44 51.40 0.29
N VAL F 9 3.24 51.89 0.00
CA VAL F 9 2.19 51.14 -0.69
C VAL F 9 1.76 51.80 -1.98
N GLY F 10 1.75 51.03 -3.06
CA GLY F 10 1.44 51.51 -4.39
C GLY F 10 0.02 51.14 -4.68
N LEU F 11 -0.80 52.12 -5.04
CA LEU F 11 -2.19 51.85 -5.40
C LEU F 11 -2.71 52.85 -6.38
N GLU F 12 -3.85 52.55 -6.98
CA GLU F 12 -4.49 53.51 -7.81
C GLU F 12 -5.93 53.85 -7.36
N PRO F 13 -6.15 55.05 -6.81
CA PRO F 13 -7.49 55.55 -6.43
C PRO F 13 -8.48 55.48 -7.61
N GLY F 14 -9.66 54.92 -7.40
CA GLY F 14 -10.65 54.75 -8.48
C GLY F 14 -11.47 53.49 -8.35
N TYR F 15 -10.90 52.48 -7.72
CA TYR F 15 -11.52 51.16 -7.63
C TYR F 15 -12.36 51.03 -6.37
N LEU F 16 -13.53 51.64 -6.42
CA LEU F 16 -14.50 51.59 -5.35
C LEU F 16 -14.86 50.14 -5.06
N PRO F 17 -14.93 49.72 -3.76
CA PRO F 17 -14.56 50.39 -2.49
C PRO F 17 -13.15 50.11 -2.01
N PHE F 18 -12.23 49.74 -2.90
CA PHE F 18 -10.86 49.40 -2.49
C PHE F 18 -9.94 50.60 -2.26
N GLU F 19 -9.91 51.52 -3.23
CA GLU F 19 -9.10 52.73 -3.21
C GLU F 19 -10.01 53.81 -3.78
N MSE F 20 -10.06 54.97 -3.15
CA MSE F 20 -10.70 56.14 -3.76
C MSE F 20 -10.18 57.40 -3.13
O MSE F 20 -9.69 57.36 -2.00
CB MSE F 20 -12.21 56.09 -3.63
CG MSE F 20 -12.73 56.06 -2.22
SE MSE F 20 -13.57 54.37 -1.82
CE MSE F 20 -12.06 53.23 -1.44
N LYS F 21 -10.29 58.51 -3.85
CA LYS F 21 -10.09 59.85 -3.29
C LYS F 21 -11.42 60.47 -2.84
N ASP F 22 -11.41 61.05 -1.64
CA ASP F 22 -12.63 61.63 -1.06
C ASP F 22 -12.61 63.18 -0.92
N LYS F 23 -13.63 63.72 -0.24
CA LYS F 23 -13.85 65.18 -0.10
C LYS F 23 -12.56 66.00 0.05
N LYS F 24 -11.79 65.71 1.09
CA LYS F 24 -10.58 66.47 1.40
C LYS F 24 -9.39 66.05 0.54
N GLY F 25 -9.54 64.98 -0.25
CA GLY F 25 -8.54 64.58 -1.24
C GLY F 25 -7.59 63.47 -0.81
N ASN F 26 -7.72 62.99 0.43
CA ASN F 26 -6.91 61.87 0.91
C ASN F 26 -7.42 60.58 0.29
N VAL F 27 -6.60 59.54 0.34
CA VAL F 27 -7.07 58.26 -0.20
C VAL F 27 -7.51 57.28 0.90
N ILE F 28 -8.68 56.68 0.72
CA ILE F 28 -9.30 55.85 1.75
C ILE F 28 -9.86 54.59 1.08
N GLY F 29 -10.31 53.62 1.86
CA GLY F 29 -10.90 52.45 1.25
C GLY F 29 -10.47 51.21 1.97
N PHE F 30 -11.24 50.14 1.79
CA PHE F 30 -10.87 48.81 2.25
C PHE F 30 -9.35 48.56 2.18
N ASP F 31 -8.71 48.79 1.03
CA ASP F 31 -7.28 48.52 0.91
C ASP F 31 -6.46 49.40 1.81
N VAL F 32 -6.83 50.68 1.91
CA VAL F 32 -6.09 51.62 2.78
C VAL F 32 -6.19 51.23 4.23
N ASP F 33 -7.27 50.53 4.57
CA ASP F 33 -7.45 50.12 5.94
C ASP F 33 -6.70 48.87 6.21
N LEU F 34 -6.57 48.05 5.16
CA LEU F 34 -5.69 46.88 5.18
C LEU F 34 -4.28 47.40 5.35
N ALA F 35 -3.89 48.39 4.55
CA ALA F 35 -2.53 48.89 4.63
C ALA F 35 -2.24 49.50 6.00
N ARG F 36 -3.24 50.12 6.61
CA ARG F 36 -3.07 50.70 7.95
C ARG F 36 -2.80 49.64 9.00
N GLU F 37 -3.62 48.58 9.05
CA GLU F 37 -3.37 47.50 10.02
C GLU F 37 -2.06 46.73 9.74
N MSE F 38 -1.81 46.43 8.47
CA MSE F 38 -0.56 45.84 8.05
C MSE F 38 0.67 46.57 8.52
O MSE F 38 1.67 45.94 8.82
CB MSE F 38 -0.48 45.77 6.55
CG MSE F 38 0.82 45.14 6.11
SE MSE F 38 1.00 44.88 4.19
CE MSE F 38 -0.77 44.08 3.86
N ALA F 39 0.62 47.90 8.54
CA ALA F 39 1.75 48.66 8.99
C ALA F 39 1.91 48.65 10.53
N LYS F 40 0.80 48.61 11.27
CA LYS F 40 0.93 48.58 12.72
C LYS F 40 1.39 47.21 13.17
N ALA F 41 1.16 46.23 12.30
CA ALA F 41 1.56 44.86 12.58
C ALA F 41 3.08 44.74 12.47
N MSE F 42 3.68 45.54 11.60
CA MSE F 42 5.13 45.54 11.39
C MSE F 42 5.85 46.53 12.29
O MSE F 42 7.09 46.58 12.28
CB MSE F 42 5.47 45.87 9.93
CG MSE F 42 4.65 45.10 8.94
SE MSE F 42 5.27 45.19 7.07
CE MSE F 42 7.10 44.55 7.39
N GLY F 43 5.08 47.35 13.04
CA GLY F 43 5.65 48.41 13.88
C GLY F 43 6.31 49.50 13.04
N VAL F 44 5.50 50.33 12.40
CA VAL F 44 5.95 51.07 11.22
C VAL F 44 4.95 52.12 10.69
N LYS F 45 5.46 53.15 10.02
CA LYS F 45 4.63 54.19 9.40
C LYS F 45 4.14 53.72 8.02
N LEU F 46 3.02 54.26 7.56
CA LEU F 46 2.50 53.88 6.25
C LEU F 46 2.57 55.04 5.31
N LYS F 47 3.11 54.79 4.11
CA LYS F 47 3.12 55.77 3.06
C LYS F 47 2.27 55.19 1.97
N LEU F 48 1.46 56.03 1.37
CA LEU F 48 0.67 55.63 0.23
C LEU F 48 1.37 56.32 -0.93
N VAL F 49 1.51 55.60 -2.05
CA VAL F 49 2.19 56.13 -3.23
C VAL F 49 1.27 55.95 -4.43
N PRO F 50 0.23 56.81 -4.51
CA PRO F 50 -0.74 56.73 -5.58
C PRO F 50 0.00 56.70 -6.91
N THR F 51 -0.41 55.80 -7.78
CA THR F 51 0.30 55.58 -9.02
C THR F 51 -0.76 55.18 -10.01
N SER F 52 -0.58 55.58 -11.24
CA SER F 52 -1.52 55.19 -12.27
C SER F 52 -1.27 53.72 -12.53
N TRP F 53 -2.32 53.00 -12.90
CA TRP F 53 -2.25 51.53 -13.03
C TRP F 53 -1.04 50.93 -13.77
N ASP F 54 -0.65 51.50 -14.90
CA ASP F 54 0.36 50.81 -15.69
C ASP F 54 1.79 50.90 -15.13
N GLY F 55 1.93 51.70 -14.06
CA GLY F 55 3.18 51.83 -13.30
C GLY F 55 3.14 51.14 -11.92
N LEU F 56 2.16 50.28 -11.70
CA LEU F 56 2.12 49.56 -10.42
C LEU F 56 3.17 48.46 -10.41
N ILE F 57 3.18 47.60 -11.42
CA ILE F 57 4.14 46.52 -11.38
C ILE F 57 5.56 47.02 -11.63
N PRO F 58 5.76 47.92 -12.62
CA PRO F 58 7.06 48.53 -12.79
C PRO F 58 7.60 49.13 -11.48
N GLY F 59 6.86 50.06 -10.84
CA GLY F 59 7.29 50.70 -9.60
C GLY F 59 7.63 49.74 -8.48
N LEU F 60 6.86 48.68 -8.38
CA LEU F 60 7.20 47.56 -7.49
C LEU F 60 8.56 46.96 -7.78
N VAL F 61 8.78 46.64 -9.04
CA VAL F 61 9.96 45.94 -9.47
C VAL F 61 11.13 46.86 -9.28
N THR F 62 10.86 48.14 -9.40
CA THR F 62 11.84 49.19 -9.32
C THR F 62 12.06 49.65 -7.89
N GLU F 63 11.43 48.97 -6.95
CA GLU F 63 11.48 49.40 -5.56
C GLU F 63 10.96 50.83 -5.29
N LYS F 64 10.02 51.29 -6.09
CA LYS F 64 9.35 52.58 -5.86
C LYS F 64 8.48 52.54 -4.60
N PHE F 65 7.87 51.38 -4.37
CA PHE F 65 7.13 51.07 -3.17
C PHE F 65 7.48 49.61 -2.83
N ASP F 66 6.83 49.00 -1.86
CA ASP F 66 7.25 47.69 -1.40
C ASP F 66 6.22 46.60 -1.62
N ILE F 67 5.05 46.98 -2.12
CA ILE F 67 3.85 46.14 -2.12
C ILE F 67 2.73 46.90 -2.82
N ILE F 68 1.81 46.15 -3.35
CA ILE F 68 0.76 46.69 -4.08
C ILE F 68 -0.50 46.24 -3.47
N ILE F 69 -1.34 47.18 -3.09
CA ILE F 69 -2.62 46.86 -2.52
C ILE F 69 -3.67 47.64 -3.17
N SER F 70 -3.97 47.27 -4.38
CA SER F 70 -4.90 47.87 -5.26
C SER F 70 -5.97 47.00 -5.78
N GLY F 71 -6.37 45.99 -5.09
CA GLY F 71 -7.31 45.07 -5.69
C GLY F 71 -6.84 44.37 -6.95
N MSE F 72 -5.57 44.05 -7.02
CA MSE F 72 -5.01 43.35 -8.16
C MSE F 72 -5.43 41.92 -8.32
O MSE F 72 -5.37 41.15 -7.43
CB MSE F 72 -3.51 43.47 -8.10
CG MSE F 72 -2.74 43.02 -9.30
SE MSE F 72 -1.28 43.97 -9.65
CE MSE F 72 -0.17 43.06 -8.71
N THR F 73 -5.74 41.54 -9.52
CA THR F 73 -6.12 40.20 -9.79
C THR F 73 -4.90 39.36 -9.95
N ILE F 74 -4.91 38.14 -9.50
CA ILE F 74 -3.78 37.25 -9.65
C ILE F 74 -3.88 36.54 -11.00
N SER F 75 -3.18 37.05 -12.00
CA SER F 75 -3.18 36.47 -13.32
C SER F 75 -1.83 35.81 -13.59
N GLN F 76 -1.83 34.69 -14.30
CA GLN F 76 -0.57 34.07 -14.69
C GLN F 76 0.37 35.00 -15.43
N GLU F 77 -0.15 35.87 -16.26
CA GLU F 77 0.71 36.86 -16.87
C GLU F 77 1.35 37.84 -15.87
N ARG F 78 0.57 38.49 -15.01
CA ARG F 78 1.16 39.37 -13.95
C ARG F 78 2.13 38.67 -13.03
N ASN F 79 1.76 37.46 -12.61
CA ASN F 79 2.62 36.58 -11.82
C ASN F 79 3.95 36.14 -12.49
N LEU F 80 4.14 36.38 -13.79
CA LEU F 80 5.49 36.13 -14.34
C LEU F 80 6.47 37.19 -13.85
N ARG F 81 5.92 38.34 -13.48
CA ARG F 81 6.71 39.54 -13.16
C ARG F 81 6.87 39.82 -11.64
N VAL F 82 5.97 39.28 -10.81
CA VAL F 82 5.85 39.57 -9.35
C VAL F 82 5.25 38.41 -8.57
N ASN F 83 5.41 38.42 -7.26
CA ASN F 83 4.89 37.33 -6.43
C ASN F 83 3.60 37.78 -5.77
N PHE F 84 2.66 36.86 -5.68
CA PHE F 84 1.38 37.11 -5.10
C PHE F 84 1.21 36.45 -3.76
N VAL F 85 0.63 37.22 -2.82
CA VAL F 85 0.20 36.68 -1.54
C VAL F 85 -1.02 35.81 -1.82
N GLU F 86 -1.46 34.98 -0.86
CA GLU F 86 -2.71 34.26 -1.02
C GLU F 86 -3.84 35.29 -1.21
N PRO F 87 -4.86 34.91 -1.99
CA PRO F 87 -5.91 35.92 -2.29
C PRO F 87 -6.62 36.37 -1.04
N TYR F 88 -6.78 37.69 -0.91
CA TYR F 88 -7.41 38.30 0.24
C TYR F 88 -8.92 38.38 0.08
N ILE F 89 -9.32 38.47 -1.18
CA ILE F 89 -10.72 38.52 -1.55
C ILE F 89 -10.84 37.84 -2.90
N VAL F 90 -12.02 37.32 -3.23
CA VAL F 90 -12.23 36.72 -4.52
C VAL F 90 -13.38 37.37 -5.23
N VAL F 91 -13.13 37.76 -6.46
CA VAL F 91 -14.04 38.60 -7.20
C VAL F 91 -14.34 38.04 -8.62
N GLY F 92 -15.30 38.67 -9.29
CA GLY F 92 -15.70 38.28 -10.62
C GLY F 92 -16.22 39.50 -11.37
N GLN F 93 -16.30 39.38 -12.69
CA GLN F 93 -16.76 40.43 -13.58
C GLN F 93 -18.31 40.43 -13.73
N SER F 94 -18.92 41.60 -13.69
CA SER F 94 -20.35 41.72 -13.92
C SER F 94 -20.55 42.84 -14.95
N LEU F 95 -21.82 43.19 -15.23
CA LEU F 95 -22.16 44.27 -16.16
C LEU F 95 -23.11 45.26 -15.51
N LEU F 96 -22.88 46.54 -15.81
CA LEU F 96 -23.92 47.58 -15.70
C LEU F 96 -24.32 47.97 -17.11
N VAL F 97 -25.62 48.09 -17.34
CA VAL F 97 -26.15 48.32 -18.67
C VAL F 97 -27.22 49.39 -18.59
N LYS F 98 -27.46 50.08 -19.68
CA LYS F 98 -28.41 51.17 -19.66
C LYS F 98 -29.78 50.77 -19.23
N LYS F 99 -30.37 51.62 -18.41
CA LYS F 99 -31.62 51.31 -17.76
C LYS F 99 -32.61 51.08 -18.83
N GLY F 100 -33.47 50.12 -18.63
CA GLY F 100 -34.36 49.74 -19.70
C GLY F 100 -33.89 48.67 -20.67
N LEU F 101 -32.79 48.02 -20.39
CA LEU F 101 -32.35 46.90 -21.22
C LEU F 101 -32.29 45.76 -20.26
N GLU F 102 -33.14 45.87 -19.26
CA GLU F 102 -32.91 45.16 -18.05
C GLU F 102 -33.26 43.69 -18.14
N LYS F 103 -34.06 43.26 -19.12
CA LYS F 103 -34.72 41.95 -18.99
C LYS F 103 -34.79 40.92 -20.12
N GLY F 104 -35.08 39.70 -19.71
CA GLY F 104 -35.48 38.65 -20.61
C GLY F 104 -34.38 37.79 -21.15
N VAL F 105 -33.16 38.27 -21.00
CA VAL F 105 -32.03 37.61 -21.64
C VAL F 105 -31.39 36.66 -20.65
N LYS F 106 -31.06 35.47 -21.14
CA LYS F 106 -30.76 34.37 -20.25
C LYS F 106 -29.29 34.22 -19.93
N SER F 107 -28.45 35.05 -20.54
CA SER F 107 -27.05 35.11 -20.19
C SER F 107 -26.42 36.32 -20.74
N TYR F 108 -25.16 36.47 -20.43
CA TYR F 108 -24.38 37.61 -20.81
C TYR F 108 -24.10 37.44 -22.24
N LYS F 109 -24.70 36.43 -22.81
CA LYS F 109 -24.32 36.01 -24.13
C LYS F 109 -25.23 36.67 -25.12
N ASP F 110 -26.49 36.66 -24.79
CA ASP F 110 -27.45 37.41 -25.52
C ASP F 110 -27.00 38.85 -25.67
N LEU F 111 -25.85 39.25 -25.16
CA LEU F 111 -25.51 40.67 -25.16
C LEU F 111 -24.35 41.03 -26.08
N ASP F 112 -23.68 40.03 -26.64
CA ASP F 112 -22.73 40.27 -27.71
C ASP F 112 -23.48 40.49 -29.05
N LYS F 113 -24.20 41.60 -29.11
CA LYS F 113 -24.79 42.09 -30.35
C LYS F 113 -23.72 42.87 -31.10
N PRO F 114 -23.80 42.96 -32.44
CA PRO F 114 -22.75 43.68 -33.18
C PRO F 114 -22.86 45.19 -33.04
N GLU F 115 -24.10 45.65 -32.83
CA GLU F 115 -24.46 47.06 -32.70
C GLU F 115 -24.01 47.66 -31.36
N LEU F 116 -24.09 46.87 -30.30
CA LEU F 116 -23.89 47.31 -28.91
C LEU F 116 -22.47 47.80 -28.55
N THR F 117 -22.39 48.86 -27.74
CA THR F 117 -21.10 49.44 -27.32
C THR F 117 -20.77 49.21 -25.83
N LEU F 118 -19.67 48.50 -25.60
CA LEU F 118 -19.20 48.18 -24.25
C LEU F 118 -18.06 49.10 -23.88
N VAL F 119 -17.90 49.37 -22.58
CA VAL F 119 -16.83 50.26 -22.12
C VAL F 119 -16.22 49.78 -20.84
N THR F 120 -14.97 50.21 -20.60
CA THR F 120 -14.23 49.85 -19.40
C THR F 120 -12.92 50.66 -19.38
N LYS F 121 -12.11 50.45 -18.35
CA LYS F 121 -10.86 51.18 -18.21
C LYS F 121 -9.73 50.50 -18.99
N PHE F 122 -8.84 51.31 -19.56
CA PHE F 122 -7.76 50.76 -20.35
C PHE F 122 -6.86 49.91 -19.47
N GLY F 123 -6.48 48.75 -19.98
CA GLY F 123 -5.32 48.01 -19.47
C GLY F 123 -5.46 47.25 -18.17
N VAL F 124 -6.66 46.69 -17.98
CA VAL F 124 -7.14 46.15 -16.69
C VAL F 124 -7.98 44.87 -16.88
N SER F 125 -8.14 44.07 -15.83
CA SER F 125 -8.80 42.74 -15.95
C SER F 125 -10.13 42.77 -16.68
N ALA F 126 -10.92 43.84 -16.49
CA ALA F 126 -12.20 43.97 -17.17
C ALA F 126 -12.07 44.10 -18.71
N GLU F 127 -10.94 44.61 -19.18
CA GLU F 127 -10.77 44.77 -20.61
C GLU F 127 -10.36 43.41 -21.25
N TYR F 128 -9.46 42.71 -20.56
CA TYR F 128 -8.93 41.44 -21.03
C TYR F 128 -10.08 40.46 -21.10
N ALA F 129 -11.04 40.62 -20.20
CA ALA F 129 -12.19 39.76 -20.17
C ALA F 129 -13.19 40.14 -21.27
N ALA F 130 -13.29 41.44 -21.59
CA ALA F 130 -14.20 41.85 -22.64
C ALA F 130 -13.72 41.31 -23.97
N LYS F 131 -12.45 41.56 -24.29
CA LYS F 131 -11.84 41.07 -25.53
C LYS F 131 -12.16 39.60 -25.76
N ARG F 132 -11.71 38.73 -24.86
CA ARG F 132 -11.89 37.29 -25.05
C ARG F 132 -13.35 36.87 -25.00
N LEU F 133 -14.18 37.61 -24.27
CA LEU F 133 -15.57 37.23 -24.05
C LEU F 133 -16.50 37.73 -25.15
N PHE F 134 -16.32 38.97 -25.60
CA PHE F 134 -17.21 39.56 -26.60
C PHE F 134 -16.54 39.55 -27.96
N LYS F 135 -17.15 38.80 -28.88
CA LYS F 135 -16.58 38.54 -30.19
C LYS F 135 -16.85 39.69 -31.16
N ASN F 136 -18.07 40.22 -31.16
CA ASN F 136 -18.45 41.20 -32.18
C ASN F 136 -18.87 42.60 -31.70
N ALA F 137 -19.10 42.77 -30.39
CA ALA F 137 -19.54 44.08 -29.88
C ALA F 137 -18.39 45.08 -29.72
N LYS F 138 -18.70 46.36 -29.93
CA LYS F 138 -17.70 47.43 -29.84
C LYS F 138 -17.17 47.58 -28.42
N LEU F 139 -15.85 47.76 -28.32
CA LEU F 139 -15.20 47.94 -27.06
C LEU F 139 -14.40 49.22 -27.04
N LYS F 140 -14.88 50.16 -26.24
CA LYS F 140 -14.21 51.41 -26.00
C LYS F 140 -13.59 51.35 -24.64
N THR F 141 -12.40 51.95 -24.54
CA THR F 141 -11.66 51.97 -23.33
C THR F 141 -11.36 53.43 -22.97
N TYR F 142 -11.21 53.69 -21.67
CA TYR F 142 -11.06 55.02 -21.11
C TYR F 142 -10.02 55.01 -20.03
N ASP F 143 -9.58 56.17 -19.58
CA ASP F 143 -8.52 56.18 -18.61
C ASP F 143 -8.87 55.86 -17.15
N THR F 144 -10.15 55.78 -16.84
CA THR F 144 -10.59 55.47 -15.48
C THR F 144 -11.97 54.84 -15.56
N GLU F 145 -12.32 54.17 -14.47
CA GLU F 145 -13.61 53.58 -14.24
C GLU F 145 -14.70 54.63 -14.30
N ALA F 146 -14.43 55.81 -13.73
CA ALA F 146 -15.38 56.91 -13.71
C ALA F 146 -15.78 57.37 -15.12
N GLU F 147 -14.79 57.58 -15.99
CA GLU F 147 -15.06 58.06 -17.38
C GLU F 147 -15.75 57.00 -18.23
N ALA F 148 -15.48 55.73 -17.92
CA ALA F 148 -16.06 54.63 -18.65
C ALA F 148 -17.56 54.46 -18.37
N VAL F 149 -18.00 54.45 -17.10
CA VAL F 149 -19.45 54.45 -16.82
C VAL F 149 -20.10 55.78 -17.17
N GLN F 150 -19.38 56.86 -17.13
CA GLN F 150 -19.99 58.10 -17.44
C GLN F 150 -20.50 58.06 -18.84
N GLU F 151 -19.80 57.43 -19.73
CA GLU F 151 -20.25 57.38 -21.07
C GLU F 151 -21.53 56.65 -21.12
N VAL F 152 -21.60 55.64 -20.36
CA VAL F 152 -22.81 54.91 -20.21
C VAL F 152 -23.92 55.77 -19.59
N LEU F 153 -23.61 56.60 -18.62
CA LEU F 153 -24.64 57.39 -17.99
C LEU F 153 -25.30 58.33 -18.97
N ASN F 154 -24.50 58.90 -19.81
CA ASN F 154 -24.85 59.66 -20.98
C ASN F 154 -25.22 58.66 -22.00
N GLY F 155 -25.76 59.09 -23.08
CA GLY F 155 -26.28 58.22 -24.09
C GLY F 155 -25.37 57.24 -24.80
N LYS F 156 -24.13 57.63 -25.07
CA LYS F 156 -23.24 57.03 -26.01
C LYS F 156 -22.79 55.58 -25.89
N ALA F 157 -22.51 55.08 -24.70
CA ALA F 157 -22.11 53.71 -24.63
C ALA F 157 -23.22 52.88 -24.07
N ASP F 158 -23.47 51.71 -24.63
CA ASP F 158 -24.58 50.88 -24.15
C ASP F 158 -24.34 50.17 -22.81
N MSE F 159 -23.20 49.48 -22.64
CA MSE F 159 -22.95 48.80 -21.36
C MSE F 159 -21.51 48.89 -20.81
O MSE F 159 -20.57 49.23 -21.54
CB MSE F 159 -23.52 47.37 -21.38
CG MSE F 159 -22.60 46.26 -21.86
SE MSE F 159 -23.34 45.02 -23.20
CE MSE F 159 -22.54 45.80 -24.82
N PHE F 160 -21.37 48.59 -19.52
CA PHE F 160 -20.12 48.75 -18.81
C PHE F 160 -19.74 47.55 -17.95
N ILE F 161 -18.50 47.10 -18.11
CA ILE F 161 -18.02 45.90 -17.49
C ILE F 161 -16.95 46.21 -16.47
N PHE F 162 -17.15 45.72 -15.24
CA PHE F 162 -16.11 45.83 -14.22
C PHE F 162 -16.25 44.81 -13.11
N ASP F 163 -15.20 44.66 -12.32
CA ASP F 163 -15.24 43.90 -11.09
C ASP F 163 -16.51 44.24 -10.30
N LEU F 164 -17.22 43.19 -9.91
CA LEU F 164 -18.51 43.26 -9.24
C LEU F 164 -18.57 44.27 -8.08
N PRO F 165 -17.54 44.31 -7.22
CA PRO F 165 -17.58 45.25 -6.13
C PRO F 165 -17.87 46.67 -6.59
N PHE F 166 -17.09 47.17 -7.53
CA PHE F 166 -17.27 48.54 -8.02
C PHE F 166 -18.71 48.82 -8.46
N ASN F 167 -19.35 47.80 -9.02
CA ASN F 167 -20.71 47.93 -9.49
C ASN F 167 -21.70 47.95 -8.31
N VAL F 168 -21.49 47.09 -7.31
CA VAL F 168 -22.28 47.21 -6.06
C VAL F 168 -21.96 48.52 -5.34
N ALA F 169 -20.76 49.01 -5.50
CA ALA F 169 -20.49 50.25 -4.90
C ALA F 169 -21.23 51.26 -5.66
N PHE F 170 -21.14 51.17 -6.96
CA PHE F 170 -21.72 52.18 -7.79
C PHE F 170 -23.20 52.33 -7.73
N MSE F 171 -23.93 51.26 -7.71
CA MSE F 171 -25.34 51.46 -7.66
C MSE F 171 -25.66 52.12 -6.37
O MSE F 171 -26.40 53.06 -6.30
CB MSE F 171 -26.06 50.16 -7.72
CG MSE F 171 -27.22 50.21 -8.62
SE MSE F 171 -26.60 49.73 -10.29
CE MSE F 171 -27.90 48.49 -10.73
N ALA F 172 -25.12 51.59 -5.32
CA ALA F 172 -25.51 52.14 -4.12
C ALA F 172 -25.15 53.54 -4.34
N GLN F 173 -23.97 53.80 -4.82
CA GLN F 173 -23.73 55.20 -4.91
C GLN F 173 -24.74 55.71 -5.87
N LYS F 174 -24.95 55.05 -6.99
CA LYS F 174 -25.94 55.59 -7.91
C LYS F 174 -26.72 54.74 -8.86
N GLY F 175 -26.77 53.44 -8.72
CA GLY F 175 -27.64 52.83 -9.67
C GLY F 175 -29.02 53.30 -9.34
N GLN F 176 -29.38 53.31 -8.07
CA GLN F 176 -30.65 53.89 -7.82
C GLN F 176 -31.46 53.08 -8.75
N GLY F 177 -32.26 53.79 -9.53
CA GLY F 177 -32.87 53.31 -10.74
C GLY F 177 -32.21 53.68 -12.05
N TYR F 178 -31.14 54.45 -12.04
CA TYR F 178 -30.57 54.94 -13.30
C TYR F 178 -30.05 53.91 -14.31
N LEU F 179 -29.25 52.97 -13.83
CA LEU F 179 -28.71 51.87 -14.61
C LEU F 179 -29.08 50.59 -13.88
N VAL F 180 -29.15 49.46 -14.59
CA VAL F 180 -29.40 48.17 -13.91
C VAL F 180 -28.34 47.12 -14.25
N HIS F 181 -28.01 46.27 -13.29
CA HIS F 181 -26.87 45.36 -13.46
C HIS F 181 -27.07 43.93 -13.04
N LEU F 182 -26.90 43.02 -14.00
CA LEU F 182 -26.84 41.59 -13.69
C LEU F 182 -25.51 41.30 -13.01
N ASP F 183 -25.59 40.72 -11.81
CA ASP F 183 -24.42 40.49 -10.97
C ASP F 183 -23.86 39.10 -11.11
N THR F 184 -24.00 38.53 -12.31
CA THR F 184 -23.48 37.18 -12.56
C THR F 184 -22.01 37.28 -12.93
N SER F 185 -21.17 36.78 -12.03
CA SER F 185 -19.74 36.74 -12.28
C SER F 185 -19.46 36.00 -13.57
N LEU F 186 -18.76 36.66 -14.48
CA LEU F 186 -18.35 36.04 -15.74
C LEU F 186 -16.93 35.46 -15.65
N THR F 187 -16.22 35.79 -14.57
CA THR F 187 -14.85 35.34 -14.41
C THR F 187 -14.60 34.82 -13.00
N TYR F 188 -13.53 34.06 -12.82
CA TYR F 188 -13.04 33.77 -11.47
C TYR F 188 -11.83 34.64 -11.23
N GLU F 189 -11.93 35.55 -10.27
CA GLU F 189 -10.84 36.47 -10.03
C GLU F 189 -10.42 36.63 -8.57
N PRO F 190 -9.42 35.86 -8.19
CA PRO F 190 -8.87 36.05 -6.87
C PRO F 190 -8.03 37.31 -6.92
N LEU F 191 -8.02 38.08 -5.84
CA LEU F 191 -7.24 39.31 -5.79
C LEU F 191 -6.21 39.14 -4.71
N GLY F 192 -5.02 39.66 -4.96
CA GLY F 192 -3.92 39.52 -4.03
C GLY F 192 -3.02 40.74 -4.07
N TRP F 193 -2.16 40.82 -3.07
CA TRP F 193 -1.16 41.80 -2.98
C TRP F 193 0.09 41.25 -3.65
N ALA F 194 0.78 42.11 -4.37
CA ALA F 194 1.96 41.69 -5.10
C ALA F 194 3.14 42.32 -4.47
N ILE F 195 4.18 41.52 -4.23
CA ILE F 195 5.47 42.06 -3.84
C ILE F 195 6.48 41.65 -4.89
N LYS F 196 7.67 42.19 -4.88
CA LYS F 196 8.58 41.71 -5.92
C LYS F 196 9.18 40.34 -5.60
N LYS F 197 9.53 39.62 -6.65
CA LYS F 197 10.07 38.28 -6.54
C LYS F 197 11.35 38.29 -5.78
N GLY F 198 11.76 37.13 -5.29
CA GLY F 198 13.06 37.05 -4.68
C GLY F 198 13.02 37.07 -3.18
N ASP F 199 11.83 37.36 -2.59
CA ASP F 199 11.65 37.64 -1.13
C ASP F 199 10.70 36.65 -0.44
N PRO F 200 11.20 35.46 -0.09
CA PRO F 200 10.18 34.51 0.36
C PRO F 200 9.81 34.64 1.85
N ASP F 201 10.57 35.40 2.61
CA ASP F 201 10.30 35.66 4.02
C ASP F 201 9.13 36.64 4.12
N PHE F 202 9.13 37.64 3.26
CA PHE F 202 8.10 38.63 3.21
C PHE F 202 6.80 38.02 2.77
N LEU F 203 6.87 37.03 1.88
CA LEU F 203 5.67 36.28 1.55
C LEU F 203 5.21 35.52 2.76
N ASN F 204 6.14 35.08 3.60
CA ASN F 204 5.73 34.23 4.73
C ASN F 204 5.02 35.06 5.84
N TRP F 205 5.49 36.31 6.04
CA TRP F 205 4.92 37.20 6.99
C TRP F 205 3.53 37.55 6.50
N LEU F 206 3.46 37.88 5.23
CA LEU F 206 2.22 38.39 4.64
C LEU F 206 1.16 37.36 4.55
N ASN F 207 1.54 36.14 4.16
CA ASN F 207 0.57 35.05 4.10
C ASN F 207 0.00 34.71 5.49
N HIS F 208 0.84 34.86 6.52
CA HIS F 208 0.43 34.73 7.94
C HIS F 208 -0.30 35.93 8.51
N PHE F 209 -0.07 37.12 7.97
CA PHE F 209 -0.77 38.31 8.45
C PHE F 209 -2.22 38.25 7.94
N LEU F 210 -2.37 37.81 6.69
CA LEU F 210 -3.71 37.59 6.09
C LEU F 210 -4.51 36.50 6.81
N ALA F 211 -3.87 35.40 7.17
CA ALA F 211 -4.60 34.35 7.85
C ALA F 211 -5.03 34.85 9.26
N GLN F 212 -4.18 35.59 9.97
CA GLN F 212 -4.59 36.21 11.23
C GLN F 212 -5.86 37.14 11.18
N ILE F 213 -5.96 38.04 10.21
CA ILE F 213 -7.06 39.00 10.24
C ILE F 213 -8.37 38.33 9.85
N LYS F 214 -8.26 37.39 8.91
CA LYS F 214 -9.39 36.58 8.48
C LYS F 214 -9.99 35.68 9.57
N HIS F 215 -9.26 35.40 10.63
CA HIS F 215 -9.74 34.48 11.68
C HIS F 215 -9.83 35.30 12.93
N ASP F 216 -9.48 36.56 12.79
CA ASP F 216 -9.49 37.54 13.85
C ASP F 216 -10.83 38.16 14.08
N GLY F 217 -11.59 38.37 13.00
CA GLY F 217 -12.69 39.32 13.03
C GLY F 217 -12.32 40.73 12.56
N SER F 218 -11.02 41.02 12.43
CA SER F 218 -10.56 42.31 11.92
C SER F 218 -10.97 42.46 10.46
N TYR F 219 -10.69 41.41 9.69
CA TYR F 219 -10.92 41.40 8.27
C TYR F 219 -12.40 41.58 7.99
N ASP F 220 -13.22 40.89 8.78
CA ASP F 220 -14.67 41.04 8.70
C ASP F 220 -15.14 42.47 9.03
N GLU F 221 -14.55 43.06 10.07
CA GLU F 221 -14.90 44.43 10.48
C GLU F 221 -14.76 45.38 9.32
N LEU F 222 -13.76 45.13 8.48
CA LEU F 222 -13.52 45.92 7.28
C LEU F 222 -14.38 45.42 6.12
N TYR F 223 -14.55 44.12 6.01
CA TYR F 223 -15.42 43.62 4.97
C TYR F 223 -16.79 44.30 5.04
N GLU F 224 -17.40 44.32 6.24
CA GLU F 224 -18.76 44.91 6.46
C GLU F 224 -18.71 46.41 6.20
N ARG F 225 -17.74 47.06 6.85
CA ARG F 225 -17.53 48.52 6.78
C ARG F 225 -17.44 49.08 5.39
N TRP F 226 -17.11 48.24 4.41
CA TRP F 226 -16.84 48.72 3.06
C TRP F 226 -17.63 48.02 1.97
N PHE F 227 -17.96 46.74 2.19
CA PHE F 227 -18.65 45.93 1.19
C PHE F 227 -20.14 45.71 1.46
N VAL F 228 -20.58 46.08 2.66
CA VAL F 228 -21.99 45.93 3.03
C VAL F 228 -22.56 47.27 3.53
N ASP F 229 -21.98 47.78 4.63
CA ASP F 229 -22.38 49.02 5.27
C ASP F 229 -22.46 50.19 4.29
N THR F 230 -23.27 51.15 4.63
CA THR F 230 -23.47 52.33 3.80
C THR F 230 -22.82 53.65 4.21
N LYS F 231 -22.37 53.75 5.43
CA LYS F 231 -21.99 54.99 6.06
C LYS F 231 -20.87 55.67 5.36
N TRP F 232 -19.94 54.88 4.88
CA TRP F 232 -18.68 55.31 4.34
C TRP F 232 -19.00 56.16 3.19
N LEU F 233 -20.10 55.79 2.62
CA LEU F 233 -20.45 56.17 1.32
C LEU F 233 -20.39 57.63 1.19
N GLU F 234 -20.73 58.33 2.24
CA GLU F 234 -20.65 59.77 2.13
C GLU F 234 -19.21 60.07 2.37
N LYS F 235 -18.47 59.81 1.31
CA LYS F 235 -17.05 60.01 1.20
C LYS F 235 -16.64 61.33 1.72
N LYS G . -13.92 -26.47 12.80
CA LYS G . -14.52 -27.28 13.85
C LYS G . -13.59 -28.33 14.48
O LYS G . -13.56 -28.56 15.69
CB LYS G . -15.78 -27.95 13.32
CG LYS G . -17.09 -27.47 13.93
CD LYS G . -17.87 -28.67 14.45
CE LYS G . -18.97 -29.09 13.53
NZ LYS G . -20.01 -29.88 14.23
OXT LYS G . -12.79 -28.97 13.78
N LYS H . 22.93 -24.56 4.84
CA LYS H . 24.16 -25.33 4.61
C LYS H . 23.97 -26.82 4.41
O LYS H . 24.92 -27.58 4.34
CB LYS H . 25.19 -25.07 5.71
CG LYS H . 24.91 -25.63 7.11
CD LYS H . 26.18 -25.47 7.95
CE LYS H . 26.22 -26.42 9.12
NZ LYS H . 27.22 -26.08 10.16
OXT LYS H . 22.86 -27.32 4.31
N LYS I . 2.70 8.19 -7.91
CA LYS I . 3.53 7.03 -7.81
C LYS I . 4.92 7.44 -7.38
O LYS I . 5.13 8.62 -7.03
CB LYS I . 3.50 6.24 -9.13
CG LYS I . 4.70 6.26 -10.02
CD LYS I . 4.28 5.98 -11.41
CE LYS I . 5.35 5.28 -12.21
NZ LYS I . 5.17 5.54 -13.64
OXT LYS I . 5.83 6.57 -7.32
N LYS J . 2.26 30.55 22.49
CA LYS J . 2.77 31.01 23.76
C LYS J . 3.80 32.03 23.37
O LYS J . 3.92 32.24 22.19
CB LYS J . 3.33 29.83 24.56
CG LYS J . 4.46 30.18 25.54
CD LYS J . 4.84 28.94 26.35
CE LYS J . 5.98 29.24 27.33
NZ LYS J . 6.61 27.99 27.84
OXT LYS J . 4.46 32.72 24.13
N LYS K . -2.21 -32.36 -22.72
CA LYS K . -2.51 -33.35 -23.73
C LYS K . -3.11 -34.55 -23.01
O LYS K . -2.75 -34.81 -21.87
CB LYS K . -1.24 -33.79 -24.45
CG LYS K . -1.44 -34.41 -25.81
CD LYS K . -0.42 -35.45 -26.08
CE LYS K . -0.36 -35.86 -27.55
NZ LYS K . 0.86 -36.65 -27.87
OXT LYS K . -3.94 -35.28 -23.56
N LYS L . -8.97 43.55 -10.33
CA LYS L . -8.62 44.59 -11.29
C LYS L . -7.23 44.31 -11.88
O LYS L . -6.40 43.61 -11.29
CB LYS L . -8.68 45.97 -10.61
CG LYS L . -8.60 47.18 -11.58
CD LYS L . -8.45 48.46 -10.78
CE LYS L . -8.18 49.67 -11.71
NZ LYS L . -7.65 50.87 -10.96
OXT LYS L . -6.90 44.78 -12.97
#